data_3ZCZ
#
_entry.id   3ZCZ
#
_cell.length_a   103.653
_cell.length_b   91.727
_cell.length_c   106.882
_cell.angle_alpha   90.00
_cell.angle_beta   94.30
_cell.angle_gamma   90.00
#
_symmetry.space_group_name_H-M   'P 1 21 1'
#
loop_
_entity.id
_entity.type
_entity.pdbx_description
1 polymer 'D-ALANYL-D-ALANINE CARBOXYPEPTIDASE'
2 non-polymer '(2R)-2-amino-7-oxo-7-{[(2R,3S)-4,4,4-trifluoro-3-hydroxybutan-2-yl]amino}heptanoic acid'
3 non-polymer 'SULFATE ION'
4 non-polymer 'MAGNESIUM ION'
5 water water
#
_entity_poly.entity_id   1
_entity_poly.type   'polypeptide(L)'
_entity_poly.pdbx_seq_one_letter_code
;RLTELREDIDAILEDPALEGAVSGVVVVDTATGEELYSRDGGEQLLPASNMKLFTAAAALEVLGADHSFGTEVAAESAPG
RRGEVQDLYLVGRGDPTLSAEDLDAMAAEVAASGVRTVRGDLYADDTWFDSERLVDDWWPEDEPYAYSAQISALTVAHGE
RFDTGVTEVSVTPAAEGEPADVDLGAAEGYAELDNRAVTGAAGSANTLVIDRPVGTNTIAVTGSLPADAAPVTALRTVDE
PAALAGHLFEEALESNGVTVKGDVGLGGVPADWQDAEVLADHTSAELSEILVPFMKFSNNGHAEMLVKSIGQETAGAGTW
DAGLVGVEEALSGLGVDTAGLVLNDGSGLSRGNLVTADTVVDLLGQAGSAPWAQTWSASLPVAGESDPFVGGTLANRMRG
TAAEGVVEAKTGTMSGVSALSGYVPGPEGELAFSIVNNGHSGPAPLAVQDAIAVRLAEYAGHQAPEG
;
_entity_poly.pdbx_strand_id   A,B,C,D
#
# COMPACT_ATOMS: atom_id res chain seq x y z
N ARG A 1 -93.62 8.89 7.76
CA ARG A 1 -92.47 9.48 8.51
C ARG A 1 -91.18 9.44 7.66
N LEU A 2 -91.20 8.65 6.60
CA LEU A 2 -90.05 8.49 5.71
C LEU A 2 -89.84 9.71 4.81
N THR A 3 -90.91 10.43 4.51
CA THR A 3 -90.82 11.65 3.70
C THR A 3 -90.24 12.81 4.53
N GLU A 4 -90.66 12.88 5.80
CA GLU A 4 -90.11 13.85 6.74
C GLU A 4 -88.58 13.77 6.78
N LEU A 5 -88.05 12.55 6.84
CA LEU A 5 -86.61 12.31 6.87
C LEU A 5 -85.92 12.79 5.60
N ARG A 6 -86.49 12.48 4.44
CA ARG A 6 -85.93 12.89 3.16
C ARG A 6 -85.87 14.42 3.04
N GLU A 7 -86.92 15.09 3.51
CA GLU A 7 -86.97 16.54 3.55
C GLU A 7 -85.89 17.13 4.46
N ASP A 8 -85.68 16.49 5.60
CA ASP A 8 -84.72 16.97 6.61
C ASP A 8 -83.27 16.90 6.13
N ILE A 9 -82.90 15.79 5.49
CA ILE A 9 -81.55 15.62 4.97
C ILE A 9 -81.30 16.51 3.75
N ASP A 10 -82.32 16.69 2.92
CA ASP A 10 -82.28 17.62 1.80
C ASP A 10 -81.93 19.04 2.26
N ALA A 11 -82.57 19.46 3.36
CA ALA A 11 -82.35 20.78 3.94
C ALA A 11 -80.97 20.92 4.57
N ILE A 12 -80.52 19.85 5.24
CA ILE A 12 -79.17 19.82 5.86
C ILE A 12 -78.08 19.89 4.79
N LEU A 13 -78.36 19.32 3.62
CA LEU A 13 -77.39 19.30 2.53
C LEU A 13 -77.28 20.62 1.74
N GLU A 14 -78.17 21.56 2.02
CA GLU A 14 -78.10 22.90 1.42
C GLU A 14 -77.28 23.87 2.28
N ASP A 15 -76.61 23.35 3.31
CA ASP A 15 -75.73 24.13 4.16
C ASP A 15 -74.67 24.85 3.31
N PRO A 16 -74.45 26.15 3.58
CA PRO A 16 -73.48 26.94 2.83
C PRO A 16 -72.03 26.45 2.97
N ALA A 17 -71.79 25.60 3.97
CA ALA A 17 -70.46 24.99 4.18
C ALA A 17 -70.13 23.96 3.09
N LEU A 18 -71.15 23.52 2.36
CA LEU A 18 -70.99 22.57 1.25
C LEU A 18 -70.99 23.25 -0.13
N GLU A 19 -70.58 24.51 -0.17
CA GLU A 19 -70.47 25.27 -1.41
C GLU A 19 -69.34 24.69 -2.29
N GLY A 20 -69.67 24.38 -3.54
CA GLY A 20 -68.72 23.81 -4.49
C GLY A 20 -68.23 22.40 -4.18
N ALA A 21 -69.00 21.68 -3.36
CA ALA A 21 -68.64 20.34 -2.93
C ALA A 21 -69.57 19.28 -3.52
N VAL A 22 -68.99 18.15 -3.92
CA VAL A 22 -69.78 16.98 -4.27
C VAL A 22 -69.88 16.12 -3.03
N SER A 23 -71.09 15.69 -2.69
CA SER A 23 -71.32 14.89 -1.50
C SER A 23 -72.17 13.67 -1.78
N GLY A 24 -71.58 12.49 -1.50
CA GLY A 24 -72.31 11.23 -1.60
C GLY A 24 -72.92 10.87 -0.26
N VAL A 25 -74.24 10.73 -0.22
CA VAL A 25 -74.94 10.37 1.00
C VAL A 25 -75.90 9.20 0.76
N VAL A 26 -75.63 8.09 1.42
CA VAL A 26 -76.46 6.88 1.28
C VAL A 26 -76.85 6.33 2.65
N VAL A 27 -78.14 6.05 2.83
CA VAL A 27 -78.63 5.41 4.06
C VAL A 27 -79.50 4.21 3.71
N VAL A 28 -79.21 3.08 4.34
CA VAL A 28 -79.89 1.82 4.08
C VAL A 28 -80.33 1.14 5.38
N ASP A 29 -81.52 0.56 5.38
CA ASP A 29 -81.99 -0.30 6.47
C ASP A 29 -81.46 -1.70 6.22
N THR A 30 -80.59 -2.19 7.10
CA THR A 30 -79.95 -3.50 6.90
C THR A 30 -80.86 -4.68 7.26
N ALA A 31 -81.90 -4.40 8.04
CA ALA A 31 -82.89 -5.42 8.37
C ALA A 31 -83.77 -5.76 7.16
N THR A 32 -84.08 -4.74 6.35
CA THR A 32 -84.97 -4.92 5.20
C THR A 32 -84.26 -4.84 3.85
N GLY A 33 -83.21 -4.02 3.78
CA GLY A 33 -82.54 -3.72 2.52
C GLY A 33 -83.10 -2.46 1.88
N GLU A 34 -84.02 -1.80 2.57
CA GLU A 34 -84.65 -0.58 2.06
C GLU A 34 -83.68 0.60 1.99
N GLU A 35 -83.65 1.22 0.82
CA GLU A 35 -82.85 2.41 0.58
C GLU A 35 -83.61 3.65 1.05
N LEU A 36 -83.31 4.11 2.26
CA LEU A 36 -84.02 5.24 2.86
C LEU A 36 -83.63 6.58 2.24
N TYR A 37 -82.36 6.73 1.90
CA TYR A 37 -81.85 7.95 1.25
C TYR A 37 -80.68 7.64 0.33
N SER A 38 -80.66 8.32 -0.83
CA SER A 38 -79.59 8.16 -1.79
C SER A 38 -79.38 9.46 -2.57
N ARG A 39 -78.15 9.96 -2.54
CA ARG A 39 -77.76 11.17 -3.26
C ARG A 39 -76.31 11.03 -3.70
N ASP A 40 -76.11 11.02 -5.02
CA ASP A 40 -74.80 10.84 -5.64
C ASP A 40 -74.04 9.61 -5.11
N GLY A 41 -74.79 8.55 -4.80
CA GLY A 41 -74.24 7.34 -4.20
C GLY A 41 -73.29 6.54 -5.07
N GLY A 42 -73.36 6.75 -6.38
CA GLY A 42 -72.47 6.07 -7.32
C GLY A 42 -71.29 6.91 -7.75
N GLU A 43 -71.26 8.16 -7.28
CA GLU A 43 -70.19 9.09 -7.58
C GLU A 43 -68.90 8.71 -6.85
N GLN A 44 -67.79 8.77 -7.58
CA GLN A 44 -66.50 8.39 -7.04
C GLN A 44 -65.84 9.55 -6.32
N LEU A 45 -65.46 9.31 -5.07
CA LEU A 45 -64.93 10.35 -4.21
C LEU A 45 -63.78 9.82 -3.39
N LEU A 46 -62.92 10.73 -2.92
CA LEU A 46 -61.85 10.35 -1.99
C LEU A 46 -62.46 10.10 -0.62
N PRO A 47 -62.10 8.96 0.01
CA PRO A 47 -62.70 8.58 1.29
C PRO A 47 -62.01 9.12 2.54
N ALA A 48 -60.81 9.67 2.38
CA ALA A 48 -59.88 9.88 3.51
C ALA A 48 -59.75 8.58 4.31
N SER A 49 -59.83 8.67 5.63
CA SER A 49 -59.69 7.49 6.50
C SER A 49 -60.86 6.49 6.50
N ASN A 50 -61.90 6.74 5.69
CA ASN A 50 -62.93 5.72 5.48
C ASN A 50 -62.42 4.51 4.69
N MET A 51 -61.25 4.67 4.06
CA MET A 51 -60.53 3.57 3.40
C MET A 51 -60.18 2.44 4.38
N LYS A 52 -60.00 2.79 5.65
CA LYS A 52 -59.66 1.83 6.69
C LYS A 52 -60.77 0.81 6.95
N LEU A 53 -62.01 1.18 6.65
CA LEU A 53 -63.11 0.24 6.73
C LEU A 53 -62.84 -0.97 5.84
N PHE A 54 -62.40 -0.69 4.61
CA PHE A 54 -62.11 -1.73 3.64
C PHE A 54 -60.91 -2.57 4.05
N THR A 55 -59.86 -1.88 4.51
CA THR A 55 -58.65 -2.50 5.00
C THR A 55 -58.92 -3.42 6.19
N ALA A 56 -59.67 -2.91 7.17
CA ALA A 56 -59.95 -3.65 8.40
C ALA A 56 -60.71 -4.94 8.11
N ALA A 57 -61.76 -4.84 7.30
CA ALA A 57 -62.58 -5.98 6.92
C ALA A 57 -61.76 -7.04 6.19
N ALA A 58 -60.90 -6.59 5.28
CA ALA A 58 -60.03 -7.48 4.52
C ALA A 58 -59.02 -8.19 5.42
N ALA A 59 -58.52 -7.47 6.42
CA ALA A 59 -57.58 -8.02 7.37
C ALA A 59 -58.24 -9.11 8.22
N LEU A 60 -59.51 -8.90 8.57
CA LEU A 60 -60.25 -9.91 9.33
C LEU A 60 -60.61 -11.13 8.49
N GLU A 61 -60.80 -10.93 7.19
CA GLU A 61 -61.03 -12.06 6.28
C GLU A 61 -59.74 -12.84 5.99
N VAL A 62 -58.67 -12.14 5.66
CA VAL A 62 -57.39 -12.75 5.31
C VAL A 62 -56.60 -13.30 6.52
N LEU A 63 -56.46 -12.48 7.57
CA LEU A 63 -55.62 -12.81 8.73
C LEU A 63 -56.40 -13.50 9.85
N GLY A 64 -57.67 -13.13 10.01
CA GLY A 64 -58.52 -13.68 11.07
C GLY A 64 -58.41 -12.90 12.36
N ALA A 65 -59.45 -13.00 13.19
CA ALA A 65 -59.48 -12.33 14.49
C ALA A 65 -58.37 -12.81 15.45
N ASP A 66 -58.06 -14.11 15.38
CA ASP A 66 -57.08 -14.73 16.28
C ASP A 66 -55.62 -14.46 15.89
N HIS A 67 -55.42 -13.76 14.77
CA HIS A 67 -54.07 -13.54 14.23
C HIS A 67 -53.23 -12.63 15.13
N SER A 68 -52.02 -13.06 15.44
CA SER A 68 -51.08 -12.23 16.16
C SER A 68 -49.78 -12.10 15.36
N PHE A 69 -48.87 -11.24 15.84
CA PHE A 69 -47.63 -10.94 15.12
C PHE A 69 -46.39 -11.25 15.96
N GLY A 70 -45.32 -11.67 15.30
CA GLY A 70 -44.11 -12.08 15.98
C GLY A 70 -42.89 -11.21 15.74
N THR A 71 -42.07 -11.10 16.78
CA THR A 71 -40.74 -10.51 16.69
C THR A 71 -39.78 -11.49 17.39
N GLU A 72 -38.63 -11.74 16.77
CA GLU A 72 -37.67 -12.68 17.36
C GLU A 72 -36.22 -12.18 17.28
N VAL A 73 -35.40 -12.66 18.20
CA VAL A 73 -33.96 -12.34 18.24
C VAL A 73 -33.19 -13.62 17.88
N ALA A 74 -32.27 -13.49 16.92
CA ALA A 74 -31.59 -14.65 16.36
C ALA A 74 -30.07 -14.49 16.28
N ALA A 75 -29.38 -15.60 16.55
CA ALA A 75 -27.93 -15.69 16.36
C ALA A 75 -27.63 -16.99 15.62
N GLU A 76 -26.43 -17.08 15.03
CA GLU A 76 -26.08 -18.24 14.20
C GLU A 76 -26.12 -19.53 15.00
N SER A 77 -25.68 -19.46 16.26
CA SER A 77 -25.77 -20.56 17.19
C SER A 77 -25.91 -19.99 18.60
N ALA A 78 -26.33 -20.84 19.54
CA ALA A 78 -26.43 -20.48 20.96
C ALA A 78 -25.07 -20.03 21.54
N PRO A 79 -25.10 -19.28 22.68
CA PRO A 79 -23.85 -18.91 23.34
C PRO A 79 -23.31 -20.07 24.17
N GLY A 80 -22.04 -20.01 24.55
CA GLY A 80 -21.42 -21.12 25.27
C GLY A 80 -21.08 -20.83 26.73
N ARG A 81 -20.00 -21.45 27.19
CA ARG A 81 -19.51 -21.23 28.54
C ARG A 81 -19.12 -19.77 28.75
N ARG A 82 -18.48 -19.18 27.73
CA ARG A 82 -18.08 -17.77 27.75
C ARG A 82 -19.25 -16.83 27.39
N GLY A 83 -20.35 -17.41 26.92
CA GLY A 83 -21.56 -16.65 26.62
C GLY A 83 -21.36 -15.60 25.56
N GLU A 84 -20.69 -15.99 24.47
CA GLU A 84 -20.44 -15.08 23.37
C GLU A 84 -21.18 -15.49 22.09
N VAL A 85 -21.76 -14.49 21.43
CA VAL A 85 -22.31 -14.66 20.09
C VAL A 85 -21.60 -13.68 19.17
N GLN A 86 -21.68 -13.94 17.86
CA GLN A 86 -21.07 -13.04 16.88
C GLN A 86 -22.05 -11.92 16.51
N ASP A 87 -22.75 -12.08 15.39
CA ASP A 87 -23.80 -11.12 15.00
C ASP A 87 -25.14 -11.53 15.59
N LEU A 88 -25.95 -10.53 15.90
CA LEU A 88 -27.29 -10.76 16.43
C LEU A 88 -28.33 -10.07 15.54
N TYR A 89 -29.50 -10.70 15.41
CA TYR A 89 -30.55 -10.17 14.54
C TYR A 89 -31.86 -9.94 15.27
N LEU A 90 -32.36 -8.71 15.20
CA LEU A 90 -33.73 -8.42 15.60
C LEU A 90 -34.57 -8.54 14.33
N VAL A 91 -35.46 -9.54 14.32
CA VAL A 91 -36.28 -9.83 13.16
C VAL A 91 -37.73 -9.46 13.44
N GLY A 92 -38.27 -8.53 12.67
CA GLY A 92 -39.64 -8.08 12.85
C GLY A 92 -40.53 -8.65 11.78
N ARG A 93 -41.72 -9.10 12.17
CA ARG A 93 -42.71 -9.62 11.23
C ARG A 93 -44.04 -8.88 11.31
N GLY A 94 -43.99 -7.56 11.31
CA GLY A 94 -45.16 -6.73 11.11
C GLY A 94 -46.01 -6.45 12.34
N ASP A 95 -45.43 -6.58 13.53
CA ASP A 95 -46.13 -6.17 14.74
C ASP A 95 -46.30 -4.64 14.78
N PRO A 96 -47.57 -4.18 14.76
CA PRO A 96 -47.80 -2.73 14.81
C PRO A 96 -47.81 -2.17 16.25
N THR A 97 -47.57 -3.03 17.24
CA THR A 97 -47.77 -2.66 18.63
C THR A 97 -46.52 -2.95 19.48
N LEU A 98 -45.37 -3.05 18.82
CA LEU A 98 -44.15 -3.41 19.52
C LEU A 98 -43.59 -2.21 20.30
N SER A 99 -43.72 -2.26 21.62
CA SER A 99 -43.28 -1.19 22.50
C SER A 99 -41.81 -1.35 22.89
N ALA A 100 -41.23 -0.29 23.44
CA ALA A 100 -39.88 -0.30 23.99
C ALA A 100 -39.79 -1.23 25.20
N GLU A 101 -40.90 -1.36 25.94
CA GLU A 101 -40.98 -2.31 27.05
C GLU A 101 -40.80 -3.75 26.54
N ASP A 102 -41.41 -4.06 25.40
CA ASP A 102 -41.28 -5.37 24.77
C ASP A 102 -39.85 -5.67 24.30
N LEU A 103 -39.14 -4.63 23.86
CA LEU A 103 -37.73 -4.75 23.49
C LEU A 103 -36.88 -5.05 24.71
N ASP A 104 -37.23 -4.42 25.83
CA ASP A 104 -36.62 -4.69 27.12
C ASP A 104 -36.81 -6.14 27.54
N ALA A 105 -38.04 -6.63 27.44
CA ALA A 105 -38.36 -8.00 27.83
C ALA A 105 -37.62 -9.02 26.96
N MET A 106 -37.36 -8.65 25.70
CA MET A 106 -36.58 -9.51 24.82
C MET A 106 -35.08 -9.42 25.11
N ALA A 107 -34.62 -8.25 25.57
CA ALA A 107 -33.24 -8.10 25.99
C ALA A 107 -32.94 -8.93 27.24
N ALA A 108 -33.90 -8.96 28.17
CA ALA A 108 -33.81 -9.75 29.39
C ALA A 108 -33.72 -11.24 29.06
N GLU A 109 -34.51 -11.69 28.08
CA GLU A 109 -34.51 -13.08 27.60
C GLU A 109 -33.19 -13.47 26.93
N VAL A 110 -32.58 -12.51 26.24
CA VAL A 110 -31.27 -12.71 25.60
C VAL A 110 -30.19 -12.88 26.68
N ALA A 111 -30.30 -12.10 27.75
CA ALA A 111 -29.39 -12.20 28.90
C ALA A 111 -29.56 -13.55 29.61
N ALA A 112 -30.81 -13.91 29.89
CA ALA A 112 -31.16 -15.13 30.61
C ALA A 112 -30.84 -16.42 29.83
N SER A 113 -30.55 -16.28 28.53
CA SER A 113 -30.23 -17.42 27.69
C SER A 113 -28.73 -17.69 27.66
N GLY A 114 -27.96 -16.82 28.31
CA GLY A 114 -26.52 -17.01 28.44
C GLY A 114 -25.64 -16.03 27.69
N VAL A 115 -26.25 -15.19 26.85
CA VAL A 115 -25.48 -14.17 26.12
C VAL A 115 -25.03 -13.06 27.08
N ARG A 116 -23.74 -12.79 27.06
CA ARG A 116 -23.15 -11.69 27.82
C ARG A 116 -22.53 -10.68 26.87
N THR A 117 -22.03 -11.17 25.74
CA THR A 117 -21.32 -10.33 24.79
C THR A 117 -21.79 -10.61 23.36
N VAL A 118 -22.14 -9.55 22.65
CA VAL A 118 -22.35 -9.62 21.21
C VAL A 118 -21.06 -9.09 20.60
N ARG A 119 -20.27 -10.01 20.05
CA ARG A 119 -18.90 -9.69 19.61
C ARG A 119 -18.89 -8.99 18.25
N GLY A 120 -19.88 -9.30 17.41
CA GLY A 120 -20.00 -8.69 16.09
C GLY A 120 -20.96 -7.52 16.11
N ASP A 121 -21.68 -7.34 15.01
CA ASP A 121 -22.65 -6.26 14.87
C ASP A 121 -24.06 -6.75 15.18
N LEU A 122 -24.95 -5.82 15.56
CA LEU A 122 -26.38 -6.11 15.74
C LEU A 122 -27.18 -5.58 14.55
N TYR A 123 -28.00 -6.44 13.96
CA TYR A 123 -28.74 -6.07 12.76
C TYR A 123 -30.25 -6.06 12.94
N ALA A 124 -30.88 -5.06 12.35
CA ALA A 124 -32.33 -4.95 12.30
C ALA A 124 -32.83 -5.55 10.99
N ASP A 125 -33.58 -6.64 11.10
CA ASP A 125 -34.15 -7.32 9.93
C ASP A 125 -35.65 -7.03 9.80
N ASP A 126 -36.00 -6.29 8.77
CA ASP A 126 -37.39 -5.95 8.50
C ASP A 126 -37.78 -6.37 7.08
N THR A 127 -37.11 -7.41 6.60
CA THR A 127 -37.25 -7.89 5.22
C THR A 127 -38.54 -8.68 4.98
N TRP A 128 -39.34 -8.87 6.03
CA TRP A 128 -40.65 -9.52 5.95
C TRP A 128 -41.62 -8.66 5.11
N PHE A 129 -41.47 -7.34 5.22
CA PHE A 129 -42.05 -6.41 4.25
C PHE A 129 -40.93 -5.92 3.33
N ASP A 130 -41.29 -5.34 2.19
CA ASP A 130 -40.31 -4.68 1.33
C ASP A 130 -39.79 -3.39 1.96
N SER A 131 -38.85 -2.73 1.31
CA SER A 131 -38.30 -1.50 1.89
C SER A 131 -38.91 -0.24 1.28
N GLU A 132 -40.06 -0.39 0.61
CA GLU A 132 -40.78 0.78 0.11
C GLU A 132 -41.51 1.39 1.29
N ARG A 133 -41.03 2.56 1.71
CA ARG A 133 -41.41 3.17 2.98
C ARG A 133 -42.72 3.95 2.93
N LEU A 134 -42.97 4.60 1.79
CA LEU A 134 -44.09 5.52 1.61
C LEU A 134 -44.79 5.21 0.30
N VAL A 135 -46.09 5.48 0.24
CA VAL A 135 -46.84 5.34 -1.01
C VAL A 135 -46.43 6.46 -1.95
N ASP A 136 -46.40 6.14 -3.24
CA ASP A 136 -45.93 7.05 -4.28
C ASP A 136 -46.49 8.46 -4.19
N ASP A 137 -47.81 8.59 -4.05
CA ASP A 137 -48.48 9.90 -4.14
C ASP A 137 -48.71 10.61 -2.81
N TRP A 138 -48.11 10.11 -1.73
CA TRP A 138 -48.10 10.81 -0.45
C TRP A 138 -47.25 12.07 -0.56
N TRP A 139 -47.69 13.15 0.07
CA TRP A 139 -46.99 14.44 -0.01
C TRP A 139 -45.75 14.51 0.88
N PRO A 140 -44.60 14.86 0.31
CA PRO A 140 -43.32 15.00 1.05
C PRO A 140 -43.40 15.95 2.25
N GLU A 141 -44.20 17.01 2.13
CA GLU A 141 -44.37 17.95 3.24
C GLU A 141 -45.02 17.32 4.48
N ASP A 142 -45.82 16.28 4.27
CA ASP A 142 -46.45 15.52 5.37
C ASP A 142 -45.47 14.64 6.18
N GLU A 143 -44.37 14.25 5.55
CA GLU A 143 -43.43 13.26 6.10
C GLU A 143 -42.95 13.40 7.56
N PRO A 144 -42.86 14.64 8.09
CA PRO A 144 -42.46 14.71 9.50
C PRO A 144 -43.51 14.26 10.50
N TYR A 145 -44.76 14.12 10.09
CA TYR A 145 -45.86 13.88 11.03
C TYR A 145 -46.24 12.41 11.16
N ALA A 146 -46.62 12.05 12.39
CA ALA A 146 -46.93 10.66 12.78
C ALA A 146 -47.78 9.89 11.78
N TYR A 147 -48.80 10.53 11.24
CA TYR A 147 -49.72 9.87 10.32
C TYR A 147 -49.06 9.56 8.97
N SER A 148 -47.85 10.10 8.77
CA SER A 148 -47.10 9.86 7.54
C SER A 148 -45.81 9.05 7.79
N ALA A 149 -45.80 8.28 8.87
CA ALA A 149 -44.61 7.52 9.26
C ALA A 149 -44.25 6.48 8.19
N GLN A 150 -42.94 6.25 8.05
CA GLN A 150 -42.44 5.22 7.14
C GLN A 150 -42.89 3.83 7.56
N ILE A 151 -43.13 2.98 6.55
CA ILE A 151 -43.68 1.65 6.79
C ILE A 151 -42.58 0.61 6.74
N SER A 152 -42.51 -0.20 7.80
CA SER A 152 -41.45 -1.20 7.99
C SER A 152 -42.01 -2.41 8.69
N ALA A 153 -41.40 -3.57 8.48
CA ALA A 153 -41.79 -4.79 9.18
C ALA A 153 -41.40 -4.71 10.65
N LEU A 154 -40.30 -4.01 10.92
CA LEU A 154 -39.82 -3.83 12.28
C LEU A 154 -39.89 -2.37 12.63
N THR A 155 -40.84 -2.03 13.50
CA THR A 155 -41.01 -0.66 13.93
C THR A 155 -41.38 -0.62 15.41
N VAL A 156 -40.95 0.44 16.09
CA VAL A 156 -41.34 0.67 17.48
C VAL A 156 -42.59 1.52 17.56
N ALA A 157 -43.60 1.01 18.26
CA ALA A 157 -44.85 1.73 18.48
C ALA A 157 -44.75 2.56 19.76
N HIS A 158 -45.20 3.81 19.71
CA HIS A 158 -45.13 4.71 20.87
C HIS A 158 -46.46 4.86 21.61
N GLY A 159 -46.43 4.73 22.92
CA GLY A 159 -47.61 4.99 23.76
C GLY A 159 -48.69 3.94 23.70
N GLU A 160 -49.79 4.22 24.39
CA GLU A 160 -50.93 3.31 24.44
C GLU A 160 -51.73 3.26 23.14
N ARG A 161 -51.54 4.27 22.28
CA ARG A 161 -52.20 4.33 20.97
C ARG A 161 -51.39 3.62 19.87
N PHE A 162 -50.12 3.34 20.17
CA PHE A 162 -49.24 2.58 19.27
C PHE A 162 -48.98 3.33 17.97
N ASP A 163 -48.56 4.57 18.10
CA ASP A 163 -48.09 5.36 16.97
C ASP A 163 -46.69 4.86 16.57
N THR A 164 -46.58 4.29 15.38
CA THR A 164 -45.36 3.61 14.94
C THR A 164 -44.35 4.53 14.25
N GLY A 165 -43.07 4.15 14.33
CA GLY A 165 -42.00 4.80 13.57
C GLY A 165 -41.77 6.26 13.88
N VAL A 166 -42.15 6.67 15.08
CA VAL A 166 -42.00 8.05 15.52
C VAL A 166 -41.22 8.13 16.81
N THR A 167 -40.91 9.35 17.22
CA THR A 167 -40.30 9.63 18.50
C THR A 167 -40.95 10.88 19.10
N GLU A 168 -40.94 10.99 20.41
CA GLU A 168 -41.52 12.17 21.06
C GLU A 168 -40.47 13.25 21.31
N VAL A 169 -40.62 14.39 20.64
CA VAL A 169 -39.77 15.54 20.91
C VAL A 169 -40.41 16.36 22.03
N SER A 170 -39.61 16.78 23.00
CA SER A 170 -40.08 17.62 24.09
C SER A 170 -39.18 18.84 24.18
N VAL A 171 -39.79 20.01 24.07
CA VAL A 171 -39.04 21.26 24.18
C VAL A 171 -39.43 21.98 25.47
N THR A 172 -38.42 22.33 26.27
CA THR A 172 -38.60 22.96 27.57
C THR A 172 -37.96 24.33 27.55
N PRO A 173 -38.66 25.37 28.05
CA PRO A 173 -37.99 26.66 28.13
C PRO A 173 -36.92 26.65 29.20
N ALA A 174 -35.97 27.57 29.08
CA ALA A 174 -34.93 27.74 30.07
C ALA A 174 -35.07 29.16 30.66
N ALA A 175 -33.98 29.91 30.68
CA ALA A 175 -34.03 31.31 31.04
C ALA A 175 -34.09 32.12 29.75
N GLU A 176 -34.75 33.26 29.80
CA GLU A 176 -34.82 34.15 28.65
C GLU A 176 -33.43 34.39 28.07
N GLY A 177 -33.30 34.12 26.78
CA GLY A 177 -32.03 34.31 26.08
C GLY A 177 -31.23 33.03 25.89
N GLU A 178 -31.42 32.06 26.79
CA GLU A 178 -30.76 30.76 26.69
C GLU A 178 -31.49 29.87 25.68
N PRO A 179 -30.77 28.92 25.05
CA PRO A 179 -31.44 28.04 24.10
C PRO A 179 -32.51 27.22 24.81
N ALA A 180 -33.55 26.86 24.07
CA ALA A 180 -34.54 25.93 24.57
C ALA A 180 -33.88 24.56 24.76
N ASP A 181 -34.39 23.77 25.70
CA ASP A 181 -33.90 22.41 25.85
C ASP A 181 -34.73 21.48 24.99
N VAL A 182 -34.04 20.68 24.17
CA VAL A 182 -34.71 19.72 23.29
C VAL A 182 -34.39 18.28 23.72
N ASP A 183 -35.46 17.51 23.91
CA ASP A 183 -35.39 16.10 24.29
C ASP A 183 -35.95 15.30 23.11
N LEU A 184 -35.11 14.50 22.46
CA LEU A 184 -35.53 13.77 21.25
C LEU A 184 -36.35 12.50 21.52
N GLY A 185 -36.49 12.12 22.80
CA GLY A 185 -37.22 10.91 23.18
C GLY A 185 -36.41 9.66 22.86
N ALA A 186 -37.08 8.66 22.28
CA ALA A 186 -36.44 7.41 21.90
C ALA A 186 -35.31 7.56 20.88
N ALA A 187 -35.48 8.51 19.95
CA ALA A 187 -34.49 8.75 18.90
C ALA A 187 -33.22 9.49 19.36
N GLU A 188 -33.07 9.69 20.66
CA GLU A 188 -31.85 10.23 21.23
C GLU A 188 -30.66 9.37 20.80
N GLY A 189 -29.69 10.00 20.15
CA GLY A 189 -28.51 9.28 19.66
C GLY A 189 -28.79 8.48 18.41
N TYR A 190 -29.98 8.63 17.85
CA TYR A 190 -30.29 8.05 16.55
C TYR A 190 -30.48 9.15 15.53
N ALA A 191 -31.43 10.05 15.79
CA ALA A 191 -31.68 11.17 14.92
C ALA A 191 -30.73 12.31 15.30
N GLU A 192 -30.35 13.10 14.30
CA GLU A 192 -29.56 14.29 14.54
C GLU A 192 -30.42 15.42 15.11
N LEU A 193 -29.80 16.30 15.89
CA LEU A 193 -30.49 17.47 16.43
C LEU A 193 -29.92 18.76 15.86
N ASP A 194 -30.82 19.60 15.33
CA ASP A 194 -30.46 20.96 14.96
C ASP A 194 -31.31 21.95 15.77
N ASN A 195 -30.80 22.31 16.94
CA ASN A 195 -31.52 23.18 17.86
C ASN A 195 -31.15 24.66 17.67
N ARG A 196 -32.02 25.40 17.00
CA ARG A 196 -31.83 26.85 16.81
C ARG A 196 -32.78 27.64 17.70
N ALA A 197 -33.61 26.92 18.44
CA ALA A 197 -34.65 27.49 19.27
C ALA A 197 -34.11 28.18 20.51
N VAL A 198 -34.76 29.26 20.90
CA VAL A 198 -34.35 30.06 22.05
C VAL A 198 -35.53 30.21 23.03
N THR A 199 -35.22 30.58 24.26
CA THR A 199 -36.25 30.89 25.25
C THR A 199 -36.50 32.39 25.19
N GLY A 200 -37.75 32.73 24.89
CA GLY A 200 -38.16 34.13 24.84
C GLY A 200 -38.49 34.66 26.22
N ALA A 201 -38.70 35.96 26.30
CA ALA A 201 -39.11 36.60 27.54
C ALA A 201 -40.40 35.96 28.06
N ALA A 202 -40.63 36.08 29.37
CA ALA A 202 -41.88 35.63 29.97
C ALA A 202 -43.04 36.36 29.31
N GLY A 203 -44.07 35.63 28.95
CA GLY A 203 -45.24 36.25 28.33
C GLY A 203 -45.12 36.61 26.85
N SER A 204 -43.95 36.41 26.25
CA SER A 204 -43.78 36.63 24.81
C SER A 204 -44.55 35.59 23.99
N ALA A 205 -44.49 35.73 22.66
CA ALA A 205 -45.25 34.87 21.74
C ALA A 205 -44.52 33.58 21.37
N ASN A 206 -45.26 32.48 21.44
CA ASN A 206 -44.79 31.15 21.08
C ASN A 206 -44.69 31.00 19.57
N THR A 207 -43.49 30.73 19.07
CA THR A 207 -43.26 30.66 17.63
C THR A 207 -42.49 29.40 17.29
N LEU A 208 -42.50 28.46 18.22
CA LEU A 208 -41.75 27.22 18.14
C LEU A 208 -42.20 26.31 16.99
N VAL A 209 -41.24 25.89 16.17
CA VAL A 209 -41.49 24.98 15.06
C VAL A 209 -40.58 23.76 15.23
N ILE A 210 -41.17 22.57 15.15
CA ILE A 210 -40.42 21.32 15.19
C ILE A 210 -40.59 20.60 13.86
N ASP A 211 -39.48 20.36 13.17
CA ASP A 211 -39.53 19.82 11.81
C ASP A 211 -38.51 18.71 11.62
N ARG A 212 -38.78 17.86 10.64
CA ARG A 212 -37.76 16.97 10.08
C ARG A 212 -37.63 17.27 8.60
N PRO A 213 -36.51 17.93 8.19
CA PRO A 213 -36.38 18.32 6.79
C PRO A 213 -36.35 17.11 5.86
N VAL A 214 -37.14 17.18 4.79
CA VAL A 214 -37.31 16.07 3.84
C VAL A 214 -36.00 15.36 3.49
N GLY A 215 -36.00 14.04 3.60
CA GLY A 215 -34.86 13.24 3.22
C GLY A 215 -33.70 13.24 4.21
N THR A 216 -33.92 13.77 5.41
CA THR A 216 -32.90 13.72 6.45
C THR A 216 -33.38 12.98 7.69
N ASN A 217 -32.45 12.62 8.57
CA ASN A 217 -32.76 12.11 9.90
C ASN A 217 -32.47 13.15 10.98
N THR A 218 -32.79 14.40 10.68
CA THR A 218 -32.47 15.53 11.55
C THR A 218 -33.74 16.18 12.07
N ILE A 219 -33.80 16.41 13.38
CA ILE A 219 -34.90 17.18 13.95
C ILE A 219 -34.49 18.65 14.08
N ALA A 220 -35.08 19.50 13.25
CA ALA A 220 -34.78 20.92 13.30
C ALA A 220 -35.83 21.67 14.12
N VAL A 221 -35.38 22.29 15.21
CA VAL A 221 -36.25 23.08 16.06
C VAL A 221 -35.89 24.55 15.86
N THR A 222 -36.88 25.36 15.53
CA THR A 222 -36.67 26.79 15.29
C THR A 222 -37.65 27.63 16.10
N GLY A 223 -37.39 28.94 16.15
CA GLY A 223 -38.29 29.88 16.82
C GLY A 223 -38.03 30.06 18.30
N SER A 224 -39.06 30.52 19.01
CA SER A 224 -38.91 30.99 20.38
C SER A 224 -40.01 30.42 21.29
N LEU A 225 -39.59 29.87 22.42
CA LEU A 225 -40.49 29.37 23.46
C LEU A 225 -40.44 30.31 24.66
N PRO A 226 -41.60 30.84 25.08
CA PRO A 226 -41.64 31.74 26.25
C PRO A 226 -41.16 31.05 27.52
N ALA A 227 -40.48 31.82 28.37
CA ALA A 227 -39.90 31.30 29.61
C ALA A 227 -40.94 30.68 30.53
N ASP A 228 -42.15 31.23 30.51
CA ASP A 228 -43.22 30.81 31.41
C ASP A 228 -44.15 29.77 30.77
N ALA A 229 -43.83 29.39 29.54
CA ALA A 229 -44.66 28.47 28.78
C ALA A 229 -44.52 27.04 29.25
N ALA A 230 -45.63 26.29 29.15
CA ALA A 230 -45.63 24.85 29.37
C ALA A 230 -44.72 24.17 28.33
N PRO A 231 -44.08 23.05 28.70
CA PRO A 231 -43.29 22.29 27.72
C PRO A 231 -44.12 21.84 26.51
N VAL A 232 -43.52 21.88 25.32
CA VAL A 232 -44.17 21.48 24.08
C VAL A 232 -43.71 20.08 23.67
N THR A 233 -44.65 19.13 23.61
CA THR A 233 -44.34 17.79 23.10
C THR A 233 -45.02 17.50 21.77
N ALA A 234 -44.30 16.85 20.87
CA ALA A 234 -44.82 16.53 19.55
C ALA A 234 -44.22 15.23 19.03
N LEU A 235 -45.05 14.41 18.40
CA LEU A 235 -44.56 13.21 17.74
C LEU A 235 -44.04 13.56 16.36
N ARG A 236 -42.79 13.18 16.10
CA ARG A 236 -42.18 13.34 14.79
C ARG A 236 -41.65 12.01 14.30
N THR A 237 -41.75 11.78 13.00
CA THR A 237 -41.28 10.54 12.38
C THR A 237 -39.77 10.55 12.25
N VAL A 238 -39.18 9.35 12.21
CA VAL A 238 -37.76 9.19 11.91
C VAL A 238 -37.57 8.50 10.57
N ASP A 239 -36.39 8.66 10.00
CA ASP A 239 -35.96 7.90 8.84
C ASP A 239 -35.54 6.50 9.30
N GLU A 240 -35.97 5.48 8.54
CA GLU A 240 -35.66 4.06 8.80
C GLU A 240 -36.08 3.57 10.19
N PRO A 241 -37.39 3.31 10.37
CA PRO A 241 -37.93 2.88 11.66
C PRO A 241 -37.24 1.65 12.25
N ALA A 242 -36.84 0.71 11.41
CA ALA A 242 -36.17 -0.51 11.89
C ALA A 242 -34.83 -0.19 12.54
N ALA A 243 -34.10 0.76 11.97
CA ALA A 243 -32.81 1.16 12.49
C ALA A 243 -32.96 1.82 13.85
N LEU A 244 -34.06 2.56 14.05
CA LEU A 244 -34.37 3.09 15.37
C LEU A 244 -34.65 1.95 16.35
N ALA A 245 -35.47 0.97 15.92
CA ALA A 245 -35.71 -0.22 16.74
C ALA A 245 -34.41 -0.92 17.10
N GLY A 246 -33.51 -1.05 16.13
CA GLY A 246 -32.17 -1.60 16.35
C GLY A 246 -31.43 -0.83 17.43
N HIS A 247 -31.41 0.49 17.27
CA HIS A 247 -30.81 1.41 18.25
C HIS A 247 -31.38 1.18 19.67
N LEU A 248 -32.71 1.15 19.77
CA LEU A 248 -33.37 1.00 21.06
C LEU A 248 -33.12 -0.37 21.69
N PHE A 249 -32.86 -1.36 20.84
CA PHE A 249 -32.57 -2.72 21.29
C PHE A 249 -31.17 -2.86 21.88
N GLU A 250 -30.19 -2.17 21.28
CA GLU A 250 -28.83 -2.13 21.81
C GLU A 250 -28.84 -1.55 23.22
N GLU A 251 -29.56 -0.44 23.39
CA GLU A 251 -29.74 0.19 24.68
C GLU A 251 -30.41 -0.76 25.67
N ALA A 252 -31.38 -1.53 25.20
CA ALA A 252 -32.06 -2.53 26.03
C ALA A 252 -31.10 -3.65 26.46
N LEU A 253 -30.27 -4.10 25.52
CA LEU A 253 -29.28 -5.15 25.78
C LEU A 253 -28.22 -4.70 26.78
N GLU A 254 -27.70 -3.50 26.53
CA GLU A 254 -26.67 -2.89 27.37
C GLU A 254 -27.20 -2.65 28.79
N SER A 255 -28.49 -2.36 28.90
CA SER A 255 -29.16 -2.18 30.18
C SER A 255 -29.51 -3.51 30.88
N ASN A 256 -29.55 -4.61 30.11
CA ASN A 256 -29.71 -5.95 30.68
C ASN A 256 -28.37 -6.72 30.77
N GLY A 257 -27.27 -5.97 30.78
CA GLY A 257 -25.95 -6.55 31.01
C GLY A 257 -25.33 -7.29 29.83
N VAL A 258 -25.73 -6.93 28.62
CA VAL A 258 -25.18 -7.51 27.40
C VAL A 258 -24.40 -6.45 26.60
N THR A 259 -23.09 -6.62 26.52
CA THR A 259 -22.25 -5.68 25.81
C THR A 259 -22.28 -5.92 24.30
N VAL A 260 -22.60 -4.87 23.54
CA VAL A 260 -22.53 -4.93 22.09
C VAL A 260 -21.24 -4.25 21.66
N LYS A 261 -20.37 -5.00 20.98
CA LYS A 261 -19.06 -4.48 20.60
C LYS A 261 -19.06 -3.85 19.20
N GLY A 262 -20.07 -4.17 18.41
CA GLY A 262 -20.12 -3.73 17.01
C GLY A 262 -21.03 -2.56 16.74
N ASP A 263 -21.46 -2.44 15.49
CA ASP A 263 -22.31 -1.34 15.05
C ASP A 263 -23.76 -1.80 14.90
N VAL A 264 -24.68 -0.84 14.81
CA VAL A 264 -26.08 -1.14 14.57
C VAL A 264 -26.44 -0.75 13.14
N GLY A 265 -27.11 -1.64 12.42
CA GLY A 265 -27.55 -1.37 11.05
C GLY A 265 -28.65 -2.28 10.54
N LEU A 266 -29.03 -2.09 9.28
CA LEU A 266 -29.99 -2.95 8.62
C LEU A 266 -29.31 -4.17 8.02
N GLY A 267 -30.03 -5.28 7.96
CA GLY A 267 -29.53 -6.50 7.36
C GLY A 267 -30.48 -7.63 7.65
N GLY A 268 -30.69 -8.50 6.66
CA GLY A 268 -31.54 -9.67 6.83
C GLY A 268 -30.71 -10.84 7.30
N VAL A 269 -31.35 -11.76 8.04
CA VAL A 269 -30.71 -13.00 8.47
C VAL A 269 -30.11 -13.69 7.24
N PRO A 270 -28.79 -13.98 7.27
CA PRO A 270 -28.12 -14.53 6.08
C PRO A 270 -28.69 -15.87 5.65
N ALA A 271 -28.65 -16.13 4.34
CA ALA A 271 -29.20 -17.36 3.78
C ALA A 271 -28.38 -18.61 4.16
N ASP A 272 -27.08 -18.44 4.35
CA ASP A 272 -26.19 -19.57 4.68
C ASP A 272 -26.25 -20.05 6.14
N TRP A 273 -27.09 -19.40 6.95
CA TRP A 273 -27.32 -19.82 8.34
C TRP A 273 -28.14 -21.11 8.34
N GLN A 274 -27.51 -22.18 8.80
CA GLN A 274 -28.06 -23.53 8.72
C GLN A 274 -29.31 -23.70 9.60
N ASP A 275 -29.15 -23.42 10.90
CA ASP A 275 -30.20 -23.59 11.89
C ASP A 275 -30.06 -22.49 12.93
N ALA A 276 -30.70 -21.36 12.66
CA ALA A 276 -30.58 -20.17 13.49
C ALA A 276 -31.16 -20.39 14.89
N GLU A 277 -30.42 -19.95 15.89
CA GLU A 277 -30.85 -20.04 17.28
C GLU A 277 -31.72 -18.86 17.69
N VAL A 278 -32.97 -19.14 18.02
CA VAL A 278 -33.87 -18.11 18.50
C VAL A 278 -33.64 -17.87 20.00
N LEU A 279 -33.05 -16.71 20.30
CA LEU A 279 -32.66 -16.38 21.67
C LEU A 279 -33.73 -15.62 22.46
N ALA A 280 -34.72 -15.07 21.75
CA ALA A 280 -35.88 -14.42 22.37
C ALA A 280 -36.98 -14.21 21.34
N ASP A 281 -38.23 -14.19 21.81
CA ASP A 281 -39.36 -13.86 20.94
C ASP A 281 -40.42 -13.03 21.67
N HIS A 282 -41.29 -12.38 20.89
CA HIS A 282 -42.44 -11.70 21.42
C HIS A 282 -43.62 -11.94 20.48
N THR A 283 -44.78 -12.17 21.09
CA THR A 283 -46.02 -12.34 20.36
C THR A 283 -46.94 -11.19 20.75
N SER A 284 -47.51 -10.53 19.74
CA SER A 284 -48.44 -9.43 20.00
C SER A 284 -49.79 -9.94 20.51
N ALA A 285 -50.66 -9.00 20.89
CA ALA A 285 -52.07 -9.29 21.08
C ALA A 285 -52.66 -9.66 19.73
N GLU A 286 -53.83 -10.29 19.77
CA GLU A 286 -54.50 -10.73 18.57
C GLU A 286 -55.12 -9.55 17.83
N LEU A 287 -55.37 -9.74 16.53
CA LEU A 287 -55.86 -8.69 15.67
C LEU A 287 -57.12 -8.00 16.17
N SER A 288 -58.00 -8.74 16.85
CA SER A 288 -59.26 -8.19 17.37
C SER A 288 -59.02 -7.10 18.42
N GLU A 289 -58.01 -7.31 19.26
CA GLU A 289 -57.60 -6.32 20.26
C GLU A 289 -56.82 -5.18 19.59
N ILE A 290 -56.03 -5.49 18.57
CA ILE A 290 -55.22 -4.49 17.87
C ILE A 290 -56.09 -3.53 17.06
N LEU A 291 -57.26 -4.01 16.61
CA LEU A 291 -58.18 -3.23 15.79
C LEU A 291 -58.67 -1.97 16.49
N VAL A 292 -58.79 -2.05 17.80
CA VAL A 292 -59.30 -0.93 18.60
C VAL A 292 -58.43 0.34 18.49
N PRO A 293 -57.15 0.33 18.95
CA PRO A 293 -56.38 1.57 18.78
C PRO A 293 -56.24 2.00 17.31
N PHE A 294 -56.19 1.01 16.42
CA PHE A 294 -56.16 1.21 14.97
C PHE A 294 -57.38 2.00 14.43
N MET A 295 -58.59 1.50 14.69
CA MET A 295 -59.78 2.13 14.14
C MET A 295 -60.26 3.34 14.95
N LYS A 296 -60.20 3.24 16.28
CA LYS A 296 -60.65 4.33 17.15
C LYS A 296 -59.94 5.65 16.85
N PHE A 297 -58.61 5.60 16.73
CA PHE A 297 -57.81 6.81 16.49
C PHE A 297 -57.35 6.97 15.05
N SER A 298 -57.71 5.99 14.21
CA SER A 298 -57.43 6.03 12.78
C SER A 298 -55.91 6.05 12.51
N ASN A 299 -55.24 4.97 12.87
CA ASN A 299 -53.77 4.88 12.76
C ASN A 299 -53.36 4.50 11.34
N ASN A 300 -52.69 5.42 10.65
CA ASN A 300 -52.30 5.21 9.25
C ASN A 300 -51.30 4.05 9.08
N GLY A 301 -50.21 4.12 9.85
CA GLY A 301 -49.19 3.08 9.87
C GLY A 301 -49.73 1.66 10.08
N HIS A 302 -50.68 1.52 11.02
CA HIS A 302 -51.32 0.24 11.26
C HIS A 302 -51.98 -0.27 9.99
N ALA A 303 -52.67 0.61 9.27
CA ALA A 303 -53.40 0.23 8.06
C ALA A 303 -52.48 -0.28 6.95
N GLU A 304 -51.36 0.40 6.74
CA GLU A 304 -50.41 0.03 5.71
C GLU A 304 -49.65 -1.25 6.07
N MET A 305 -49.39 -1.46 7.36
CA MET A 305 -48.76 -2.68 7.86
C MET A 305 -49.70 -3.88 7.71
N LEU A 306 -50.98 -3.66 7.99
CA LEU A 306 -52.02 -4.67 7.74
C LEU A 306 -52.11 -5.07 6.27
N VAL A 307 -52.09 -4.10 5.37
CA VAL A 307 -52.12 -4.36 3.92
C VAL A 307 -50.95 -5.26 3.51
N LYS A 308 -49.75 -4.91 3.94
CA LYS A 308 -48.57 -5.72 3.65
C LYS A 308 -48.58 -7.08 4.36
N SER A 309 -49.21 -7.15 5.53
CA SER A 309 -49.48 -8.44 6.19
C SER A 309 -50.48 -9.29 5.39
N ILE A 310 -51.43 -8.64 4.72
CA ILE A 310 -52.32 -9.33 3.79
C ILE A 310 -51.51 -9.87 2.60
N GLY A 311 -50.59 -9.05 2.11
CA GLY A 311 -49.68 -9.43 1.02
C GLY A 311 -48.83 -10.64 1.33
N GLN A 312 -48.42 -10.77 2.59
CA GLN A 312 -47.69 -11.94 3.05
C GLN A 312 -48.56 -13.20 3.11
N GLU A 313 -49.74 -13.08 3.69
CA GLU A 313 -50.65 -14.23 3.80
C GLU A 313 -51.16 -14.76 2.46
N THR A 314 -51.57 -13.86 1.56
CA THR A 314 -52.13 -14.27 0.27
C THR A 314 -51.07 -14.62 -0.79
N ALA A 315 -49.85 -14.10 -0.63
CA ALA A 315 -48.85 -14.13 -1.70
C ALA A 315 -47.41 -14.30 -1.24
N GLY A 316 -47.17 -14.19 0.06
CA GLY A 316 -45.80 -14.20 0.58
C GLY A 316 -45.00 -13.01 0.05
N ALA A 317 -45.66 -11.87 -0.12
CA ALA A 317 -45.01 -10.63 -0.51
C ALA A 317 -45.51 -9.44 0.33
N GLY A 318 -44.67 -8.94 1.23
CA GLY A 318 -45.01 -7.79 2.08
C GLY A 318 -44.90 -6.52 1.26
N THR A 319 -45.96 -6.27 0.50
CA THR A 319 -45.91 -5.37 -0.64
C THR A 319 -47.28 -4.71 -0.80
N TRP A 320 -47.27 -3.44 -1.21
CA TRP A 320 -48.52 -2.72 -1.47
C TRP A 320 -49.27 -3.32 -2.65
N ASP A 321 -48.54 -3.61 -3.73
CA ASP A 321 -49.13 -4.22 -4.92
C ASP A 321 -49.88 -5.52 -4.59
N ALA A 322 -49.26 -6.38 -3.77
CA ALA A 322 -49.85 -7.66 -3.41
C ALA A 322 -50.99 -7.48 -2.41
N GLY A 323 -50.74 -6.72 -1.35
CA GLY A 323 -51.73 -6.54 -0.29
C GLY A 323 -53.00 -5.85 -0.73
N LEU A 324 -52.88 -4.90 -1.65
CA LEU A 324 -54.05 -4.17 -2.15
C LEU A 324 -54.95 -5.02 -3.04
N VAL A 325 -54.35 -5.89 -3.85
CA VAL A 325 -55.11 -6.90 -4.59
C VAL A 325 -55.75 -7.87 -3.59
N GLY A 326 -54.98 -8.24 -2.57
CA GLY A 326 -55.48 -9.06 -1.46
C GLY A 326 -56.71 -8.44 -0.80
N VAL A 327 -56.67 -7.13 -0.57
CA VAL A 327 -57.81 -6.40 -0.03
C VAL A 327 -59.02 -6.51 -0.97
N GLU A 328 -58.78 -6.28 -2.27
CA GLU A 328 -59.83 -6.32 -3.28
C GLU A 328 -60.52 -7.69 -3.33
N GLU A 329 -59.72 -8.76 -3.41
CA GLU A 329 -60.27 -10.11 -3.47
C GLU A 329 -61.09 -10.43 -2.22
N ALA A 330 -60.53 -10.13 -1.05
CA ALA A 330 -61.21 -10.34 0.22
C ALA A 330 -62.58 -9.66 0.27
N LEU A 331 -62.66 -8.43 -0.22
CA LEU A 331 -63.92 -7.70 -0.27
C LEU A 331 -64.89 -8.36 -1.24
N SER A 332 -64.39 -8.80 -2.39
CA SER A 332 -65.20 -9.53 -3.36
C SER A 332 -65.71 -10.84 -2.78
N GLY A 333 -64.82 -11.57 -2.10
CA GLY A 333 -65.16 -12.83 -1.46
C GLY A 333 -66.21 -12.66 -0.38
N LEU A 334 -66.39 -11.43 0.05
CA LEU A 334 -67.35 -11.08 1.10
C LEU A 334 -68.75 -10.78 0.52
N GLY A 335 -68.81 -10.49 -0.77
CA GLY A 335 -70.07 -10.17 -1.43
C GLY A 335 -70.18 -8.72 -1.82
N VAL A 336 -69.07 -7.99 -1.71
CA VAL A 336 -69.03 -6.56 -2.03
C VAL A 336 -68.68 -6.34 -3.50
N ASP A 337 -69.48 -5.54 -4.18
CA ASP A 337 -69.19 -5.10 -5.54
C ASP A 337 -68.07 -4.05 -5.53
N THR A 338 -66.91 -4.40 -6.08
CA THR A 338 -65.73 -3.52 -6.03
C THR A 338 -65.56 -2.62 -7.27
N ALA A 339 -66.59 -2.49 -8.09
CA ALA A 339 -66.53 -1.71 -9.33
C ALA A 339 -66.03 -0.27 -9.12
N GLY A 340 -66.60 0.42 -8.14
CA GLY A 340 -66.28 1.82 -7.90
C GLY A 340 -65.04 2.08 -7.05
N LEU A 341 -64.41 1.00 -6.59
CA LEU A 341 -63.23 1.13 -5.75
C LEU A 341 -61.94 1.26 -6.54
N VAL A 342 -61.12 2.24 -6.13
CA VAL A 342 -59.74 2.32 -6.58
C VAL A 342 -58.89 2.33 -5.31
N LEU A 343 -58.10 1.28 -5.12
CA LEU A 343 -57.29 1.13 -3.92
C LEU A 343 -55.84 1.53 -4.17
N ASN A 344 -55.39 2.59 -3.51
CA ASN A 344 -54.01 3.03 -3.63
C ASN A 344 -53.22 2.88 -2.33
N ASP A 345 -53.94 2.81 -1.21
CA ASP A 345 -53.35 2.44 0.06
C ASP A 345 -54.39 1.88 1.04
N GLY A 346 -53.93 1.58 2.26
CA GLY A 346 -54.81 1.02 3.26
C GLY A 346 -55.40 2.05 4.19
N SER A 347 -54.68 3.17 4.35
CA SER A 347 -55.02 4.15 5.36
C SER A 347 -55.99 5.19 4.87
N GLY A 348 -56.00 5.41 3.55
CA GLY A 348 -56.82 6.45 2.96
C GLY A 348 -56.08 7.77 2.83
N LEU A 349 -54.82 7.78 3.26
CA LEU A 349 -53.97 8.96 3.11
C LEU A 349 -53.76 9.33 1.64
N SER A 350 -53.72 8.33 0.76
CA SER A 350 -53.52 8.57 -0.66
C SER A 350 -54.71 9.26 -1.32
N ARG A 351 -54.41 10.35 -2.02
CA ARG A 351 -55.42 11.05 -2.81
C ARG A 351 -55.68 10.31 -4.13
N GLY A 352 -55.06 9.14 -4.27
CA GLY A 352 -55.31 8.24 -5.39
C GLY A 352 -56.37 7.19 -5.05
N ASN A 353 -56.90 7.23 -3.84
CA ASN A 353 -58.01 6.36 -3.43
C ASN A 353 -59.35 6.88 -3.95
N LEU A 354 -60.27 5.96 -4.28
CA LEU A 354 -61.63 6.33 -4.68
C LEU A 354 -62.65 5.32 -4.15
N VAL A 355 -63.70 5.82 -3.52
CA VAL A 355 -64.84 5.01 -3.14
C VAL A 355 -66.12 5.66 -3.67
N THR A 356 -67.22 4.93 -3.61
CA THR A 356 -68.54 5.52 -3.76
C THR A 356 -69.24 5.29 -2.43
N ALA A 357 -70.23 6.10 -2.10
CA ALA A 357 -70.96 5.96 -0.84
C ALA A 357 -71.78 4.67 -0.81
N ASP A 358 -72.20 4.21 -1.99
CA ASP A 358 -72.91 2.93 -2.13
C ASP A 358 -72.00 1.75 -1.75
N THR A 359 -70.76 1.79 -2.21
CA THR A 359 -69.78 0.75 -1.89
C THR A 359 -69.51 0.66 -0.38
N VAL A 360 -69.42 1.82 0.28
CA VAL A 360 -69.21 1.85 1.72
C VAL A 360 -70.37 1.15 2.43
N VAL A 361 -71.60 1.53 2.06
CA VAL A 361 -72.81 0.97 2.67
C VAL A 361 -72.96 -0.52 2.37
N ASP A 362 -72.63 -0.91 1.13
CA ASP A 362 -72.49 -2.30 0.74
C ASP A 362 -71.56 -3.06 1.69
N LEU A 363 -70.37 -2.52 1.94
CA LEU A 363 -69.41 -3.13 2.88
C LEU A 363 -69.96 -3.23 4.30
N LEU A 364 -70.66 -2.19 4.74
CA LEU A 364 -71.21 -2.17 6.10
C LEU A 364 -72.26 -3.27 6.32
N GLY A 365 -73.03 -3.56 5.28
CA GLY A 365 -74.01 -4.64 5.31
C GLY A 365 -73.34 -5.99 5.40
N GLN A 366 -72.42 -6.25 4.47
CA GLN A 366 -71.68 -7.52 4.44
C GLN A 366 -70.85 -7.76 5.70
N ALA A 367 -70.27 -6.69 6.24
CA ALA A 367 -69.52 -6.78 7.49
C ALA A 367 -70.43 -7.10 8.69
N GLY A 368 -71.69 -6.66 8.63
CA GLY A 368 -72.62 -6.78 9.74
C GLY A 368 -73.07 -8.21 9.99
N SER A 369 -73.09 -9.01 8.94
CA SER A 369 -73.53 -10.40 9.04
C SER A 369 -72.38 -11.38 8.88
N ALA A 370 -71.16 -10.90 9.13
CA ALA A 370 -69.94 -11.70 9.06
C ALA A 370 -69.60 -12.29 10.43
N PRO A 371 -68.89 -13.44 10.48
CA PRO A 371 -68.59 -14.08 11.76
C PRO A 371 -67.86 -13.15 12.73
N TRP A 372 -67.06 -12.23 12.20
CA TRP A 372 -66.27 -11.31 13.01
C TRP A 372 -66.95 -9.95 13.28
N ALA A 373 -68.26 -9.88 12.99
CA ALA A 373 -69.06 -8.64 13.11
C ALA A 373 -68.89 -7.85 14.41
N GLN A 374 -68.80 -8.56 15.54
CA GLN A 374 -68.73 -7.90 16.84
C GLN A 374 -67.37 -7.28 17.14
N THR A 375 -66.30 -7.94 16.74
CA THR A 375 -64.95 -7.40 16.89
C THR A 375 -64.75 -6.27 15.88
N TRP A 376 -65.45 -6.36 14.75
CA TRP A 376 -65.53 -5.30 13.74
C TRP A 376 -66.17 -4.04 14.32
N SER A 377 -67.38 -4.15 14.85
CA SER A 377 -68.08 -2.96 15.33
C SER A 377 -67.52 -2.40 16.63
N ALA A 378 -66.97 -3.26 17.47
CA ALA A 378 -66.31 -2.82 18.71
C ALA A 378 -65.14 -1.88 18.43
N SER A 379 -64.62 -1.91 17.20
CA SER A 379 -63.46 -1.09 16.83
C SER A 379 -63.83 0.32 16.40
N LEU A 380 -65.07 0.50 15.93
CA LEU A 380 -65.54 1.79 15.42
C LEU A 380 -65.77 2.80 16.54
N PRO A 381 -65.33 4.06 16.33
CA PRO A 381 -65.63 5.14 17.26
C PRO A 381 -67.12 5.21 17.58
N VAL A 382 -67.43 5.56 18.83
CA VAL A 382 -68.81 5.71 19.29
C VAL A 382 -69.07 7.18 19.56
N ALA A 383 -70.12 7.71 18.94
CA ALA A 383 -70.49 9.12 19.09
C ALA A 383 -70.56 9.56 20.56
N GLY A 384 -69.77 10.57 20.91
CA GLY A 384 -69.92 11.28 22.18
C GLY A 384 -69.40 10.64 23.44
N GLU A 385 -68.67 9.53 23.30
CA GLU A 385 -68.12 8.84 24.47
C GLU A 385 -66.82 9.46 24.98
N SER A 386 -66.85 9.89 26.24
CA SER A 386 -65.70 10.52 26.92
C SER A 386 -64.41 9.71 26.82
N ASP A 387 -64.49 8.42 27.15
CA ASP A 387 -63.34 7.52 27.10
C ASP A 387 -62.76 7.53 25.69
N PRO A 388 -61.50 7.98 25.54
CA PRO A 388 -60.88 8.07 24.21
C PRO A 388 -60.84 6.72 23.50
N PHE A 389 -60.67 5.65 24.26
CA PHE A 389 -60.65 4.30 23.70
C PHE A 389 -62.05 3.76 23.36
N VAL A 390 -63.08 4.55 23.61
CA VAL A 390 -64.44 4.22 23.18
C VAL A 390 -64.93 5.25 22.16
N GLY A 391 -64.82 6.52 22.53
CA GLY A 391 -65.23 7.62 21.65
C GLY A 391 -64.36 7.75 20.43
N GLY A 392 -63.05 7.60 20.61
CA GLY A 392 -62.09 7.73 19.50
C GLY A 392 -62.09 9.11 18.86
N THR A 393 -62.13 9.14 17.53
CA THR A 393 -62.20 10.40 16.78
C THR A 393 -63.57 11.06 16.92
N LEU A 394 -64.54 10.32 17.45
CA LEU A 394 -65.89 10.85 17.70
C LEU A 394 -66.15 11.26 19.16
N ALA A 395 -65.12 11.23 19.99
CA ALA A 395 -65.26 11.45 21.43
C ALA A 395 -65.88 12.81 21.80
N ASN A 396 -65.46 13.85 21.10
CA ASN A 396 -65.97 15.20 21.35
C ASN A 396 -66.94 15.69 20.27
N ARG A 397 -67.77 14.77 19.77
CA ARG A 397 -68.77 15.09 18.76
C ARG A 397 -70.10 14.45 19.13
N MET A 398 -71.19 15.15 18.82
CA MET A 398 -72.57 14.64 19.02
C MET A 398 -72.99 14.38 20.47
N ARG A 399 -72.24 14.92 21.44
CA ARG A 399 -72.62 14.85 22.86
C ARG A 399 -73.96 15.54 23.10
N GLY A 400 -74.76 14.98 24.00
CA GLY A 400 -76.08 15.54 24.31
C GLY A 400 -77.05 15.48 23.15
N THR A 401 -76.86 14.52 22.25
CA THR A 401 -77.77 14.29 21.12
C THR A 401 -78.22 12.85 21.11
N ALA A 402 -79.24 12.53 20.30
CA ALA A 402 -79.76 11.17 20.16
C ALA A 402 -78.70 10.17 19.72
N ALA A 403 -77.59 10.69 19.20
CA ALA A 403 -76.51 9.88 18.67
C ALA A 403 -75.54 9.40 19.75
N GLU A 404 -75.45 10.16 20.84
CA GLU A 404 -74.49 9.86 21.90
C GLU A 404 -74.67 8.43 22.42
N GLY A 405 -73.58 7.67 22.39
CA GLY A 405 -73.56 6.31 22.91
C GLY A 405 -74.09 5.25 21.96
N VAL A 406 -74.68 5.70 20.86
CA VAL A 406 -75.44 4.83 19.95
C VAL A 406 -74.74 4.65 18.60
N VAL A 407 -74.51 5.76 17.89
CA VAL A 407 -73.93 5.73 16.55
C VAL A 407 -72.45 5.28 16.59
N GLU A 408 -72.16 4.22 15.84
CA GLU A 408 -70.81 3.71 15.69
C GLU A 408 -70.39 4.02 14.27
N ALA A 409 -69.41 4.90 14.10
CA ALA A 409 -69.03 5.35 12.77
C ALA A 409 -67.56 5.69 12.64
N LYS A 410 -67.02 5.47 11.44
CA LYS A 410 -65.64 5.82 11.13
C LYS A 410 -65.56 7.19 10.48
N THR A 411 -64.59 7.99 10.93
CA THR A 411 -64.37 9.33 10.41
C THR A 411 -63.30 9.33 9.33
N GLY A 412 -63.18 10.45 8.62
CA GLY A 412 -62.15 10.62 7.60
C GLY A 412 -62.00 12.08 7.25
N THR A 413 -60.80 12.61 7.41
CA THR A 413 -60.57 14.04 7.22
C THR A 413 -59.19 14.38 6.66
N MET A 414 -59.19 15.13 5.55
CA MET A 414 -58.00 15.79 4.99
C MET A 414 -58.46 17.15 4.46
N SER A 415 -57.58 17.87 3.78
CA SER A 415 -57.97 19.08 3.04
C SER A 415 -58.99 18.74 1.98
N GLY A 416 -60.14 19.41 2.02
CA GLY A 416 -61.20 19.22 1.04
C GLY A 416 -61.77 17.81 0.97
N VAL A 417 -61.54 17.02 2.01
CA VAL A 417 -62.04 15.63 2.07
C VAL A 417 -62.50 15.31 3.49
N SER A 418 -63.78 15.01 3.64
CA SER A 418 -64.35 14.62 4.92
C SER A 418 -65.37 13.50 4.74
N ALA A 419 -65.41 12.59 5.72
CA ALA A 419 -66.28 11.41 5.64
C ALA A 419 -66.72 10.91 7.01
N LEU A 420 -67.93 10.35 7.07
CA LEU A 420 -68.45 9.70 8.27
C LEU A 420 -69.32 8.53 7.83
N SER A 421 -68.96 7.33 8.24
CA SER A 421 -69.72 6.15 7.86
C SER A 421 -69.83 5.14 8.99
N GLY A 422 -71.01 4.57 9.16
CA GLY A 422 -71.21 3.52 10.15
C GLY A 422 -72.64 3.13 10.36
N TYR A 423 -72.96 2.77 11.59
CA TYR A 423 -74.27 2.21 11.91
C TYR A 423 -75.05 3.09 12.86
N VAL A 424 -76.37 3.04 12.72
CA VAL A 424 -77.29 3.58 13.71
C VAL A 424 -78.15 2.41 14.17
N PRO A 425 -77.81 1.80 15.32
CA PRO A 425 -78.59 0.69 15.84
C PRO A 425 -79.91 1.16 16.43
N GLY A 426 -81.02 0.66 15.88
CA GLY A 426 -82.35 0.90 16.40
C GLY A 426 -83.05 -0.40 16.74
N PRO A 427 -84.06 -0.35 17.62
CA PRO A 427 -84.75 -1.55 18.11
C PRO A 427 -85.40 -2.36 16.98
N GLU A 428 -86.04 -1.65 16.05
CA GLU A 428 -86.69 -2.26 14.88
C GLU A 428 -85.62 -2.76 13.90
N GLY A 429 -84.61 -1.93 13.67
CA GLY A 429 -83.55 -2.27 12.74
C GLY A 429 -82.30 -1.42 12.84
N GLU A 430 -81.19 -2.06 12.49
CA GLU A 430 -79.89 -1.42 12.39
C GLU A 430 -79.83 -0.65 11.08
N LEU A 431 -79.50 0.63 11.17
CA LEU A 431 -79.28 1.44 9.98
C LEU A 431 -77.79 1.49 9.62
N ALA A 432 -77.51 1.58 8.33
CA ALA A 432 -76.15 1.79 7.83
C ALA A 432 -76.13 3.05 6.96
N PHE A 433 -75.05 3.83 7.07
CA PHE A 433 -74.97 5.08 6.34
C PHE A 433 -73.55 5.45 5.93
N SER A 434 -73.44 6.23 4.87
CA SER A 434 -72.18 6.78 4.40
C SER A 434 -72.37 8.24 3.97
N ILE A 435 -71.45 9.09 4.40
CA ILE A 435 -71.46 10.50 4.04
C ILE A 435 -70.03 10.87 3.65
N VAL A 436 -69.84 11.19 2.37
CA VAL A 436 -68.51 11.51 1.84
C VAL A 436 -68.50 12.87 1.14
N ASN A 437 -67.77 13.83 1.70
CA ASN A 437 -67.70 15.19 1.15
C ASN A 437 -66.34 15.47 0.50
N ASN A 438 -66.38 15.95 -0.73
CA ASN A 438 -65.19 16.33 -1.48
C ASN A 438 -65.39 17.72 -2.07
N GLY A 439 -64.38 18.57 -1.99
CA GLY A 439 -64.40 19.85 -2.69
C GLY A 439 -64.75 21.07 -1.86
N HIS A 440 -65.34 20.86 -0.68
CA HIS A 440 -65.63 21.95 0.24
C HIS A 440 -64.36 22.73 0.58
N SER A 441 -64.54 23.96 1.03
CA SER A 441 -63.41 24.87 1.21
C SER A 441 -63.07 25.18 2.66
N GLY A 442 -64.07 25.32 3.52
CA GLY A 442 -63.80 25.60 4.91
C GLY A 442 -63.18 24.43 5.62
N PRO A 443 -63.58 24.20 6.87
CA PRO A 443 -63.15 23.03 7.61
C PRO A 443 -64.12 21.91 7.36
N ALA A 444 -63.79 20.72 7.80
CA ALA A 444 -64.66 19.59 7.56
C ALA A 444 -66.08 19.94 7.94
N PRO A 445 -67.03 19.59 7.07
CA PRO A 445 -68.45 19.85 7.32
C PRO A 445 -68.98 18.88 8.36
N LEU A 446 -68.45 19.00 9.57
CA LEU A 446 -68.77 18.12 10.68
C LEU A 446 -70.17 18.37 11.21
N ALA A 447 -70.56 19.63 11.29
CA ALA A 447 -71.93 20.00 11.68
C ALA A 447 -72.95 19.32 10.78
N VAL A 448 -72.68 19.35 9.46
CA VAL A 448 -73.55 18.70 8.49
C VAL A 448 -73.63 17.21 8.76
N GLN A 449 -72.46 16.58 8.89
CA GLN A 449 -72.36 15.15 9.19
C GLN A 449 -73.04 14.78 10.50
N ASP A 450 -72.81 15.58 11.53
CA ASP A 450 -73.45 15.34 12.83
C ASP A 450 -74.97 15.49 12.75
N ALA A 451 -75.45 16.55 12.11
CA ALA A 451 -76.89 16.75 11.92
C ALA A 451 -77.58 15.53 11.29
N ILE A 452 -76.99 15.00 10.22
CA ILE A 452 -77.53 13.82 9.56
C ILE A 452 -77.50 12.61 10.49
N ALA A 453 -76.34 12.33 11.09
CA ALA A 453 -76.19 11.21 12.01
C ALA A 453 -77.16 11.28 13.18
N VAL A 454 -77.41 12.49 13.69
CA VAL A 454 -78.35 12.71 14.79
C VAL A 454 -79.80 12.45 14.34
N ARG A 455 -80.17 13.00 13.20
CA ARG A 455 -81.51 12.82 12.63
C ARG A 455 -81.82 11.34 12.38
N LEU A 456 -80.80 10.57 12.01
CA LEU A 456 -80.99 9.13 11.77
C LEU A 456 -81.16 8.36 13.08
N ALA A 457 -80.47 8.80 14.13
CA ALA A 457 -80.63 8.24 15.47
C ALA A 457 -82.04 8.50 15.97
N GLU A 458 -82.54 9.71 15.74
CA GLU A 458 -83.91 10.08 16.08
C GLU A 458 -84.91 9.23 15.30
N TYR A 459 -84.61 8.97 14.02
CA TYR A 459 -85.45 8.15 13.17
C TYR A 459 -85.51 6.70 13.67
N ALA A 460 -84.35 6.20 14.11
CA ALA A 460 -84.24 4.85 14.67
C ALA A 460 -84.90 4.74 16.04
N GLY A 461 -85.33 5.88 16.59
CA GLY A 461 -86.12 5.91 17.83
C GLY A 461 -85.36 6.31 19.07
N HIS A 462 -84.21 6.96 18.89
CA HIS A 462 -83.40 7.40 20.03
C HIS A 462 -83.71 8.83 20.47
N GLN A 463 -83.35 9.13 21.71
CA GLN A 463 -83.50 10.47 22.29
C GLN A 463 -82.17 10.88 22.92
N ALA A 464 -81.96 12.19 23.02
CA ALA A 464 -80.75 12.74 23.64
C ALA A 464 -80.67 12.42 25.13
N PRO A 465 -79.50 11.94 25.61
CA PRO A 465 -79.35 11.75 27.05
C PRO A 465 -79.31 13.09 27.76
N GLU A 466 -79.91 13.13 28.95
CA GLU A 466 -79.89 14.31 29.82
C GLU A 466 -79.52 13.91 31.24
N GLY A 467 -79.97 12.72 31.65
N ARG B 1 18.93 -18.07 -7.51
CA ARG B 1 18.26 -18.34 -6.21
C ARG B 1 16.74 -18.28 -6.31
N LEU B 2 16.17 -17.15 -5.87
CA LEU B 2 14.72 -17.00 -5.73
C LEU B 2 13.94 -17.21 -7.04
N THR B 3 14.09 -16.30 -8.00
CA THR B 3 13.35 -16.41 -9.27
C THR B 3 13.80 -17.61 -10.11
N GLU B 4 14.72 -18.41 -9.55
CA GLU B 4 15.15 -19.66 -10.15
C GLU B 4 14.41 -20.85 -9.52
N LEU B 5 14.00 -20.69 -8.26
CA LEU B 5 13.12 -21.65 -7.59
C LEU B 5 11.74 -21.64 -8.24
N ARG B 6 11.30 -20.44 -8.62
CA ARG B 6 9.99 -20.24 -9.23
C ARG B 6 9.88 -20.88 -10.61
N GLU B 7 11.00 -20.90 -11.36
CA GLU B 7 11.02 -21.55 -12.66
C GLU B 7 11.07 -23.08 -12.52
N ASP B 8 11.63 -23.55 -11.40
CA ASP B 8 11.70 -24.98 -11.09
C ASP B 8 10.33 -25.57 -10.77
N ILE B 9 9.56 -24.84 -9.97
CA ILE B 9 8.21 -25.26 -9.59
C ILE B 9 7.26 -25.19 -10.79
N ASP B 10 7.36 -24.11 -11.57
CA ASP B 10 6.59 -23.97 -12.82
C ASP B 10 6.74 -25.19 -13.73
N ALA B 11 7.97 -25.68 -13.85
CA ALA B 11 8.32 -26.81 -14.72
C ALA B 11 7.80 -28.13 -14.18
N ILE B 12 7.80 -28.27 -12.85
CA ILE B 12 7.23 -29.46 -12.22
C ILE B 12 5.72 -29.47 -12.43
N LEU B 13 5.10 -28.29 -12.37
CA LEU B 13 3.67 -28.13 -12.58
C LEU B 13 3.24 -28.32 -14.04
N GLU B 14 4.21 -28.56 -14.93
CA GLU B 14 3.91 -28.92 -16.31
C GLU B 14 3.76 -30.43 -16.49
N ASP B 15 3.76 -31.17 -15.38
CA ASP B 15 3.60 -32.62 -15.36
C ASP B 15 2.30 -33.05 -16.04
N PRO B 16 2.37 -34.12 -16.86
CA PRO B 16 1.20 -34.74 -17.51
C PRO B 16 0.04 -35.08 -16.56
N ALA B 17 0.35 -35.49 -15.33
CA ALA B 17 -0.67 -35.84 -14.33
C ALA B 17 -1.63 -34.68 -14.02
N LEU B 18 -1.19 -33.46 -14.27
CA LEU B 18 -1.97 -32.26 -13.94
C LEU B 18 -2.55 -31.51 -15.15
N GLU B 19 -2.57 -32.16 -16.31
CA GLU B 19 -3.13 -31.54 -17.50
C GLU B 19 -4.63 -31.32 -17.35
N GLY B 20 -5.05 -30.06 -17.53
CA GLY B 20 -6.42 -29.65 -17.34
C GLY B 20 -6.81 -29.43 -15.88
N ALA B 21 -5.85 -29.57 -14.97
CA ALA B 21 -6.12 -29.41 -13.55
C ALA B 21 -5.83 -27.99 -13.07
N VAL B 22 -6.45 -27.60 -11.96
CA VAL B 22 -6.12 -26.37 -11.25
C VAL B 22 -5.32 -26.67 -9.99
N SER B 23 -4.17 -26.02 -9.87
CA SER B 23 -3.34 -26.18 -8.69
C SER B 23 -3.07 -24.85 -8.04
N GLY B 24 -3.37 -24.77 -6.74
CA GLY B 24 -3.02 -23.63 -5.91
C GLY B 24 -1.80 -23.99 -5.09
N VAL B 25 -0.70 -23.27 -5.34
CA VAL B 25 0.57 -23.55 -4.66
C VAL B 25 1.14 -22.27 -4.06
N VAL B 26 1.38 -22.30 -2.75
CA VAL B 26 1.94 -21.15 -2.04
C VAL B 26 3.06 -21.60 -1.10
N VAL B 27 4.22 -20.97 -1.23
CA VAL B 27 5.38 -21.21 -0.36
C VAL B 27 5.75 -19.90 0.34
N VAL B 28 5.85 -19.95 1.66
CA VAL B 28 6.15 -18.77 2.47
C VAL B 28 7.23 -19.10 3.51
N ASP B 29 8.23 -18.22 3.61
CA ASP B 29 9.23 -18.31 4.66
C ASP B 29 8.60 -17.77 5.94
N THR B 30 8.48 -18.62 6.95
CA THR B 30 7.84 -18.26 8.22
C THR B 30 8.62 -17.21 9.01
N ALA B 31 9.94 -17.22 8.85
CA ALA B 31 10.81 -16.25 9.51
C ALA B 31 10.65 -14.86 8.89
N THR B 32 11.06 -14.73 7.62
CA THR B 32 10.98 -13.46 6.90
C THR B 32 9.52 -13.02 6.68
N GLY B 33 8.66 -13.95 6.30
CA GLY B 33 7.29 -13.63 5.91
C GLY B 33 7.17 -13.40 4.41
N GLU B 34 8.30 -13.58 3.71
CA GLU B 34 8.37 -13.36 2.27
C GLU B 34 7.67 -14.48 1.49
N GLU B 35 7.08 -14.10 0.38
CA GLU B 35 6.34 -15.01 -0.49
C GLU B 35 7.29 -15.60 -1.54
N LEU B 36 7.77 -16.81 -1.29
CA LEU B 36 8.72 -17.47 -2.19
C LEU B 36 8.07 -17.95 -3.49
N TYR B 37 6.83 -18.43 -3.39
CA TYR B 37 6.06 -18.88 -4.55
C TYR B 37 4.56 -18.70 -4.33
N SER B 38 3.84 -18.31 -5.39
CA SER B 38 2.38 -18.25 -5.35
C SER B 38 1.74 -18.41 -6.74
N ARG B 39 0.99 -19.49 -6.89
CA ARG B 39 0.18 -19.69 -8.08
C ARG B 39 -1.23 -20.05 -7.63
N ASP B 40 -2.21 -19.26 -8.09
CA ASP B 40 -3.63 -19.44 -7.74
C ASP B 40 -3.87 -19.54 -6.23
N GLY B 41 -3.14 -18.72 -5.45
CA GLY B 41 -3.24 -18.74 -4.00
C GLY B 41 -4.61 -18.39 -3.45
N GLY B 42 -5.37 -17.59 -4.20
CA GLY B 42 -6.69 -17.15 -3.76
C GLY B 42 -7.84 -17.94 -4.37
N GLU B 43 -7.52 -19.00 -5.11
CA GLU B 43 -8.53 -19.82 -5.77
C GLU B 43 -9.15 -20.81 -4.78
N GLN B 44 -10.48 -20.89 -4.76
CA GLN B 44 -11.19 -21.79 -3.84
C GLN B 44 -11.21 -23.22 -4.34
N LEU B 45 -10.70 -24.14 -3.52
CA LEU B 45 -10.47 -25.53 -3.93
C LEU B 45 -10.81 -26.49 -2.81
N LEU B 46 -11.26 -27.69 -3.19
CA LEU B 46 -11.57 -28.75 -2.23
C LEU B 46 -10.27 -29.23 -1.56
N PRO B 47 -10.23 -29.21 -0.22
CA PRO B 47 -9.01 -29.53 0.53
C PRO B 47 -8.76 -31.01 0.81
N ALA B 48 -9.83 -31.81 0.82
CA ALA B 48 -9.79 -33.17 1.38
C ALA B 48 -9.21 -33.11 2.79
N SER B 49 -8.49 -34.14 3.20
CA SER B 49 -8.00 -34.23 4.58
C SER B 49 -7.09 -33.10 5.07
N ASN B 50 -6.71 -32.19 4.18
CA ASN B 50 -6.04 -30.95 4.59
C ASN B 50 -6.95 -30.08 5.44
N MET B 51 -8.24 -30.42 5.46
CA MET B 51 -9.20 -29.74 6.31
C MET B 51 -8.90 -30.03 7.78
N LYS B 52 -8.29 -31.19 8.02
CA LYS B 52 -8.00 -31.58 9.39
C LYS B 52 -6.97 -30.67 10.06
N LEU B 53 -6.23 -29.91 9.25
CA LEU B 53 -5.33 -28.90 9.79
C LEU B 53 -6.12 -27.82 10.53
N PHE B 54 -7.22 -27.38 9.92
CA PHE B 54 -8.09 -26.37 10.54
C PHE B 54 -8.80 -26.92 11.77
N THR B 55 -9.23 -28.18 11.69
CA THR B 55 -9.91 -28.84 12.80
C THR B 55 -8.99 -29.00 14.03
N ALA B 56 -7.78 -29.52 13.80
CA ALA B 56 -6.80 -29.67 14.88
C ALA B 56 -6.54 -28.33 15.55
N ALA B 57 -6.25 -27.31 14.76
CA ALA B 57 -5.93 -25.97 15.25
C ALA B 57 -7.03 -25.40 16.15
N ALA B 58 -8.28 -25.54 15.71
CA ALA B 58 -9.42 -25.06 16.46
C ALA B 58 -9.61 -25.85 17.75
N ALA B 59 -9.27 -27.14 17.71
CA ALA B 59 -9.46 -28.04 18.85
C ALA B 59 -8.46 -27.72 19.96
N LEU B 60 -7.22 -27.42 19.57
CA LEU B 60 -6.17 -27.07 20.53
C LEU B 60 -6.44 -25.70 21.15
N GLU B 61 -7.03 -24.81 20.36
CA GLU B 61 -7.38 -23.48 20.84
C GLU B 61 -8.60 -23.50 21.75
N VAL B 62 -9.64 -24.23 21.36
CA VAL B 62 -10.88 -24.29 22.12
C VAL B 62 -10.81 -25.23 23.32
N LEU B 63 -10.25 -26.43 23.13
CA LEU B 63 -10.24 -27.46 24.17
C LEU B 63 -8.90 -27.57 24.90
N GLY B 64 -7.82 -27.21 24.22
CA GLY B 64 -6.48 -27.27 24.82
C GLY B 64 -5.81 -28.61 24.65
N ALA B 65 -4.48 -28.59 24.64
CA ALA B 65 -3.65 -29.79 24.46
C ALA B 65 -3.73 -30.77 25.63
N ASP B 66 -4.27 -30.30 26.76
CA ASP B 66 -4.37 -31.10 27.99
C ASP B 66 -5.77 -31.71 28.19
N HIS B 67 -6.71 -31.33 27.33
CA HIS B 67 -8.08 -31.81 27.40
C HIS B 67 -8.17 -33.32 27.28
N SER B 68 -9.03 -33.94 28.07
CA SER B 68 -9.26 -35.38 28.00
C SER B 68 -10.75 -35.68 27.85
N PHE B 69 -11.06 -36.89 27.40
CA PHE B 69 -12.44 -37.29 27.15
C PHE B 69 -12.89 -38.40 28.10
N GLY B 70 -14.07 -38.20 28.69
CA GLY B 70 -14.57 -39.12 29.70
C GLY B 70 -15.70 -40.02 29.22
N THR B 71 -15.72 -41.23 29.79
CA THR B 71 -16.82 -42.17 29.64
C THR B 71 -17.24 -42.60 31.04
N GLU B 72 -18.54 -42.69 31.29
CA GLU B 72 -19.07 -43.06 32.60
C GLU B 72 -20.09 -44.19 32.54
N VAL B 73 -20.23 -44.89 33.65
CA VAL B 73 -21.33 -45.82 33.83
C VAL B 73 -22.16 -45.32 35.01
N ALA B 74 -23.43 -45.03 34.74
CA ALA B 74 -24.30 -44.42 35.74
C ALA B 74 -25.52 -45.26 36.07
N ALA B 75 -25.95 -45.15 37.32
CA ALA B 75 -27.19 -45.75 37.78
C ALA B 75 -27.92 -44.74 38.66
N GLU B 76 -29.21 -44.99 38.88
CA GLU B 76 -30.06 -44.11 39.67
C GLU B 76 -29.58 -44.01 41.13
N SER B 77 -29.20 -45.15 41.69
CA SER B 77 -28.73 -45.24 43.07
C SER B 77 -27.55 -46.22 43.15
N ALA B 78 -26.99 -46.38 44.34
CA ALA B 78 -26.03 -47.45 44.61
C ALA B 78 -26.74 -48.80 44.51
N PRO B 79 -25.98 -49.87 44.21
CA PRO B 79 -26.54 -51.23 44.23
C PRO B 79 -27.26 -51.53 45.55
N GLY B 80 -28.44 -52.15 45.44
CA GLY B 80 -29.27 -52.46 46.61
C GLY B 80 -28.73 -53.62 47.43
N ARG B 81 -29.58 -54.16 48.30
CA ARG B 81 -29.20 -55.22 49.25
C ARG B 81 -28.73 -56.50 48.56
N ARG B 82 -29.39 -56.84 47.46
CA ARG B 82 -29.04 -58.02 46.66
C ARG B 82 -28.08 -57.69 45.50
N GLY B 83 -27.35 -56.59 45.63
CA GLY B 83 -26.42 -56.14 44.59
C GLY B 83 -27.09 -55.81 43.26
N GLU B 84 -28.32 -55.31 43.33
CA GLU B 84 -29.14 -55.11 42.14
C GLU B 84 -29.41 -53.63 41.84
N VAL B 85 -29.18 -53.26 40.58
CA VAL B 85 -29.61 -51.96 40.06
C VAL B 85 -30.77 -52.22 39.11
N GLN B 86 -31.57 -51.18 38.83
CA GLN B 86 -32.60 -51.30 37.82
C GLN B 86 -32.01 -51.09 36.42
N ASP B 87 -32.03 -49.86 35.93
CA ASP B 87 -31.43 -49.54 34.64
C ASP B 87 -30.00 -49.08 34.80
N LEU B 88 -29.17 -49.44 33.82
CA LEU B 88 -27.77 -49.01 33.81
C LEU B 88 -27.48 -48.29 32.51
N TYR B 89 -26.69 -47.21 32.61
CA TYR B 89 -26.41 -46.35 31.46
C TYR B 89 -24.92 -46.27 31.16
N LEU B 90 -24.57 -46.50 29.91
CA LEU B 90 -23.21 -46.29 29.46
C LEU B 90 -23.14 -44.94 28.75
N VAL B 91 -22.48 -43.99 29.39
CA VAL B 91 -22.50 -42.60 28.97
C VAL B 91 -21.17 -42.19 28.35
N GLY B 92 -21.18 -41.95 27.04
CA GLY B 92 -20.01 -41.43 26.35
C GLY B 92 -20.09 -39.94 26.12
N ARG B 93 -19.02 -39.23 26.48
CA ARG B 93 -18.90 -37.82 26.14
C ARG B 93 -17.71 -37.56 25.21
N GLY B 94 -17.68 -38.30 24.11
CA GLY B 94 -16.82 -37.99 22.96
C GLY B 94 -15.40 -38.51 22.93
N ASP B 95 -15.13 -39.62 23.62
CA ASP B 95 -13.81 -40.24 23.56
C ASP B 95 -13.61 -40.92 22.21
N PRO B 96 -12.61 -40.48 21.43
CA PRO B 96 -12.37 -41.12 20.15
C PRO B 96 -11.35 -42.26 20.26
N THR B 97 -11.02 -42.65 21.49
CA THR B 97 -10.03 -43.69 21.71
C THR B 97 -10.52 -44.72 22.72
N LEU B 98 -11.83 -44.89 22.79
CA LEU B 98 -12.42 -45.84 23.72
C LEU B 98 -12.38 -47.23 23.11
N SER B 99 -11.69 -48.15 23.77
CA SER B 99 -11.46 -49.49 23.23
C SER B 99 -12.28 -50.55 23.96
N ALA B 100 -12.33 -51.75 23.38
CA ALA B 100 -12.95 -52.93 24.03
C ALA B 100 -12.38 -53.21 25.43
N GLU B 101 -11.06 -53.02 25.58
CA GLU B 101 -10.38 -53.20 26.87
C GLU B 101 -10.79 -52.15 27.88
N ASP B 102 -10.98 -50.92 27.43
CA ASP B 102 -11.47 -49.85 28.27
C ASP B 102 -12.87 -50.19 28.78
N LEU B 103 -13.64 -50.84 27.92
CA LEU B 103 -14.98 -51.31 28.29
C LEU B 103 -14.90 -52.44 29.31
N ASP B 104 -13.95 -53.36 29.12
CA ASP B 104 -13.74 -54.45 30.07
C ASP B 104 -13.34 -53.95 31.47
N ALA B 105 -12.46 -52.94 31.51
CA ALA B 105 -12.02 -52.33 32.77
C ALA B 105 -13.17 -51.67 33.52
N MET B 106 -14.06 -51.02 32.78
CA MET B 106 -15.25 -50.38 33.36
C MET B 106 -16.27 -51.41 33.83
N ALA B 107 -16.38 -52.52 33.10
CA ALA B 107 -17.23 -53.63 33.50
C ALA B 107 -16.76 -54.26 34.81
N ALA B 108 -15.44 -54.32 34.99
CA ALA B 108 -14.84 -54.82 36.23
C ALA B 108 -15.11 -53.87 37.40
N GLU B 109 -15.11 -52.57 37.11
CA GLU B 109 -15.41 -51.54 38.12
C GLU B 109 -16.86 -51.62 38.60
N VAL B 110 -17.78 -51.88 37.68
CA VAL B 110 -19.19 -52.08 38.02
C VAL B 110 -19.32 -53.23 39.00
N ALA B 111 -18.69 -54.36 38.69
CA ALA B 111 -18.66 -55.53 39.55
C ALA B 111 -18.09 -55.20 40.94
N ALA B 112 -16.98 -54.48 40.95
CA ALA B 112 -16.29 -54.07 42.18
C ALA B 112 -17.11 -53.10 43.03
N SER B 113 -17.96 -52.31 42.38
CA SER B 113 -18.89 -51.41 43.07
C SER B 113 -20.02 -52.16 43.82
N GLY B 114 -20.07 -53.48 43.65
CA GLY B 114 -21.05 -54.29 44.34
C GLY B 114 -22.26 -54.63 43.50
N VAL B 115 -22.16 -54.43 42.18
CA VAL B 115 -23.25 -54.79 41.28
C VAL B 115 -23.10 -56.22 40.80
N ARG B 116 -24.22 -56.94 40.79
CA ARG B 116 -24.25 -58.35 40.45
C ARG B 116 -25.39 -58.59 39.45
N THR B 117 -26.43 -57.77 39.53
CA THR B 117 -27.60 -57.93 38.67
C THR B 117 -28.11 -56.58 38.15
N VAL B 118 -28.30 -56.52 36.83
CA VAL B 118 -29.02 -55.42 36.21
C VAL B 118 -30.41 -55.97 35.86
N ARG B 119 -31.42 -55.55 36.63
CA ARG B 119 -32.78 -56.08 36.49
C ARG B 119 -33.57 -55.40 35.37
N GLY B 120 -33.29 -54.12 35.16
CA GLY B 120 -33.84 -53.39 34.03
C GLY B 120 -32.94 -53.46 32.81
N ASP B 121 -32.88 -52.37 32.06
CA ASP B 121 -32.23 -52.38 30.76
C ASP B 121 -30.86 -51.70 30.75
N LEU B 122 -30.05 -52.08 29.78
CA LEU B 122 -28.77 -51.42 29.53
C LEU B 122 -28.91 -50.43 28.38
N TYR B 123 -28.64 -49.16 28.69
CA TYR B 123 -28.76 -48.08 27.72
C TYR B 123 -27.41 -47.52 27.31
N ALA B 124 -27.23 -47.33 26.02
CA ALA B 124 -26.09 -46.58 25.51
C ALA B 124 -26.52 -45.14 25.33
N ASP B 125 -25.86 -44.24 26.06
CA ASP B 125 -26.18 -42.82 26.04
C ASP B 125 -25.14 -42.03 25.27
N ASP B 126 -25.49 -41.67 24.04
CA ASP B 126 -24.61 -40.82 23.24
C ASP B 126 -25.21 -39.45 22.98
N THR B 127 -26.11 -39.04 23.88
CA THR B 127 -26.82 -37.77 23.75
C THR B 127 -25.92 -36.55 23.90
N TRP B 128 -24.69 -36.74 24.38
CA TRP B 128 -23.71 -35.65 24.46
C TRP B 128 -23.53 -34.96 23.10
N PHE B 129 -23.56 -35.75 22.03
CA PHE B 129 -23.67 -35.21 20.67
C PHE B 129 -25.11 -35.43 20.16
N ASP B 130 -25.48 -34.71 19.10
CA ASP B 130 -26.77 -34.97 18.48
C ASP B 130 -26.68 -36.30 17.72
N SER B 131 -27.83 -36.80 17.25
CA SER B 131 -27.87 -38.11 16.62
C SER B 131 -27.73 -38.06 15.10
N GLU B 132 -27.23 -36.93 14.58
CA GLU B 132 -26.92 -36.84 13.15
C GLU B 132 -25.61 -37.60 12.90
N ARG B 133 -25.71 -38.72 12.19
CA ARG B 133 -24.59 -39.65 12.05
C ARG B 133 -23.64 -39.32 10.91
N LEU B 134 -24.15 -38.64 9.89
CA LEU B 134 -23.39 -38.39 8.68
C LEU B 134 -23.69 -37.00 8.16
N VAL B 135 -22.70 -36.38 7.54
CA VAL B 135 -22.92 -35.11 6.85
C VAL B 135 -23.79 -35.36 5.63
N ASP B 136 -24.74 -34.45 5.39
CA ASP B 136 -25.72 -34.58 4.31
C ASP B 136 -25.10 -34.90 2.95
N ASP B 137 -24.03 -34.18 2.58
CA ASP B 137 -23.44 -34.34 1.27
C ASP B 137 -22.38 -35.44 1.14
N TRP B 138 -22.21 -36.26 2.17
CA TRP B 138 -21.40 -37.47 2.05
C TRP B 138 -22.08 -38.47 1.12
N TRP B 139 -21.29 -39.32 0.48
CA TRP B 139 -21.83 -40.33 -0.42
C TRP B 139 -22.24 -41.59 0.35
N PRO B 140 -23.49 -42.06 0.15
CA PRO B 140 -23.99 -43.32 0.74
C PRO B 140 -23.19 -44.55 0.28
N GLU B 141 -22.60 -44.47 -0.90
CA GLU B 141 -21.80 -45.54 -1.48
C GLU B 141 -20.52 -45.81 -0.67
N ASP B 142 -20.10 -44.81 0.12
CA ASP B 142 -18.90 -44.89 0.95
C ASP B 142 -19.17 -45.38 2.37
N GLU B 143 -20.44 -45.40 2.75
CA GLU B 143 -20.84 -45.71 4.13
C GLU B 143 -20.32 -47.01 4.75
N PRO B 144 -20.05 -48.06 3.94
CA PRO B 144 -19.53 -49.26 4.61
C PRO B 144 -18.07 -49.13 5.08
N TYR B 145 -17.31 -48.22 4.48
CA TYR B 145 -15.89 -48.13 4.77
C TYR B 145 -15.60 -47.27 6.00
N ALA B 146 -14.53 -47.63 6.70
CA ALA B 146 -14.11 -46.98 7.96
C ALA B 146 -13.97 -45.46 7.90
N TYR B 147 -13.57 -44.95 6.73
CA TYR B 147 -13.37 -43.51 6.62
C TYR B 147 -14.69 -42.74 6.66
N SER B 148 -15.79 -43.48 6.56
CA SER B 148 -17.13 -42.91 6.56
C SER B 148 -18.00 -43.39 7.73
N ALA B 149 -17.35 -43.77 8.82
CA ALA B 149 -18.03 -44.27 10.01
C ALA B 149 -19.01 -43.25 10.57
N GLN B 150 -20.11 -43.74 11.14
CA GLN B 150 -21.14 -42.88 11.73
C GLN B 150 -20.59 -42.20 12.97
N ILE B 151 -20.92 -40.92 13.14
CA ILE B 151 -20.37 -40.13 14.23
C ILE B 151 -21.29 -40.19 15.44
N SER B 152 -20.70 -40.56 16.58
CA SER B 152 -21.41 -40.70 17.86
C SER B 152 -20.51 -40.27 19.01
N ALA B 153 -21.12 -39.77 20.09
CA ALA B 153 -20.38 -39.40 21.30
C ALA B 153 -19.89 -40.63 22.05
N LEU B 154 -20.55 -41.76 21.82
CA LEU B 154 -20.15 -43.03 22.38
C LEU B 154 -19.84 -44.02 21.26
N THR B 155 -18.56 -44.30 21.07
CA THR B 155 -18.15 -45.23 20.02
C THR B 155 -16.92 -46.07 20.43
N VAL B 156 -16.82 -47.27 19.86
CA VAL B 156 -15.71 -48.17 20.12
C VAL B 156 -14.62 -48.00 19.05
N ALA B 157 -13.41 -47.67 19.50
CA ALA B 157 -12.25 -47.51 18.64
C ALA B 157 -11.51 -48.83 18.53
N HIS B 158 -11.12 -49.19 17.30
CA HIS B 158 -10.47 -50.46 17.02
C HIS B 158 -9.01 -50.24 16.75
N GLY B 159 -8.18 -51.09 17.35
CA GLY B 159 -6.73 -51.10 17.11
C GLY B 159 -6.02 -49.89 17.68
N GLU B 160 -4.69 -49.87 17.55
CA GLU B 160 -3.91 -48.74 18.05
C GLU B 160 -4.07 -47.45 17.25
N ARG B 161 -4.59 -47.55 16.03
CA ARG B 161 -4.90 -46.35 15.23
C ARG B 161 -6.26 -45.75 15.58
N PHE B 162 -7.07 -46.51 16.34
CA PHE B 162 -8.36 -46.04 16.88
C PHE B 162 -9.39 -45.66 15.81
N ASP B 163 -9.70 -46.61 14.92
CA ASP B 163 -10.77 -46.46 13.94
C ASP B 163 -12.11 -46.71 14.63
N THR B 164 -12.94 -45.68 14.67
CA THR B 164 -14.19 -45.69 15.44
C THR B 164 -15.39 -46.24 14.65
N GLY B 165 -16.37 -46.77 15.38
CA GLY B 165 -17.63 -47.23 14.79
C GLY B 165 -17.49 -48.30 13.72
N VAL B 166 -16.49 -49.16 13.87
CA VAL B 166 -16.24 -50.23 12.92
C VAL B 166 -16.15 -51.59 13.61
N THR B 167 -16.08 -52.63 12.80
CA THR B 167 -15.87 -54.00 13.28
C THR B 167 -14.96 -54.72 12.30
N GLU B 168 -14.17 -55.66 12.80
CA GLU B 168 -13.25 -56.42 11.95
C GLU B 168 -13.96 -57.63 11.33
N VAL B 169 -14.18 -57.56 10.03
CA VAL B 169 -14.72 -58.70 9.30
C VAL B 169 -13.55 -59.52 8.76
N SER B 170 -13.52 -60.81 9.10
CA SER B 170 -12.53 -61.71 8.53
C SER B 170 -13.25 -62.85 7.80
N VAL B 171 -12.79 -63.14 6.58
CA VAL B 171 -13.38 -64.16 5.75
C VAL B 171 -12.29 -65.16 5.38
N THR B 172 -12.49 -66.42 5.75
CA THR B 172 -11.51 -67.46 5.48
C THR B 172 -12.05 -68.47 4.45
N PRO B 173 -11.16 -69.03 3.61
CA PRO B 173 -11.58 -70.07 2.67
C PRO B 173 -11.88 -71.37 3.40
N ALA B 174 -12.93 -72.05 2.97
CA ALA B 174 -13.27 -73.35 3.52
C ALA B 174 -13.22 -74.40 2.40
N ALA B 175 -14.23 -75.26 2.31
CA ALA B 175 -14.29 -76.24 1.24
C ALA B 175 -14.74 -75.57 -0.05
N GLU B 176 -14.12 -75.94 -1.16
CA GLU B 176 -14.45 -75.33 -2.46
C GLU B 176 -15.86 -75.71 -2.89
N GLY B 177 -16.56 -74.72 -3.43
CA GLY B 177 -17.97 -74.84 -3.77
C GLY B 177 -18.87 -74.54 -2.60
N GLU B 178 -18.30 -74.42 -1.40
CA GLU B 178 -19.07 -74.19 -0.19
C GLU B 178 -18.91 -72.76 0.32
N PRO B 179 -19.88 -72.28 1.12
CA PRO B 179 -19.81 -70.93 1.67
C PRO B 179 -18.51 -70.70 2.44
N ALA B 180 -17.92 -69.52 2.26
CA ALA B 180 -16.73 -69.14 2.99
C ALA B 180 -17.10 -68.91 4.45
N ASP B 181 -16.16 -69.20 5.35
CA ASP B 181 -16.37 -68.98 6.78
C ASP B 181 -16.17 -67.49 7.09
N VAL B 182 -17.19 -66.89 7.70
CA VAL B 182 -17.20 -65.46 7.96
C VAL B 182 -17.36 -65.15 9.45
N ASP B 183 -16.39 -64.44 10.01
CA ASP B 183 -16.49 -63.91 11.37
C ASP B 183 -16.64 -62.40 11.29
N LEU B 184 -17.58 -61.87 12.07
CA LEU B 184 -17.90 -60.44 12.02
C LEU B 184 -17.14 -59.61 13.05
N GLY B 185 -16.24 -60.25 13.80
CA GLY B 185 -15.50 -59.59 14.86
C GLY B 185 -16.37 -59.17 16.02
N ALA B 186 -16.18 -57.94 16.47
CA ALA B 186 -16.92 -57.36 17.59
C ALA B 186 -18.43 -57.31 17.38
N ALA B 187 -18.85 -57.15 16.13
CA ALA B 187 -20.27 -57.02 15.81
C ALA B 187 -21.03 -58.34 15.72
N GLU B 188 -20.36 -59.44 16.11
CA GLU B 188 -21.01 -60.74 16.21
C GLU B 188 -22.15 -60.65 17.22
N GLY B 189 -23.33 -61.06 16.80
CA GLY B 189 -24.50 -60.99 17.67
C GLY B 189 -25.17 -59.63 17.67
N TYR B 190 -24.51 -58.63 17.08
CA TYR B 190 -25.11 -57.30 16.94
C TYR B 190 -25.55 -57.03 15.50
N ALA B 191 -24.66 -57.27 14.54
CA ALA B 191 -24.98 -57.10 13.13
C ALA B 191 -25.45 -58.43 12.53
N GLU B 192 -26.34 -58.32 11.54
CA GLU B 192 -26.82 -59.49 10.81
C GLU B 192 -25.83 -59.86 9.72
N LEU B 193 -25.69 -61.16 9.47
CA LEU B 193 -24.83 -61.64 8.40
C LEU B 193 -25.63 -62.14 7.20
N ASP B 194 -25.21 -61.72 6.01
CA ASP B 194 -25.77 -62.21 4.76
C ASP B 194 -24.64 -62.79 3.91
N ASN B 195 -24.37 -64.08 4.11
CA ASN B 195 -23.23 -64.74 3.48
C ASN B 195 -23.61 -65.47 2.20
N ARG B 196 -23.26 -64.88 1.06
CA ARG B 196 -23.52 -65.48 -0.24
C ARG B 196 -22.22 -65.70 -1.03
N ALA B 197 -21.11 -65.92 -0.32
CA ALA B 197 -19.79 -66.09 -0.94
C ALA B 197 -19.29 -67.54 -0.93
N VAL B 198 -18.72 -67.97 -2.07
CA VAL B 198 -18.12 -69.29 -2.22
C VAL B 198 -16.64 -69.33 -1.91
N THR B 199 -16.17 -70.49 -1.48
CA THR B 199 -14.76 -70.82 -1.59
C THR B 199 -14.57 -71.30 -3.02
N GLY B 200 -13.71 -70.57 -3.76
CA GLY B 200 -13.40 -70.93 -5.14
C GLY B 200 -12.24 -71.89 -5.20
N ALA B 201 -12.01 -72.46 -6.38
CA ALA B 201 -10.89 -73.36 -6.62
C ALA B 201 -9.55 -72.67 -6.27
N ALA B 202 -8.60 -73.46 -5.78
CA ALA B 202 -7.26 -72.96 -5.56
C ALA B 202 -6.74 -72.34 -6.85
N GLY B 203 -6.11 -71.17 -6.74
CA GLY B 203 -5.59 -70.45 -7.89
C GLY B 203 -6.63 -69.83 -8.80
N SER B 204 -7.82 -69.57 -8.27
CA SER B 204 -8.81 -68.79 -9.00
C SER B 204 -8.68 -67.33 -8.53
N ALA B 205 -9.43 -66.41 -9.15
CA ALA B 205 -9.31 -65.00 -8.79
C ALA B 205 -10.10 -64.66 -7.53
N ASN B 206 -9.53 -63.80 -6.70
CA ASN B 206 -10.20 -63.32 -5.51
C ASN B 206 -11.18 -62.20 -5.85
N THR B 207 -12.47 -62.54 -5.93
CA THR B 207 -13.51 -61.56 -6.27
C THR B 207 -14.39 -61.23 -5.05
N LEU B 208 -13.84 -61.39 -3.87
CA LEU B 208 -14.61 -61.23 -2.64
C LEU B 208 -14.99 -59.79 -2.38
N VAL B 209 -16.28 -59.55 -2.17
CA VAL B 209 -16.77 -58.24 -1.80
C VAL B 209 -17.46 -58.32 -0.44
N ILE B 210 -17.04 -57.44 0.48
CA ILE B 210 -17.67 -57.30 1.78
C ILE B 210 -18.32 -55.92 1.82
N ASP B 211 -19.63 -55.89 2.02
CA ASP B 211 -20.42 -54.69 1.88
C ASP B 211 -21.44 -54.57 3.01
N ARG B 212 -21.82 -53.34 3.34
CA ARG B 212 -23.00 -53.10 4.17
C ARG B 212 -24.03 -52.32 3.34
N PRO B 213 -25.07 -53.00 2.84
CA PRO B 213 -26.07 -52.32 2.01
C PRO B 213 -26.63 -51.12 2.75
N VAL B 214 -26.84 -50.03 2.03
CA VAL B 214 -27.23 -48.74 2.62
C VAL B 214 -28.46 -48.85 3.53
N GLY B 215 -28.40 -48.19 4.68
CA GLY B 215 -29.50 -48.14 5.61
C GLY B 215 -29.77 -49.39 6.42
N THR B 216 -28.94 -50.41 6.26
CA THR B 216 -29.09 -51.66 7.04
C THR B 216 -27.97 -51.80 8.06
N ASN B 217 -28.12 -52.77 8.97
CA ASN B 217 -27.02 -53.18 9.86
C ASN B 217 -26.59 -54.60 9.47
N THR B 218 -26.59 -54.84 8.16
CA THR B 218 -26.31 -56.16 7.61
C THR B 218 -24.97 -56.14 6.89
N ILE B 219 -24.08 -57.05 7.27
CA ILE B 219 -22.87 -57.28 6.49
C ILE B 219 -23.19 -58.31 5.41
N ALA B 220 -23.01 -57.91 4.16
CA ALA B 220 -23.24 -58.78 3.01
C ALA B 220 -21.92 -59.14 2.34
N VAL B 221 -21.65 -60.44 2.25
CA VAL B 221 -20.43 -60.95 1.66
C VAL B 221 -20.80 -61.67 0.37
N THR B 222 -20.17 -61.27 -0.74
CA THR B 222 -20.42 -61.89 -2.03
C THR B 222 -19.10 -62.19 -2.73
N GLY B 223 -19.18 -62.82 -3.90
CA GLY B 223 -17.99 -63.14 -4.68
C GLY B 223 -17.30 -64.42 -4.23
N SER B 224 -16.16 -64.69 -4.85
CA SER B 224 -15.45 -65.94 -4.66
C SER B 224 -14.12 -65.73 -3.93
N LEU B 225 -13.80 -66.64 -3.02
CA LEU B 225 -12.51 -66.61 -2.34
C LEU B 225 -11.74 -67.91 -2.58
N PRO B 226 -10.58 -67.82 -3.26
CA PRO B 226 -9.84 -69.03 -3.63
C PRO B 226 -9.33 -69.79 -2.40
N ALA B 227 -9.41 -71.13 -2.46
CA ALA B 227 -9.09 -72.00 -1.34
C ALA B 227 -7.68 -71.83 -0.79
N ASP B 228 -6.74 -71.48 -1.67
CA ASP B 228 -5.34 -71.30 -1.29
C ASP B 228 -4.99 -69.86 -0.89
N ALA B 229 -6.01 -69.01 -0.76
CA ALA B 229 -5.78 -67.63 -0.39
C ALA B 229 -5.66 -67.47 1.13
N ALA B 230 -4.96 -66.42 1.53
CA ALA B 230 -4.89 -66.00 2.93
C ALA B 230 -6.28 -65.50 3.38
N PRO B 231 -6.57 -65.57 4.69
CA PRO B 231 -7.81 -64.96 5.18
C PRO B 231 -7.90 -63.50 4.75
N VAL B 232 -9.12 -63.03 4.46
CA VAL B 232 -9.32 -61.62 4.15
C VAL B 232 -9.76 -60.91 5.42
N THR B 233 -9.07 -59.83 5.77
CA THR B 233 -9.41 -59.02 6.93
C THR B 233 -9.74 -57.59 6.50
N ALA B 234 -10.96 -57.16 6.80
CA ALA B 234 -11.42 -55.83 6.41
C ALA B 234 -12.22 -55.16 7.53
N LEU B 235 -12.02 -53.85 7.68
CA LEU B 235 -12.80 -53.06 8.63
C LEU B 235 -14.04 -52.55 7.91
N ARG B 236 -15.21 -52.81 8.51
CA ARG B 236 -16.46 -52.29 7.99
C ARG B 236 -17.25 -51.56 9.08
N THR B 237 -18.06 -50.59 8.67
CA THR B 237 -18.83 -49.78 9.61
C THR B 237 -20.09 -50.53 10.07
N VAL B 238 -20.62 -50.13 11.21
CA VAL B 238 -21.91 -50.63 11.69
C VAL B 238 -22.90 -49.48 11.83
N ASP B 239 -24.19 -49.79 11.74
CA ASP B 239 -25.23 -48.83 12.07
C ASP B 239 -25.24 -48.63 13.60
N GLU B 240 -25.29 -47.38 14.02
CA GLU B 240 -25.32 -47.00 15.44
C GLU B 240 -24.11 -47.50 16.26
N PRO B 241 -22.99 -46.78 16.19
CA PRO B 241 -21.79 -47.13 16.95
C PRO B 241 -22.06 -47.27 18.45
N ALA B 242 -22.83 -46.36 19.02
CA ALA B 242 -23.17 -46.39 20.45
C ALA B 242 -23.87 -47.68 20.87
N ALA B 243 -24.72 -48.21 20.00
CA ALA B 243 -25.44 -49.45 20.28
C ALA B 243 -24.51 -50.65 20.21
N LEU B 244 -23.45 -50.54 19.42
CA LEU B 244 -22.41 -51.56 19.39
C LEU B 244 -21.62 -51.52 20.70
N ALA B 245 -21.24 -50.30 21.11
CA ALA B 245 -20.62 -50.09 22.42
C ALA B 245 -21.48 -50.70 23.53
N GLY B 246 -22.80 -50.57 23.39
CA GLY B 246 -23.73 -51.18 24.33
C GLY B 246 -23.57 -52.70 24.33
N HIS B 247 -23.70 -53.29 23.14
CA HIS B 247 -23.56 -54.74 22.93
C HIS B 247 -22.26 -55.28 23.52
N LEU B 248 -21.14 -54.59 23.25
CA LEU B 248 -19.83 -55.00 23.75
C LEU B 248 -19.72 -54.89 25.27
N PHE B 249 -20.40 -53.90 25.83
CA PHE B 249 -20.36 -53.67 27.27
C PHE B 249 -21.16 -54.72 28.02
N GLU B 250 -22.26 -55.18 27.41
CA GLU B 250 -23.09 -56.23 27.98
C GLU B 250 -22.30 -57.52 28.10
N GLU B 251 -21.62 -57.87 27.01
CA GLU B 251 -20.71 -59.02 26.99
C GLU B 251 -19.66 -58.91 28.09
N ALA B 252 -19.09 -57.71 28.22
CA ALA B 252 -18.03 -57.43 29.21
C ALA B 252 -18.53 -57.51 30.65
N LEU B 253 -19.79 -57.13 30.88
CA LEU B 253 -20.41 -57.29 32.18
C LEU B 253 -20.63 -58.76 32.54
N GLU B 254 -21.12 -59.55 31.59
CA GLU B 254 -21.35 -60.99 31.81
C GLU B 254 -20.07 -61.75 32.13
N SER B 255 -18.95 -61.28 31.59
CA SER B 255 -17.64 -61.90 31.85
C SER B 255 -17.13 -61.57 33.25
N ASN B 256 -17.52 -60.41 33.76
CA ASN B 256 -17.11 -59.96 35.09
C ASN B 256 -18.18 -60.17 36.17
N GLY B 257 -19.13 -61.06 35.87
CA GLY B 257 -20.11 -61.52 36.86
C GLY B 257 -21.41 -60.76 37.01
N VAL B 258 -21.70 -59.86 36.08
CA VAL B 258 -22.94 -59.07 36.14
C VAL B 258 -23.96 -59.60 35.14
N THR B 259 -25.15 -59.94 35.64
CA THR B 259 -26.24 -60.44 34.80
C THR B 259 -27.10 -59.27 34.33
N VAL B 260 -27.39 -59.23 33.03
CA VAL B 260 -28.29 -58.22 32.48
C VAL B 260 -29.60 -58.87 32.04
N LYS B 261 -30.68 -58.54 32.75
CA LYS B 261 -31.99 -59.16 32.48
C LYS B 261 -32.64 -58.58 31.22
N GLY B 262 -32.72 -57.25 31.17
CA GLY B 262 -33.41 -56.54 30.10
C GLY B 262 -32.64 -56.46 28.80
N ASP B 263 -32.93 -55.42 28.02
CA ASP B 263 -32.43 -55.26 26.67
C ASP B 263 -31.29 -54.25 26.58
N VAL B 264 -30.57 -54.28 25.47
CA VAL B 264 -29.55 -53.27 25.20
C VAL B 264 -30.03 -52.36 24.07
N GLY B 265 -30.08 -51.07 24.36
CA GLY B 265 -30.56 -50.09 23.39
C GLY B 265 -30.07 -48.69 23.68
N LEU B 266 -30.56 -47.72 22.91
CA LEU B 266 -30.16 -46.33 23.07
C LEU B 266 -31.13 -45.60 23.99
N GLY B 267 -30.59 -44.72 24.82
CA GLY B 267 -31.38 -43.92 25.74
C GLY B 267 -30.51 -42.99 26.56
N GLY B 268 -31.03 -41.80 26.82
CA GLY B 268 -30.30 -40.83 27.63
C GLY B 268 -30.66 -40.92 29.09
N VAL B 269 -29.68 -40.69 29.95
CA VAL B 269 -29.92 -40.51 31.38
C VAL B 269 -31.14 -39.60 31.57
N PRO B 270 -32.15 -40.09 32.32
CA PRO B 270 -33.50 -39.52 32.46
C PRO B 270 -33.65 -38.02 32.77
N ALA B 271 -32.61 -37.39 33.32
CA ALA B 271 -32.63 -35.94 33.61
C ALA B 271 -33.45 -35.57 34.85
N ASP B 272 -34.46 -36.39 35.17
CA ASP B 272 -35.16 -36.31 36.46
C ASP B 272 -34.37 -37.03 37.56
N TRP B 273 -33.24 -37.62 37.19
CA TRP B 273 -32.31 -38.23 38.13
C TRP B 273 -31.48 -37.13 38.79
N GLN B 274 -31.70 -36.94 40.08
CA GLN B 274 -31.09 -35.82 40.80
C GLN B 274 -29.70 -36.13 41.34
N ASP B 275 -29.48 -37.36 41.79
CA ASP B 275 -28.18 -37.76 42.33
C ASP B 275 -27.71 -39.11 41.78
N ALA B 276 -27.38 -39.13 40.49
CA ALA B 276 -26.96 -40.35 39.81
C ALA B 276 -25.71 -40.95 40.43
N GLU B 277 -25.69 -42.27 40.54
CA GLU B 277 -24.53 -42.99 41.06
C GLU B 277 -23.63 -43.39 39.91
N VAL B 278 -22.42 -42.81 39.88
CA VAL B 278 -21.39 -43.17 38.91
C VAL B 278 -20.66 -44.41 39.42
N LEU B 279 -20.88 -45.53 38.75
CA LEU B 279 -20.35 -46.81 39.19
C LEU B 279 -18.98 -47.11 38.57
N ALA B 280 -18.71 -46.51 37.42
CA ALA B 280 -17.46 -46.71 36.71
C ALA B 280 -17.16 -45.54 35.78
N ASP B 281 -15.89 -45.25 35.60
CA ASP B 281 -15.49 -44.20 34.67
C ASP B 281 -14.23 -44.58 33.89
N HIS B 282 -13.93 -43.79 32.86
CA HIS B 282 -12.68 -43.89 32.13
C HIS B 282 -12.30 -42.51 31.61
N THR B 283 -11.01 -42.24 31.63
CA THR B 283 -10.46 -40.97 31.16
C THR B 283 -9.46 -41.28 30.04
N SER B 284 -9.63 -40.60 28.91
CA SER B 284 -8.77 -40.81 27.77
C SER B 284 -7.42 -40.12 27.97
N ALA B 285 -6.47 -40.44 27.09
CA ALA B 285 -5.24 -39.68 26.95
C ALA B 285 -5.58 -38.23 26.63
N GLU B 286 -4.64 -37.33 26.89
CA GLU B 286 -4.86 -35.91 26.58
C GLU B 286 -4.86 -35.68 25.07
N LEU B 287 -5.54 -34.61 24.64
CA LEU B 287 -5.67 -34.27 23.22
C LEU B 287 -4.34 -34.30 22.46
N SER B 288 -3.30 -33.74 23.09
CA SER B 288 -1.96 -33.71 22.54
C SER B 288 -1.52 -35.08 22.01
N GLU B 289 -1.80 -36.13 22.79
CA GLU B 289 -1.35 -37.48 22.46
C GLU B 289 -2.28 -38.15 21.46
N ILE B 290 -3.57 -37.77 21.53
CA ILE B 290 -4.57 -38.25 20.58
C ILE B 290 -4.31 -37.71 19.17
N LEU B 291 -3.73 -36.51 19.10
CA LEU B 291 -3.42 -35.87 17.82
C LEU B 291 -2.54 -36.69 16.89
N VAL B 292 -1.64 -37.50 17.46
CA VAL B 292 -0.72 -38.31 16.67
C VAL B 292 -1.49 -39.27 15.75
N PRO B 293 -2.18 -40.29 16.30
CA PRO B 293 -2.93 -41.21 15.42
C PRO B 293 -3.98 -40.50 14.57
N PHE B 294 -4.50 -39.38 15.07
CA PHE B 294 -5.48 -38.58 14.34
C PHE B 294 -4.87 -37.98 13.07
N MET B 295 -3.77 -37.26 13.22
CA MET B 295 -3.16 -36.54 12.08
C MET B 295 -2.24 -37.42 11.22
N LYS B 296 -1.55 -38.35 11.86
CA LYS B 296 -0.63 -39.24 11.14
C LYS B 296 -1.36 -40.10 10.11
N PHE B 297 -2.51 -40.64 10.49
CA PHE B 297 -3.26 -41.55 9.64
C PHE B 297 -4.51 -40.92 9.03
N SER B 298 -4.75 -39.66 9.38
CA SER B 298 -5.85 -38.88 8.83
C SER B 298 -7.20 -39.56 9.11
N ASN B 299 -7.54 -39.65 10.39
CA ASN B 299 -8.72 -40.33 10.87
C ASN B 299 -9.94 -39.41 10.78
N ASN B 300 -10.84 -39.69 9.83
CA ASN B 300 -12.06 -38.89 9.63
C ASN B 300 -12.96 -38.81 10.87
N GLY B 301 -13.29 -39.95 11.45
CA GLY B 301 -14.13 -40.00 12.66
C GLY B 301 -13.62 -39.19 13.84
N HIS B 302 -12.30 -39.15 14.05
CA HIS B 302 -11.70 -38.29 15.06
C HIS B 302 -12.04 -36.83 14.80
N ALA B 303 -11.90 -36.41 13.55
CA ALA B 303 -12.10 -35.01 13.18
C ALA B 303 -13.53 -34.56 13.44
N GLU B 304 -14.50 -35.39 13.09
CA GLU B 304 -15.89 -34.99 13.24
C GLU B 304 -16.30 -34.98 14.71
N MET B 305 -15.72 -35.91 15.48
CA MET B 305 -15.96 -35.96 16.91
C MET B 305 -15.42 -34.69 17.58
N LEU B 306 -14.21 -34.28 17.18
CA LEU B 306 -13.63 -33.04 17.69
C LEU B 306 -14.48 -31.82 17.34
N VAL B 307 -15.00 -31.77 16.11
CA VAL B 307 -15.88 -30.66 15.70
C VAL B 307 -17.12 -30.58 16.59
N LYS B 308 -17.74 -31.72 16.88
CA LYS B 308 -18.90 -31.73 17.76
C LYS B 308 -18.55 -31.41 19.21
N SER B 309 -17.35 -31.82 19.63
CA SER B 309 -16.82 -31.46 20.96
C SER B 309 -16.62 -29.96 21.10
N ILE B 310 -16.14 -29.33 20.03
CA ILE B 310 -16.01 -27.87 19.97
C ILE B 310 -17.40 -27.23 20.07
N GLY B 311 -18.38 -27.84 19.40
CA GLY B 311 -19.77 -27.41 19.50
C GLY B 311 -20.28 -27.40 20.93
N GLN B 312 -19.83 -28.36 21.73
CA GLN B 312 -20.24 -28.45 23.12
C GLN B 312 -19.61 -27.36 23.98
N GLU B 313 -18.31 -27.16 23.83
CA GLU B 313 -17.59 -26.15 24.60
C GLU B 313 -18.06 -24.74 24.21
N THR B 314 -18.10 -24.45 22.92
CA THR B 314 -18.39 -23.09 22.44
C THR B 314 -19.87 -22.71 22.46
N ALA B 315 -20.75 -23.70 22.63
CA ALA B 315 -22.20 -23.46 22.52
C ALA B 315 -23.09 -24.42 23.32
N GLY B 316 -22.47 -25.39 24.00
CA GLY B 316 -23.21 -26.40 24.74
C GLY B 316 -24.07 -27.30 23.85
N ALA B 317 -23.64 -27.48 22.61
CA ALA B 317 -24.39 -28.23 21.62
C ALA B 317 -23.48 -29.08 20.72
N GLY B 318 -23.52 -30.39 20.93
CA GLY B 318 -22.68 -31.32 20.15
C GLY B 318 -23.21 -31.53 18.75
N THR B 319 -23.07 -30.51 17.91
CA THR B 319 -23.59 -30.54 16.55
C THR B 319 -22.56 -30.01 15.56
N TRP B 320 -22.71 -30.40 14.29
CA TRP B 320 -21.90 -29.86 13.22
C TRP B 320 -22.14 -28.37 13.00
N ASP B 321 -23.42 -27.97 12.98
CA ASP B 321 -23.77 -26.57 12.83
C ASP B 321 -23.11 -25.69 13.90
N ALA B 322 -23.21 -26.10 15.16
CA ALA B 322 -22.56 -25.35 16.25
C ALA B 322 -21.05 -25.52 16.24
N GLY B 323 -20.58 -26.72 15.90
CA GLY B 323 -19.15 -27.02 15.89
C GLY B 323 -18.35 -26.27 14.85
N LEU B 324 -18.90 -26.08 13.66
CA LEU B 324 -18.19 -25.43 12.58
C LEU B 324 -18.13 -23.90 12.74
N VAL B 325 -19.15 -23.36 13.40
CA VAL B 325 -19.17 -21.96 13.81
C VAL B 325 -18.08 -21.72 14.86
N GLY B 326 -17.96 -22.65 15.82
CA GLY B 326 -16.93 -22.62 16.84
C GLY B 326 -15.53 -22.67 16.24
N VAL B 327 -15.36 -23.56 15.25
CA VAL B 327 -14.08 -23.73 14.55
C VAL B 327 -13.66 -22.44 13.84
N GLU B 328 -14.58 -21.84 13.08
CA GLU B 328 -14.32 -20.60 12.34
C GLU B 328 -13.93 -19.43 13.25
N GLU B 329 -14.64 -19.32 14.38
CA GLU B 329 -14.33 -18.30 15.38
C GLU B 329 -12.98 -18.57 16.06
N ALA B 330 -12.68 -19.84 16.32
CA ALA B 330 -11.39 -20.23 16.87
C ALA B 330 -10.25 -19.87 15.94
N LEU B 331 -10.44 -20.08 14.64
CA LEU B 331 -9.43 -19.77 13.63
C LEU B 331 -9.26 -18.27 13.44
N SER B 332 -10.38 -17.55 13.46
CA SER B 332 -10.40 -16.09 13.38
C SER B 332 -9.64 -15.47 14.56
N GLY B 333 -9.84 -16.04 15.75
CA GLY B 333 -9.16 -15.59 16.95
C GLY B 333 -7.69 -15.97 17.01
N LEU B 334 -7.27 -16.84 16.10
CA LEU B 334 -5.86 -17.22 15.98
C LEU B 334 -5.12 -16.33 14.99
N GLY B 335 -5.87 -15.49 14.28
CA GLY B 335 -5.30 -14.53 13.34
C GLY B 335 -5.31 -14.99 11.88
N VAL B 336 -6.32 -15.76 11.50
CA VAL B 336 -6.41 -16.29 10.14
C VAL B 336 -7.58 -15.65 9.41
N ASP B 337 -7.33 -15.16 8.20
CA ASP B 337 -8.42 -14.66 7.36
C ASP B 337 -9.22 -15.85 6.81
N THR B 338 -10.47 -15.95 7.26
CA THR B 338 -11.33 -17.09 6.95
C THR B 338 -12.35 -16.81 5.84
N ALA B 339 -12.14 -15.74 5.08
CA ALA B 339 -13.04 -15.34 4.01
C ALA B 339 -13.03 -16.30 2.81
N GLY B 340 -11.92 -17.03 2.66
CA GLY B 340 -11.82 -18.04 1.61
C GLY B 340 -12.38 -19.39 2.04
N LEU B 341 -12.50 -19.59 3.35
CA LEU B 341 -12.95 -20.85 3.93
C LEU B 341 -14.46 -21.05 3.82
N VAL B 342 -14.84 -22.23 3.34
CA VAL B 342 -16.20 -22.72 3.50
C VAL B 342 -16.08 -24.07 4.20
N LEU B 343 -16.57 -24.12 5.44
CA LEU B 343 -16.48 -25.32 6.26
C LEU B 343 -17.79 -26.10 6.24
N ASN B 344 -17.73 -27.36 5.83
CA ASN B 344 -18.89 -28.23 5.84
C ASN B 344 -18.74 -29.47 6.74
N ASP B 345 -17.50 -29.89 6.98
CA ASP B 345 -17.21 -30.91 8.00
C ASP B 345 -15.79 -30.76 8.55
N GLY B 346 -15.40 -31.64 9.47
CA GLY B 346 -14.11 -31.54 10.10
C GLY B 346 -13.02 -32.31 9.39
N SER B 347 -13.38 -33.40 8.72
CA SER B 347 -12.41 -34.32 8.14
C SER B 347 -11.91 -33.94 6.76
N GLY B 348 -12.77 -33.28 5.98
CA GLY B 348 -12.45 -32.97 4.59
C GLY B 348 -13.11 -33.93 3.64
N LEU B 349 -13.96 -34.83 4.16
CA LEU B 349 -14.64 -35.82 3.34
C LEU B 349 -15.71 -35.15 2.49
N SER B 350 -16.33 -34.10 3.05
CA SER B 350 -17.37 -33.37 2.33
C SER B 350 -16.81 -32.67 1.11
N ARG B 351 -17.55 -32.75 0.00
CA ARG B 351 -17.14 -32.07 -1.22
C ARG B 351 -17.71 -30.66 -1.27
N GLY B 352 -18.31 -30.25 -0.15
CA GLY B 352 -18.76 -28.87 0.06
C GLY B 352 -17.77 -28.08 0.87
N ASN B 353 -16.55 -28.60 1.02
CA ASN B 353 -15.48 -27.88 1.69
C ASN B 353 -14.66 -27.07 0.71
N LEU B 354 -14.29 -25.85 1.11
CA LEU B 354 -13.43 -25.01 0.28
C LEU B 354 -12.40 -24.29 1.13
N VAL B 355 -11.15 -24.37 0.68
CA VAL B 355 -10.04 -23.58 1.24
C VAL B 355 -9.34 -22.84 0.11
N THR B 356 -8.42 -21.95 0.46
CA THR B 356 -7.46 -21.44 -0.50
C THR B 356 -6.07 -21.83 -0.02
N ALA B 357 -5.14 -21.96 -0.97
CA ALA B 357 -3.74 -22.22 -0.65
C ALA B 357 -3.23 -21.15 0.33
N ASP B 358 -3.53 -19.88 0.07
CA ASP B 358 -3.15 -18.79 0.95
C ASP B 358 -3.58 -19.02 2.40
N THR B 359 -4.86 -19.36 2.58
CA THR B 359 -5.44 -19.62 3.90
C THR B 359 -4.74 -20.76 4.64
N VAL B 360 -4.33 -21.80 3.91
CA VAL B 360 -3.65 -22.93 4.54
C VAL B 360 -2.30 -22.47 5.07
N VAL B 361 -1.54 -21.76 4.23
CA VAL B 361 -0.22 -21.23 4.62
C VAL B 361 -0.35 -20.21 5.76
N ASP B 362 -1.36 -19.34 5.66
CA ASP B 362 -1.73 -18.44 6.75
C ASP B 362 -1.83 -19.20 8.08
N LEU B 363 -2.66 -20.26 8.09
CA LEU B 363 -2.85 -21.09 9.28
C LEU B 363 -1.55 -21.71 9.79
N LEU B 364 -0.73 -22.20 8.86
CA LEU B 364 0.52 -22.87 9.20
C LEU B 364 1.49 -21.94 9.93
N GLY B 365 1.51 -20.68 9.51
CA GLY B 365 2.30 -19.64 10.18
C GLY B 365 1.78 -19.35 11.58
N GLN B 366 0.47 -19.12 11.69
CA GLN B 366 -0.16 -18.80 12.97
C GLN B 366 -0.01 -19.95 13.97
N ALA B 367 -0.04 -21.18 13.45
CA ALA B 367 0.12 -22.37 14.28
C ALA B 367 1.57 -22.58 14.68
N GLY B 368 2.47 -21.94 13.93
CA GLY B 368 3.90 -21.98 14.22
C GLY B 368 4.26 -21.24 15.50
N SER B 369 3.56 -20.14 15.76
CA SER B 369 3.86 -19.28 16.91
C SER B 369 2.99 -19.54 18.16
N ALA B 370 1.87 -20.25 17.96
CA ALA B 370 0.97 -20.63 19.05
C ALA B 370 1.70 -21.46 20.12
N PRO B 371 1.25 -21.40 21.40
CA PRO B 371 1.94 -22.14 22.47
C PRO B 371 2.01 -23.65 22.22
N TRP B 372 0.96 -24.21 21.63
CA TRP B 372 0.90 -25.66 21.37
C TRP B 372 1.65 -26.11 20.11
N ALA B 373 2.47 -25.22 19.55
CA ALA B 373 3.18 -25.48 18.28
C ALA B 373 3.93 -26.81 18.20
N GLN B 374 4.49 -27.25 19.33
CA GLN B 374 5.31 -28.47 19.37
C GLN B 374 4.48 -29.75 19.19
N THR B 375 3.33 -29.83 19.87
CA THR B 375 2.46 -30.99 19.73
C THR B 375 1.79 -31.01 18.35
N TRP B 376 1.44 -29.82 17.88
CA TRP B 376 0.87 -29.62 16.56
C TRP B 376 1.80 -30.17 15.48
N SER B 377 3.06 -29.75 15.50
CA SER B 377 4.02 -30.14 14.47
C SER B 377 4.44 -31.61 14.60
N ALA B 378 4.45 -32.11 15.82
CA ALA B 378 4.83 -33.51 16.08
C ALA B 378 3.79 -34.49 15.56
N SER B 379 2.54 -34.04 15.43
CA SER B 379 1.47 -34.91 14.92
C SER B 379 1.44 -35.01 13.40
N LEU B 380 2.08 -34.07 12.71
CA LEU B 380 2.14 -34.09 11.26
C LEU B 380 3.02 -35.24 10.77
N PRO B 381 2.58 -35.92 9.70
CA PRO B 381 3.39 -36.98 9.09
C PRO B 381 4.78 -36.47 8.67
N VAL B 382 5.81 -37.28 8.93
CA VAL B 382 7.18 -36.94 8.54
C VAL B 382 7.60 -37.75 7.32
N ALA B 383 7.98 -37.06 6.25
CA ALA B 383 8.34 -37.67 4.97
C ALA B 383 9.35 -38.82 5.07
N GLY B 384 8.99 -39.96 4.49
CA GLY B 384 9.91 -41.08 4.31
C GLY B 384 10.20 -41.97 5.51
N GLU B 385 9.63 -41.64 6.66
CA GLU B 385 9.82 -42.43 7.88
C GLU B 385 9.00 -43.72 7.87
N SER B 386 9.70 -44.85 7.96
CA SER B 386 9.09 -46.17 7.85
C SER B 386 8.17 -46.54 9.01
N ASP B 387 8.41 -45.95 10.17
CA ASP B 387 7.56 -46.15 11.35
C ASP B 387 6.20 -45.50 11.10
N PRO B 388 5.13 -46.32 11.02
CA PRO B 388 3.78 -45.82 10.71
C PRO B 388 3.37 -44.66 11.61
N PHE B 389 3.76 -44.71 12.88
CA PHE B 389 3.41 -43.69 13.86
C PHE B 389 4.31 -42.47 13.80
N VAL B 390 5.26 -42.48 12.87
CA VAL B 390 6.11 -41.31 12.62
C VAL B 390 5.88 -40.78 11.21
N GLY B 391 5.94 -41.67 10.23
CA GLY B 391 5.78 -41.30 8.82
C GLY B 391 4.34 -41.13 8.39
N GLY B 392 3.45 -41.93 8.98
CA GLY B 392 2.03 -41.86 8.67
C GLY B 392 1.73 -42.02 7.20
N THR B 393 0.92 -41.10 6.68
CA THR B 393 0.48 -41.15 5.28
C THR B 393 1.60 -40.80 4.30
N LEU B 394 2.73 -40.35 4.85
CA LEU B 394 3.92 -40.01 4.07
C LEU B 394 5.03 -41.06 4.15
N ALA B 395 4.76 -42.16 4.85
CA ALA B 395 5.77 -43.19 5.13
C ALA B 395 6.53 -43.70 3.91
N ASN B 396 5.83 -43.88 2.79
CA ASN B 396 6.41 -44.46 1.58
C ASN B 396 6.74 -43.42 0.51
N ARG B 397 6.69 -42.15 0.90
CA ARG B 397 6.93 -41.07 -0.04
C ARG B 397 8.21 -40.31 0.31
N MET B 398 8.97 -39.93 -0.73
CA MET B 398 10.15 -39.08 -0.59
C MET B 398 11.37 -39.74 0.12
N ARG B 399 11.45 -41.07 0.06
CA ARG B 399 12.61 -41.78 0.57
C ARG B 399 13.81 -41.59 -0.35
N GLY B 400 14.97 -41.35 0.25
CA GLY B 400 16.21 -41.11 -0.49
C GLY B 400 16.24 -39.74 -1.16
N THR B 401 15.45 -38.81 -0.63
CA THR B 401 15.41 -37.44 -1.12
C THR B 401 15.79 -36.49 0.03
N ALA B 402 16.15 -35.27 -0.33
CA ALA B 402 16.39 -34.21 0.64
C ALA B 402 15.27 -34.10 1.69
N ALA B 403 14.05 -34.37 1.26
CA ALA B 403 12.87 -34.25 2.12
C ALA B 403 12.74 -35.33 3.21
N GLU B 404 13.43 -36.45 3.04
CA GLU B 404 13.33 -37.58 3.97
C GLU B 404 13.72 -37.18 5.39
N GLY B 405 12.82 -37.43 6.34
CA GLY B 405 13.05 -37.10 7.74
C GLY B 405 12.96 -35.60 8.03
N VAL B 406 12.75 -34.81 6.98
CA VAL B 406 12.73 -33.36 7.08
C VAL B 406 11.29 -32.79 7.02
N VAL B 407 10.59 -33.01 5.91
CA VAL B 407 9.27 -32.39 5.67
C VAL B 407 8.16 -32.95 6.56
N GLU B 408 7.44 -32.05 7.22
CA GLU B 408 6.30 -32.39 8.05
C GLU B 408 5.03 -31.89 7.33
N ALA B 409 4.21 -32.82 6.82
CA ALA B 409 3.08 -32.40 5.97
C ALA B 409 1.85 -33.29 6.10
N LYS B 410 0.68 -32.63 6.12
CA LYS B 410 -0.58 -33.34 6.08
C LYS B 410 -0.99 -33.61 4.63
N THR B 411 -1.46 -34.83 4.38
CA THR B 411 -1.93 -35.25 3.05
C THR B 411 -3.44 -35.12 2.90
N GLY B 412 -3.94 -35.37 1.69
CA GLY B 412 -5.36 -35.31 1.40
C GLY B 412 -5.61 -36.00 0.09
N THR B 413 -6.63 -36.87 0.05
CA THR B 413 -6.88 -37.70 -1.12
C THR B 413 -8.33 -38.18 -1.25
N MET B 414 -8.98 -37.76 -2.33
CA MET B 414 -10.12 -38.48 -2.89
C MET B 414 -10.13 -38.28 -4.41
N SER B 415 -11.10 -38.86 -5.11
CA SER B 415 -11.11 -38.81 -6.57
C SER B 415 -11.07 -37.38 -7.10
N GLY B 416 -10.01 -37.07 -7.86
CA GLY B 416 -9.83 -35.73 -8.41
C GLY B 416 -9.50 -34.63 -7.40
N VAL B 417 -9.16 -35.03 -6.17
CA VAL B 417 -8.79 -34.08 -5.13
C VAL B 417 -7.57 -34.59 -4.38
N SER B 418 -6.50 -33.80 -4.37
CA SER B 418 -5.25 -34.21 -3.73
C SER B 418 -4.50 -33.02 -3.19
N ALA B 419 -3.81 -33.20 -2.07
CA ALA B 419 -3.18 -32.09 -1.36
C ALA B 419 -2.00 -32.45 -0.46
N LEU B 420 -1.05 -31.53 -0.38
CA LEU B 420 0.07 -31.63 0.55
C LEU B 420 0.40 -30.24 1.10
N SER B 421 0.43 -30.14 2.42
CA SER B 421 0.75 -28.88 3.07
C SER B 421 1.51 -29.14 4.36
N GLY B 422 2.50 -28.30 4.63
CA GLY B 422 3.24 -28.42 5.87
C GLY B 422 4.46 -27.53 5.96
N TYR B 423 5.41 -27.96 6.79
CA TYR B 423 6.61 -27.20 7.05
C TYR B 423 7.82 -27.89 6.47
N VAL B 424 8.78 -27.07 6.03
CA VAL B 424 10.13 -27.52 5.74
C VAL B 424 11.07 -26.84 6.74
N PRO B 425 11.41 -27.57 7.85
CA PRO B 425 12.33 -27.06 8.86
C PRO B 425 13.72 -26.81 8.29
N GLY B 426 14.32 -25.70 8.71
CA GLY B 426 15.65 -25.31 8.24
C GLY B 426 16.48 -24.73 9.37
N PRO B 427 17.79 -24.52 9.12
CA PRO B 427 18.67 -23.88 10.11
C PRO B 427 18.51 -22.37 10.09
N GLU B 428 18.26 -21.82 8.90
CA GLU B 428 18.15 -20.37 8.70
C GLU B 428 16.69 -19.93 8.67
N GLY B 429 15.84 -20.72 8.02
CA GLY B 429 14.42 -20.38 7.91
C GLY B 429 13.52 -21.57 7.66
N GLU B 430 12.53 -21.74 8.53
CA GLU B 430 11.48 -22.74 8.31
C GLU B 430 10.54 -22.26 7.21
N LEU B 431 10.22 -23.16 6.29
CA LEU B 431 9.32 -22.86 5.18
C LEU B 431 7.93 -23.45 5.42
N ALA B 432 6.92 -22.75 4.92
CA ALA B 432 5.54 -23.21 4.97
C ALA B 432 4.97 -23.24 3.55
N PHE B 433 4.37 -24.36 3.18
CA PHE B 433 3.84 -24.56 1.84
C PHE B 433 2.46 -25.23 1.87
N SER B 434 1.71 -24.99 0.81
CA SER B 434 0.45 -25.67 0.58
C SER B 434 0.26 -25.95 -0.90
N ILE B 435 0.04 -27.22 -1.23
CA ILE B 435 -0.27 -27.63 -2.59
C ILE B 435 -1.66 -28.25 -2.61
N VAL B 436 -2.56 -27.70 -3.42
CA VAL B 436 -3.90 -28.26 -3.56
C VAL B 436 -4.23 -28.48 -5.03
N ASN B 437 -4.52 -29.73 -5.38
CA ASN B 437 -4.82 -30.10 -6.76
C ASN B 437 -6.27 -30.54 -6.91
N ASN B 438 -6.98 -29.90 -7.84
CA ASN B 438 -8.35 -30.24 -8.18
C ASN B 438 -8.48 -30.38 -9.68
N GLY B 439 -9.43 -31.21 -10.12
CA GLY B 439 -9.81 -31.26 -11.52
C GLY B 439 -8.90 -32.06 -12.42
N HIS B 440 -7.94 -32.76 -11.81
CA HIS B 440 -7.11 -33.71 -12.53
C HIS B 440 -7.91 -35.00 -12.79
N SER B 441 -7.53 -35.72 -13.85
CA SER B 441 -8.30 -36.87 -14.28
C SER B 441 -7.74 -38.22 -13.83
N GLY B 442 -6.43 -38.31 -13.62
CA GLY B 442 -5.86 -39.59 -13.27
C GLY B 442 -5.81 -39.81 -11.79
N PRO B 443 -4.91 -40.69 -11.36
CA PRO B 443 -4.63 -40.90 -9.95
C PRO B 443 -3.93 -39.69 -9.38
N ALA B 444 -3.92 -39.57 -8.07
CA ALA B 444 -3.38 -38.40 -7.42
C ALA B 444 -1.95 -38.03 -7.87
N PRO B 445 -1.69 -36.73 -8.03
CA PRO B 445 -0.38 -36.26 -8.47
C PRO B 445 0.63 -36.29 -7.34
N LEU B 446 0.85 -37.46 -6.78
CA LEU B 446 1.67 -37.60 -5.61
C LEU B 446 3.11 -37.34 -5.94
N ALA B 447 3.55 -37.84 -7.08
CA ALA B 447 4.93 -37.65 -7.53
C ALA B 447 5.24 -36.18 -7.78
N VAL B 448 4.25 -35.42 -8.22
CA VAL B 448 4.40 -33.98 -8.43
C VAL B 448 4.57 -33.26 -7.09
N GLN B 449 3.70 -33.58 -6.13
CA GLN B 449 3.72 -32.99 -4.80
C GLN B 449 5.06 -33.26 -4.09
N ASP B 450 5.54 -34.50 -4.23
CA ASP B 450 6.85 -34.89 -3.72
C ASP B 450 7.95 -34.07 -4.35
N ALA B 451 7.92 -33.93 -5.67
CA ALA B 451 8.97 -33.20 -6.41
C ALA B 451 9.08 -31.75 -5.96
N ILE B 452 7.95 -31.11 -5.68
CA ILE B 452 7.95 -29.75 -5.15
C ILE B 452 8.50 -29.72 -3.72
N ALA B 453 8.06 -30.66 -2.90
CA ALA B 453 8.51 -30.78 -1.52
C ALA B 453 10.02 -31.00 -1.42
N VAL B 454 10.57 -31.76 -2.36
CA VAL B 454 12.00 -32.02 -2.42
C VAL B 454 12.76 -30.75 -2.84
N ARG B 455 12.18 -30.02 -3.79
CA ARG B 455 12.78 -28.78 -4.29
C ARG B 455 12.85 -27.71 -3.19
N LEU B 456 11.92 -27.74 -2.25
CA LEU B 456 11.93 -26.81 -1.13
C LEU B 456 12.92 -27.24 -0.05
N ALA B 457 13.03 -28.56 0.15
CA ALA B 457 14.00 -29.10 1.09
C ALA B 457 15.43 -28.75 0.66
N GLU B 458 15.71 -28.92 -0.64
CA GLU B 458 17.00 -28.55 -1.22
C GLU B 458 17.31 -27.06 -1.03
N TYR B 459 16.30 -26.23 -1.28
CA TYR B 459 16.36 -24.78 -1.08
C TYR B 459 16.65 -24.41 0.38
N ALA B 460 16.19 -25.25 1.31
CA ALA B 460 16.37 -25.02 2.74
C ALA B 460 17.67 -25.63 3.27
N GLY B 461 18.54 -26.05 2.36
CA GLY B 461 19.86 -26.55 2.73
C GLY B 461 19.86 -27.99 3.20
N HIS B 462 19.10 -28.83 2.53
CA HIS B 462 19.06 -30.26 2.84
C HIS B 462 19.55 -31.10 1.67
N GLN B 463 20.04 -32.30 1.99
CA GLN B 463 20.48 -33.27 1.00
C GLN B 463 19.98 -34.66 1.37
N ALA B 464 20.09 -35.60 0.43
CA ALA B 464 19.66 -36.98 0.67
C ALA B 464 20.58 -37.70 1.67
N PRO B 465 19.98 -38.44 2.63
CA PRO B 465 20.74 -39.21 3.64
C PRO B 465 21.65 -40.30 3.05
N GLU B 466 22.52 -40.87 3.88
N ARG C 1 52.78 49.65 -35.92
CA ARG C 1 52.39 49.49 -34.49
C ARG C 1 51.34 48.39 -34.30
N LEU C 2 50.12 48.67 -34.72
CA LEU C 2 49.02 47.72 -34.68
C LEU C 2 48.10 47.88 -35.90
N THR C 3 48.55 48.70 -36.85
CA THR C 3 47.84 48.86 -38.12
C THR C 3 48.09 47.65 -39.01
N GLU C 4 49.11 46.85 -38.64
CA GLU C 4 49.35 45.55 -39.26
C GLU C 4 48.25 44.58 -38.83
N LEU C 5 47.78 44.72 -37.58
CA LEU C 5 46.64 43.94 -37.08
C LEU C 5 45.36 44.32 -37.82
N ARG C 6 45.21 45.59 -38.16
CA ARG C 6 44.04 46.06 -38.93
C ARG C 6 44.02 45.51 -40.35
N GLU C 7 45.19 45.48 -40.99
CA GLU C 7 45.33 44.89 -42.31
C GLU C 7 44.99 43.41 -42.28
N ASP C 8 45.46 42.73 -41.23
CA ASP C 8 45.26 41.28 -41.07
C ASP C 8 43.79 40.89 -40.90
N ILE C 9 43.02 41.73 -40.20
CA ILE C 9 41.59 41.49 -40.02
C ILE C 9 40.80 41.90 -41.27
N ASP C 10 41.23 42.97 -41.93
CA ASP C 10 40.63 43.38 -43.22
C ASP C 10 40.76 42.25 -44.23
N ALA C 11 41.92 41.59 -44.24
CA ALA C 11 42.23 40.50 -45.17
C ALA C 11 41.43 39.24 -44.87
N ILE C 12 41.32 38.88 -43.59
CA ILE C 12 40.53 37.74 -43.16
C ILE C 12 39.05 37.94 -43.52
N LEU C 13 38.58 39.17 -43.42
CA LEU C 13 37.18 39.49 -43.75
C LEU C 13 36.88 39.42 -45.25
N GLU C 14 37.92 39.41 -46.08
CA GLU C 14 37.75 39.25 -47.53
C GLU C 14 37.70 37.76 -47.90
N ASP C 15 36.93 37.00 -47.13
CA ASP C 15 36.80 35.55 -47.28
C ASP C 15 35.62 35.19 -48.20
N PRO C 16 35.75 34.11 -49.00
CA PRO C 16 34.65 33.65 -49.87
C PRO C 16 33.33 33.39 -49.14
N ALA C 17 33.39 32.86 -47.92
CA ALA C 17 32.18 32.51 -47.16
C ALA C 17 31.38 33.73 -46.72
N LEU C 18 31.98 34.91 -46.85
CA LEU C 18 31.35 36.18 -46.49
C LEU C 18 30.98 37.01 -47.71
N GLU C 19 31.03 36.40 -48.88
CA GLU C 19 30.70 37.07 -50.13
C GLU C 19 29.24 37.54 -50.07
N GLY C 20 29.04 38.85 -50.19
CA GLY C 20 27.69 39.43 -50.21
C GLY C 20 27.02 39.57 -48.86
N ALA C 21 27.82 39.44 -47.80
CA ALA C 21 27.31 39.48 -46.43
C ALA C 21 27.66 40.79 -45.72
N VAL C 22 27.05 41.01 -44.56
CA VAL C 22 27.35 42.16 -43.70
C VAL C 22 28.03 41.67 -42.42
N SER C 23 29.14 42.28 -42.05
CA SER C 23 29.89 41.86 -40.87
C SER C 23 30.21 43.00 -39.91
N GLY C 24 29.65 42.93 -38.71
CA GLY C 24 30.00 43.86 -37.63
C GLY C 24 31.13 43.26 -36.83
N VAL C 25 32.28 43.96 -36.81
CA VAL C 25 33.46 43.50 -36.09
C VAL C 25 34.02 44.61 -35.21
N VAL C 26 33.97 44.39 -33.90
CA VAL C 26 34.50 45.38 -32.95
C VAL C 26 35.46 44.72 -31.95
N VAL C 27 36.67 45.25 -31.88
CA VAL C 27 37.66 44.81 -30.90
C VAL C 27 38.11 45.97 -30.01
N VAL C 28 38.03 45.76 -28.71
CA VAL C 28 38.40 46.78 -27.71
C VAL C 28 39.36 46.18 -26.69
N ASP C 29 40.36 46.97 -26.31
CA ASP C 29 41.22 46.63 -25.17
C ASP C 29 40.48 47.14 -23.93
N THR C 30 40.00 46.23 -23.10
CA THR C 30 39.20 46.60 -21.93
C THR C 30 40.02 47.29 -20.85
N ALA C 31 41.33 47.06 -20.86
CA ALA C 31 42.25 47.66 -19.89
C ALA C 31 42.46 49.16 -20.11
N THR C 32 42.61 49.56 -21.37
CA THR C 32 42.91 50.95 -21.72
C THR C 32 41.69 51.71 -22.27
N GLY C 33 40.79 50.97 -22.92
CA GLY C 33 39.64 51.57 -23.58
C GLY C 33 39.90 51.88 -25.03
N GLU C 34 41.11 51.55 -25.50
CA GLU C 34 41.50 51.74 -26.89
C GLU C 34 40.72 50.79 -27.79
N GLU C 35 40.18 51.35 -28.88
CA GLU C 35 39.42 50.58 -29.86
C GLU C 35 40.38 50.10 -30.94
N LEU C 36 40.59 48.79 -30.99
CA LEU C 36 41.59 48.20 -31.87
C LEU C 36 41.12 48.03 -33.30
N TYR C 37 39.84 47.69 -33.47
CA TYR C 37 39.27 47.49 -34.80
C TYR C 37 37.79 47.80 -34.79
N SER C 38 37.33 48.48 -35.83
CA SER C 38 35.91 48.78 -35.98
C SER C 38 35.48 48.79 -37.44
N ARG C 39 34.54 47.91 -37.77
CA ARG C 39 33.90 47.88 -39.07
C ARG C 39 32.42 47.57 -38.87
N ASP C 40 31.56 48.47 -39.36
CA ASP C 40 30.10 48.34 -39.24
C ASP C 40 29.64 48.08 -37.81
N GLY C 41 30.30 48.74 -36.86
CA GLY C 41 30.04 48.55 -35.44
C GLY C 41 28.68 49.01 -34.98
N GLY C 42 28.11 49.98 -35.70
CA GLY C 42 26.82 50.56 -35.33
C GLY C 42 25.66 50.02 -36.13
N GLU C 43 25.95 49.09 -37.04
CA GLU C 43 24.93 48.46 -37.87
C GLU C 43 24.13 47.45 -37.03
N GLN C 44 22.80 47.51 -37.14
CA GLN C 44 21.91 46.62 -36.41
C GLN C 44 21.78 45.26 -37.10
N LEU C 45 22.14 44.21 -36.37
CA LEU C 45 22.22 42.86 -36.92
C LEU C 45 21.57 41.83 -35.99
N LEU C 46 21.19 40.70 -36.59
CA LEU C 46 20.65 39.56 -35.85
C LEU C 46 21.77 38.91 -35.03
N PRO C 47 21.58 38.80 -33.71
CA PRO C 47 22.65 38.25 -32.88
C PRO C 47 22.65 36.73 -32.75
N ALA C 48 21.54 36.09 -33.11
CA ALA C 48 21.30 34.69 -32.72
C ALA C 48 21.59 34.54 -31.21
N SER C 49 22.26 33.46 -30.82
CA SER C 49 22.47 33.18 -29.39
C SER C 49 23.37 34.16 -28.63
N ASN C 50 23.99 35.10 -29.34
CA ASN C 50 24.73 36.17 -28.68
C ASN C 50 23.82 37.05 -27.83
N MET C 51 22.54 37.07 -28.16
CA MET C 51 21.51 37.72 -27.36
C MET C 51 21.50 37.18 -25.94
N LYS C 52 21.85 35.90 -25.78
CA LYS C 52 21.98 35.27 -24.46
C LYS C 52 22.99 35.98 -23.57
N LEU C 53 23.92 36.73 -24.16
CA LEU C 53 24.86 37.53 -23.38
C LEU C 53 24.13 38.61 -22.60
N PHE C 54 23.17 39.27 -23.26
CA PHE C 54 22.37 40.29 -22.61
C PHE C 54 21.50 39.69 -21.52
N THR C 55 20.76 38.63 -21.86
CA THR C 55 19.86 37.92 -20.96
C THR C 55 20.55 37.40 -19.70
N ALA C 56 21.77 36.89 -19.86
CA ALA C 56 22.55 36.39 -18.73
C ALA C 56 23.01 37.51 -17.80
N ALA C 57 23.51 38.61 -18.37
CA ALA C 57 23.98 39.75 -17.57
C ALA C 57 22.84 40.43 -16.81
N ALA C 58 21.70 40.61 -17.47
CA ALA C 58 20.50 41.15 -16.83
C ALA C 58 20.07 40.29 -15.65
N ALA C 59 20.00 38.98 -15.86
CA ALA C 59 19.59 38.03 -14.82
C ALA C 59 20.52 38.03 -13.60
N LEU C 60 21.80 38.31 -13.83
CA LEU C 60 22.77 38.39 -12.75
C LEU C 60 22.57 39.65 -11.90
N GLU C 61 22.15 40.73 -12.55
CA GLU C 61 21.83 41.97 -11.86
C GLU C 61 20.51 41.83 -11.10
N VAL C 62 19.45 41.50 -11.85
CA VAL C 62 18.09 41.48 -11.31
C VAL C 62 17.86 40.36 -10.29
N LEU C 63 18.33 39.16 -10.63
CA LEU C 63 18.13 38.00 -9.76
C LEU C 63 19.29 37.73 -8.81
N GLY C 64 20.50 38.10 -9.23
CA GLY C 64 21.70 37.91 -8.40
C GLY C 64 22.27 36.50 -8.49
N ALA C 65 23.61 36.42 -8.53
CA ALA C 65 24.32 35.15 -8.73
C ALA C 65 23.93 34.01 -7.78
N ASP C 66 23.32 34.37 -6.65
CA ASP C 66 22.94 33.37 -5.64
C ASP C 66 21.46 33.00 -5.63
N HIS C 67 20.70 33.52 -6.59
CA HIS C 67 19.28 33.21 -6.72
C HIS C 67 19.06 31.73 -6.99
N SER C 68 18.04 31.15 -6.37
CA SER C 68 17.64 29.76 -6.62
C SER C 68 16.13 29.66 -6.89
N PHE C 69 15.69 28.49 -7.35
CA PHE C 69 14.31 28.32 -7.81
C PHE C 69 13.55 27.21 -7.08
N GLY C 70 12.30 27.50 -6.70
CA GLY C 70 11.50 26.58 -5.90
C GLY C 70 10.42 25.83 -6.66
N THR C 71 10.22 24.57 -6.24
CA THR C 71 9.09 23.76 -6.66
C THR C 71 8.44 23.22 -5.39
N GLU C 72 7.11 23.21 -5.34
CA GLU C 72 6.39 22.78 -4.15
C GLU C 72 5.21 21.88 -4.48
N VAL C 73 4.89 20.99 -3.54
CA VAL C 73 3.68 20.18 -3.62
C VAL C 73 2.76 20.64 -2.49
N ALA C 74 1.46 20.67 -2.76
CA ALA C 74 0.50 21.23 -1.81
C ALA C 74 -0.89 20.60 -1.86
N ALA C 75 -1.52 20.50 -0.70
CA ALA C 75 -2.94 20.18 -0.56
C ALA C 75 -3.52 21.11 0.50
N GLU C 76 -4.86 21.17 0.59
CA GLU C 76 -5.53 22.12 1.50
C GLU C 76 -5.21 21.90 2.98
N SER C 77 -5.00 20.65 3.36
CA SER C 77 -4.65 20.29 4.72
C SER C 77 -3.79 19.03 4.73
N ALA C 78 -3.03 18.84 5.81
CA ALA C 78 -2.19 17.65 6.00
C ALA C 78 -3.02 16.37 5.89
N PRO C 79 -2.39 15.23 5.55
CA PRO C 79 -3.11 13.97 5.30
C PRO C 79 -4.15 13.64 6.37
N GLY C 80 -5.34 13.23 5.92
CA GLY C 80 -6.50 13.00 6.79
C GLY C 80 -6.38 11.86 7.77
N ARG C 81 -7.52 11.35 8.20
CA ARG C 81 -7.57 10.26 9.18
C ARG C 81 -6.94 8.99 8.60
N ARG C 82 -7.38 8.61 7.41
CA ARG C 82 -6.85 7.45 6.70
C ARG C 82 -5.74 7.84 5.72
N GLY C 83 -5.00 8.89 6.07
CA GLY C 83 -3.87 9.39 5.26
C GLY C 83 -4.27 9.81 3.86
N GLU C 84 -5.44 10.44 3.75
CA GLU C 84 -5.98 10.85 2.45
C GLU C 84 -6.04 12.37 2.31
N VAL C 85 -5.89 12.83 1.07
CA VAL C 85 -6.07 14.26 0.72
C VAL C 85 -6.99 14.40 -0.49
N GLN C 86 -7.53 15.60 -0.67
CA GLN C 86 -8.46 15.84 -1.78
C GLN C 86 -7.72 16.09 -3.10
N ASP C 87 -7.36 17.35 -3.35
CA ASP C 87 -6.64 17.72 -4.56
C ASP C 87 -5.19 18.02 -4.24
N LEU C 88 -4.31 17.66 -5.16
CA LEU C 88 -2.88 17.87 -4.98
C LEU C 88 -2.29 18.73 -6.10
N TYR C 89 -1.49 19.73 -5.72
CA TYR C 89 -0.94 20.67 -6.68
C TYR C 89 0.59 20.64 -6.74
N LEU C 90 1.12 20.40 -7.93
CA LEU C 90 2.55 20.52 -8.21
C LEU C 90 2.82 21.92 -8.75
N VAL C 91 3.48 22.74 -7.93
CA VAL C 91 3.66 24.16 -8.24
C VAL C 91 5.09 24.48 -8.62
N GLY C 92 5.27 24.93 -9.86
CA GLY C 92 6.57 25.35 -10.37
C GLY C 92 6.74 26.86 -10.31
N ARG C 93 7.97 27.30 -10.09
CA ARG C 93 8.27 28.73 -10.12
C ARG C 93 9.48 29.07 -10.99
N GLY C 94 9.56 28.39 -12.14
CA GLY C 94 10.56 28.71 -13.15
C GLY C 94 11.93 28.11 -12.93
N ASP C 95 11.98 26.88 -12.40
CA ASP C 95 13.23 26.14 -12.25
C ASP C 95 13.59 25.45 -13.56
N PRO C 96 14.71 25.85 -14.17
CA PRO C 96 15.18 25.25 -15.41
C PRO C 96 15.87 23.89 -15.22
N THR C 97 16.09 23.49 -13.97
CA THR C 97 16.91 22.30 -13.70
C THR C 97 16.16 21.19 -12.97
N LEU C 98 14.84 21.21 -13.05
CA LEU C 98 14.01 20.22 -12.35
C LEU C 98 14.00 18.89 -13.10
N SER C 99 14.63 17.88 -12.52
CA SER C 99 14.75 16.57 -13.16
C SER C 99 13.70 15.58 -12.67
N ALA C 100 13.55 14.47 -13.40
CA ALA C 100 12.67 13.37 -13.01
C ALA C 100 13.06 12.76 -11.66
N GLU C 101 14.36 12.81 -11.34
CA GLU C 101 14.88 12.41 -10.04
C GLU C 101 14.44 13.34 -8.92
N ASP C 102 14.33 14.63 -9.23
CA ASP C 102 13.84 15.62 -8.27
C ASP C 102 12.37 15.40 -7.95
N LEU C 103 11.61 15.01 -8.98
CA LEU C 103 10.19 14.68 -8.84
C LEU C 103 9.97 13.45 -7.96
N ASP C 104 10.80 12.43 -8.14
CA ASP C 104 10.73 11.22 -7.34
C ASP C 104 11.07 11.53 -5.88
N ALA C 105 12.06 12.41 -5.69
CA ALA C 105 12.46 12.84 -4.35
C ALA C 105 11.30 13.52 -3.63
N MET C 106 10.57 14.37 -4.34
CA MET C 106 9.40 15.05 -3.78
C MET C 106 8.23 14.10 -3.57
N ALA C 107 8.08 13.12 -4.48
CA ALA C 107 7.08 12.07 -4.34
C ALA C 107 7.33 11.26 -3.08
N ALA C 108 8.61 11.04 -2.76
CA ALA C 108 9.01 10.35 -1.54
C ALA C 108 8.62 11.14 -0.29
N GLU C 109 8.82 12.46 -0.32
CA GLU C 109 8.44 13.34 0.80
C GLU C 109 6.94 13.39 1.03
N VAL C 110 6.16 13.24 -0.05
CA VAL C 110 4.69 13.23 0.02
C VAL C 110 4.19 11.98 0.74
N ALA C 111 4.80 10.84 0.41
CA ALA C 111 4.52 9.61 1.12
C ALA C 111 5.05 9.68 2.56
N ALA C 112 6.24 10.28 2.72
CA ALA C 112 6.82 10.50 4.04
C ALA C 112 5.93 11.36 4.92
N SER C 113 5.19 12.28 4.30
CA SER C 113 4.22 13.12 5.00
C SER C 113 3.01 12.33 5.49
N GLY C 114 2.78 11.17 4.87
CA GLY C 114 1.73 10.25 5.32
C GLY C 114 0.57 10.08 4.37
N VAL C 115 0.71 10.62 3.16
CA VAL C 115 -0.34 10.52 2.14
C VAL C 115 -0.36 9.11 1.56
N ARG C 116 -1.52 8.48 1.59
CA ARG C 116 -1.70 7.14 1.03
C ARG C 116 -2.51 7.18 -0.25
N THR C 117 -3.50 8.06 -0.29
CA THR C 117 -4.39 8.20 -1.44
C THR C 117 -4.73 9.67 -1.71
N VAL C 118 -4.76 10.04 -2.99
CA VAL C 118 -5.31 11.31 -3.44
C VAL C 118 -6.73 11.04 -3.94
N ARG C 119 -7.71 11.61 -3.24
CA ARG C 119 -9.12 11.35 -3.53
C ARG C 119 -9.56 12.06 -4.81
N GLY C 120 -9.11 13.31 -4.97
CA GLY C 120 -9.44 14.12 -6.14
C GLY C 120 -8.42 14.01 -7.25
N ASP C 121 -8.08 15.14 -7.86
CA ASP C 121 -7.20 15.15 -9.02
C ASP C 121 -5.81 15.64 -8.68
N LEU C 122 -4.86 15.41 -9.59
CA LEU C 122 -3.52 15.96 -9.50
C LEU C 122 -3.38 17.10 -10.50
N TYR C 123 -3.11 18.30 -9.99
CA TYR C 123 -3.01 19.49 -10.83
C TYR C 123 -1.58 19.99 -10.95
N ALA C 124 -1.19 20.37 -12.17
CA ALA C 124 0.11 21.00 -12.43
C ALA C 124 -0.08 22.51 -12.52
N ASP C 125 0.66 23.23 -11.69
CA ASP C 125 0.53 24.68 -11.57
C ASP C 125 1.76 25.42 -12.10
N ASP C 126 1.59 26.07 -13.24
CA ASP C 126 2.66 26.87 -13.85
C ASP C 126 2.25 28.35 -13.98
N THR C 127 1.34 28.79 -13.11
CA THR C 127 0.80 30.15 -13.16
C THR C 127 1.80 31.23 -12.72
N TRP C 128 2.96 30.81 -12.22
CA TRP C 128 4.06 31.72 -11.92
C TRP C 128 4.51 32.45 -13.19
N PHE C 129 4.46 31.76 -14.32
CA PHE C 129 4.61 32.40 -15.64
C PHE C 129 3.25 32.42 -16.35
N ASP C 130 3.14 33.24 -17.40
CA ASP C 130 1.93 33.23 -18.23
C ASP C 130 1.91 31.98 -19.11
N SER C 131 0.82 31.79 -19.85
CA SER C 131 0.68 30.60 -20.69
C SER C 131 1.07 30.84 -22.15
N GLU C 132 1.83 31.91 -22.40
CA GLU C 132 2.36 32.12 -23.73
C GLU C 132 3.56 31.20 -23.88
N ARG C 133 3.39 30.14 -24.68
CA ARG C 133 4.38 29.07 -24.76
C ARG C 133 5.50 29.34 -25.74
N LEU C 134 5.21 30.18 -26.74
CA LEU C 134 6.20 30.53 -27.76
C LEU C 134 6.15 32.00 -28.10
N VAL C 135 7.30 32.55 -28.50
CA VAL C 135 7.38 33.90 -29.07
C VAL C 135 6.65 33.88 -30.43
N ASP C 136 5.98 34.96 -30.77
CA ASP C 136 5.11 35.01 -31.96
C ASP C 136 5.82 34.75 -33.28
N ASP C 137 7.03 35.29 -33.43
CA ASP C 137 7.78 35.16 -34.69
C ASP C 137 8.66 33.91 -34.78
N TRP C 138 8.54 33.01 -33.81
CA TRP C 138 9.21 31.72 -33.87
C TRP C 138 8.58 30.86 -34.96
N TRP C 139 9.40 30.07 -35.64
CA TRP C 139 8.90 29.25 -36.74
C TRP C 139 8.24 27.95 -36.28
N PRO C 140 6.97 27.73 -36.69
CA PRO C 140 6.24 26.50 -36.38
C PRO C 140 6.99 25.23 -36.82
N GLU C 141 7.73 25.34 -37.92
CA GLU C 141 8.49 24.22 -38.44
C GLU C 141 9.66 23.83 -37.52
N ASP C 142 10.03 24.74 -36.62
CA ASP C 142 11.09 24.52 -35.63
C ASP C 142 10.61 23.88 -34.32
N GLU C 143 9.29 23.91 -34.11
CA GLU C 143 8.67 23.50 -32.85
C GLU C 143 8.91 22.05 -32.38
N PRO C 144 9.18 21.10 -33.31
CA PRO C 144 9.49 19.76 -32.82
C PRO C 144 10.82 19.66 -32.07
N TYR C 145 11.76 20.54 -32.41
CA TYR C 145 13.15 20.40 -31.94
C TYR C 145 13.40 21.02 -30.58
N ALA C 146 14.34 20.43 -29.84
CA ALA C 146 14.64 20.81 -28.46
C ALA C 146 14.90 22.29 -28.25
N TYR C 147 15.54 22.93 -29.22
CA TYR C 147 15.84 24.37 -29.13
C TYR C 147 14.59 25.26 -29.19
N SER C 148 13.46 24.67 -29.56
CA SER C 148 12.20 25.41 -29.69
C SER C 148 11.17 25.00 -28.63
N ALA C 149 11.64 24.45 -27.52
CA ALA C 149 10.77 23.97 -26.45
C ALA C 149 9.78 25.02 -25.97
N GLN C 150 8.57 24.58 -25.64
CA GLN C 150 7.53 25.46 -25.11
C GLN C 150 7.92 25.94 -23.72
N ILE C 151 7.56 27.18 -23.39
CA ILE C 151 7.98 27.81 -22.15
C ILE C 151 6.91 27.76 -21.07
N SER C 152 7.31 27.27 -19.90
CA SER C 152 6.42 27.05 -18.76
C SER C 152 7.21 27.25 -17.47
N ALA C 153 6.54 27.72 -16.42
CA ALA C 153 7.15 27.84 -15.11
C ALA C 153 7.37 26.48 -14.47
N LEU C 154 6.63 25.48 -14.94
CA LEU C 154 6.83 24.10 -14.52
C LEU C 154 7.22 23.26 -15.72
N THR C 155 8.45 22.76 -15.70
CA THR C 155 8.98 21.97 -16.80
C THR C 155 10.08 21.02 -16.31
N VAL C 156 10.15 19.83 -16.91
CA VAL C 156 11.17 18.84 -16.55
C VAL C 156 12.39 19.00 -17.46
N ALA C 157 13.56 19.09 -16.86
CA ALA C 157 14.80 19.21 -17.61
C ALA C 157 15.35 17.82 -17.83
N HIS C 158 15.78 17.54 -19.07
CA HIS C 158 16.37 16.25 -19.41
C HIS C 158 17.90 16.32 -19.41
N GLY C 159 18.52 15.28 -18.85
CA GLY C 159 19.96 15.12 -18.85
C GLY C 159 20.71 16.11 -17.98
N GLU C 160 22.03 16.07 -18.07
CA GLU C 160 22.90 16.97 -17.31
C GLU C 160 23.05 18.34 -17.98
N ARG C 161 22.63 18.44 -19.24
CA ARG C 161 22.61 19.74 -19.93
C ARG C 161 21.30 20.48 -19.65
N PHE C 162 20.38 19.79 -18.99
CA PHE C 162 19.10 20.37 -18.57
C PHE C 162 18.24 20.94 -19.73
N ASP C 163 18.05 20.12 -20.75
CA ASP C 163 17.21 20.47 -21.87
C ASP C 163 15.74 20.33 -21.44
N THR C 164 15.04 21.46 -21.44
CA THR C 164 13.69 21.53 -20.87
C THR C 164 12.61 21.24 -21.90
N GLY C 165 11.48 20.74 -21.41
CA GLY C 165 10.26 20.59 -22.20
C GLY C 165 10.32 19.54 -23.30
N VAL C 166 11.19 18.55 -23.14
CA VAL C 166 11.39 17.51 -24.14
C VAL C 166 11.29 16.11 -23.56
N THR C 167 11.19 15.12 -24.44
CA THR C 167 11.25 13.72 -24.08
C THR C 167 12.30 13.04 -24.95
N GLU C 168 12.77 11.87 -24.54
CA GLU C 168 13.78 11.16 -25.32
C GLU C 168 13.13 10.03 -26.10
N VAL C 169 13.09 10.20 -27.41
CA VAL C 169 12.59 9.17 -28.31
C VAL C 169 13.72 8.21 -28.64
N SER C 170 13.47 6.93 -28.41
CA SER C 170 14.41 5.87 -28.77
C SER C 170 13.77 5.02 -29.84
N VAL C 171 14.49 4.84 -30.95
CA VAL C 171 14.05 3.94 -31.99
C VAL C 171 15.12 2.86 -32.20
N THR C 172 14.71 1.61 -31.96
CA THR C 172 15.60 0.46 -32.10
C THR C 172 15.06 -0.47 -33.18
N PRO C 173 15.97 -1.11 -33.96
CA PRO C 173 15.52 -2.04 -34.99
C PRO C 173 14.95 -3.33 -34.38
N ALA C 174 13.81 -3.76 -34.92
CA ALA C 174 13.26 -5.08 -34.62
C ALA C 174 13.69 -6.02 -35.74
N ALA C 175 12.80 -6.94 -36.11
CA ALA C 175 13.05 -7.81 -37.25
C ALA C 175 12.86 -7.03 -38.55
N GLU C 176 13.62 -7.42 -39.56
CA GLU C 176 13.57 -6.81 -40.89
C GLU C 176 12.18 -6.91 -41.48
N GLY C 177 11.74 -5.82 -42.11
CA GLY C 177 10.41 -5.74 -42.68
C GLY C 177 9.35 -5.41 -41.64
N GLU C 178 9.63 -5.73 -40.38
CA GLU C 178 8.70 -5.40 -39.29
C GLU C 178 8.81 -3.91 -38.92
N PRO C 179 7.76 -3.36 -38.30
CA PRO C 179 7.83 -2.01 -37.74
C PRO C 179 9.00 -1.83 -36.79
N ALA C 180 9.56 -0.63 -36.75
CA ALA C 180 10.60 -0.29 -35.81
C ALA C 180 10.01 -0.28 -34.40
N ASP C 181 10.86 -0.43 -33.39
CA ASP C 181 10.42 -0.30 -32.00
C ASP C 181 10.69 1.11 -31.49
N VAL C 182 9.63 1.79 -31.09
CA VAL C 182 9.72 3.16 -30.58
C VAL C 182 9.37 3.23 -29.09
N ASP C 183 10.30 3.76 -28.31
CA ASP C 183 10.06 4.08 -26.91
C ASP C 183 10.07 5.60 -26.77
N LEU C 184 8.97 6.16 -26.27
CA LEU C 184 8.83 7.61 -26.16
C LEU C 184 9.55 8.21 -24.97
N GLY C 185 10.14 7.36 -24.13
CA GLY C 185 10.86 7.81 -22.94
C GLY C 185 9.90 8.31 -21.89
N ALA C 186 10.11 9.56 -21.44
CA ALA C 186 9.32 10.16 -20.37
C ALA C 186 7.87 10.38 -20.75
N ALA C 187 7.63 10.63 -22.03
CA ALA C 187 6.31 10.96 -22.53
C ALA C 187 5.44 9.74 -22.86
N GLU C 188 5.90 8.55 -22.50
CA GLU C 188 5.08 7.34 -22.64
C GLU C 188 3.82 7.50 -21.81
N GLY C 189 2.68 7.24 -22.43
CA GLY C 189 1.38 7.41 -21.77
C GLY C 189 0.93 8.85 -21.72
N TYR C 190 1.71 9.74 -22.33
CA TYR C 190 1.36 11.14 -22.44
C TYR C 190 1.18 11.54 -23.90
N ALA C 191 2.26 11.49 -24.67
CA ALA C 191 2.21 11.77 -26.10
C ALA C 191 1.68 10.55 -26.85
N GLU C 192 1.00 10.79 -27.96
CA GLU C 192 0.51 9.69 -28.77
C GLU C 192 1.55 9.26 -29.80
N LEU C 193 1.60 7.96 -30.09
CA LEU C 193 2.57 7.43 -31.03
C LEU C 193 1.95 7.13 -32.39
N ASP C 194 2.53 7.72 -33.44
CA ASP C 194 2.17 7.36 -34.80
C ASP C 194 3.40 6.74 -35.47
N ASN C 195 3.51 5.42 -35.34
CA ASN C 195 4.67 4.69 -35.79
C ASN C 195 4.46 4.06 -37.16
N ARG C 196 4.94 4.74 -38.20
CA ARG C 196 4.91 4.23 -39.56
C ARG C 196 6.33 3.88 -40.05
N ALA C 197 7.25 3.71 -39.10
CA ALA C 197 8.63 3.35 -39.42
C ALA C 197 8.84 1.83 -39.52
N VAL C 198 9.76 1.44 -40.39
CA VAL C 198 10.07 0.04 -40.65
C VAL C 198 11.54 -0.27 -40.33
N THR C 199 11.83 -1.56 -40.15
CA THR C 199 13.20 -2.04 -40.07
C THR C 199 13.68 -2.44 -41.46
N GLY C 200 14.75 -1.80 -41.91
CA GLY C 200 15.34 -2.11 -43.21
C GLY C 200 16.30 -3.26 -43.11
N ALA C 201 16.73 -3.77 -44.27
CA ALA C 201 17.74 -4.81 -44.33
C ALA C 201 19.06 -4.32 -43.73
N ALA C 202 19.86 -5.24 -43.22
CA ALA C 202 21.19 -4.90 -42.73
C ALA C 202 21.98 -4.21 -43.84
N GLY C 203 22.70 -3.15 -43.49
CA GLY C 203 23.52 -2.41 -44.45
C GLY C 203 22.77 -1.39 -45.31
N SER C 204 21.46 -1.29 -45.16
CA SER C 204 20.69 -0.33 -45.94
C SER C 204 20.81 1.08 -45.33
N ALA C 205 20.15 2.05 -45.97
CA ALA C 205 20.25 3.45 -45.58
C ALA C 205 19.32 3.83 -44.43
N ASN C 206 19.77 4.77 -43.60
CA ASN C 206 18.98 5.27 -42.47
C ASN C 206 18.15 6.49 -42.87
N THR C 207 16.87 6.28 -43.12
CA THR C 207 15.98 7.36 -43.54
C THR C 207 14.95 7.69 -42.45
N LEU C 208 15.28 7.33 -41.23
CA LEU C 208 14.39 7.53 -40.10
C LEU C 208 14.12 9.02 -39.86
N VAL C 209 12.85 9.34 -39.63
CA VAL C 209 12.45 10.71 -39.35
C VAL C 209 11.57 10.68 -38.09
N ILE C 210 11.90 11.56 -37.14
CA ILE C 210 11.12 11.70 -35.92
C ILE C 210 10.56 13.12 -35.88
N ASP C 211 9.24 13.22 -35.89
CA ASP C 211 8.56 14.51 -36.02
C ASP C 211 7.48 14.66 -34.96
N ARG C 212 7.17 15.91 -34.62
CA ARG C 212 5.93 16.24 -33.94
C ARG C 212 5.16 17.21 -34.85
N PRO C 213 4.08 16.71 -35.48
CA PRO C 213 3.23 17.54 -36.36
C PRO C 213 2.68 18.73 -35.62
N VAL C 214 2.79 19.91 -36.23
CA VAL C 214 2.39 21.17 -35.60
C VAL C 214 1.00 21.10 -34.97
N GLY C 215 0.90 21.62 -33.75
CA GLY C 215 -0.37 21.71 -33.03
C GLY C 215 -0.87 20.40 -32.48
N THR C 216 -0.04 19.35 -32.54
CA THR C 216 -0.40 18.05 -31.97
C THR C 216 0.54 17.69 -30.83
N ASN C 217 0.14 16.65 -30.08
CA ASN C 217 0.98 16.07 -29.04
C ASN C 217 1.26 14.63 -29.42
N THR C 218 1.47 14.42 -30.71
CA THR C 218 1.72 13.12 -31.30
C THR C 218 3.15 13.09 -31.83
N ILE C 219 3.84 11.96 -31.60
CA ILE C 219 5.17 11.75 -32.15
C ILE C 219 5.05 10.84 -33.37
N ALA C 220 5.37 11.39 -34.54
CA ALA C 220 5.27 10.65 -35.79
C ALA C 220 6.65 10.20 -36.27
N VAL C 221 6.81 8.88 -36.38
CA VAL C 221 8.06 8.27 -36.78
C VAL C 221 7.89 7.60 -38.14
N THR C 222 8.65 8.06 -39.14
CA THR C 222 8.61 7.48 -40.47
C THR C 222 10.00 7.02 -40.90
N GLY C 223 10.08 6.46 -42.11
CA GLY C 223 11.36 6.03 -42.67
C GLY C 223 11.76 4.61 -42.30
N SER C 224 13.01 4.30 -42.60
CA SER C 224 13.53 2.96 -42.44
C SER C 224 14.82 2.98 -41.60
N LEU C 225 14.92 2.05 -40.65
CA LEU C 225 16.10 1.95 -39.79
C LEU C 225 16.79 0.60 -40.02
N PRO C 226 18.08 0.61 -40.43
CA PRO C 226 18.81 -0.62 -40.74
C PRO C 226 18.82 -1.60 -39.57
N ALA C 227 18.64 -2.88 -39.89
CA ALA C 227 18.62 -3.93 -38.87
C ALA C 227 19.92 -4.03 -38.07
N ASP C 228 21.02 -3.63 -38.71
CA ASP C 228 22.35 -3.67 -38.11
C ASP C 228 22.73 -2.38 -37.38
N ALA C 229 21.88 -1.36 -37.48
CA ALA C 229 22.18 -0.03 -36.97
C ALA C 229 22.11 0.06 -35.44
N ALA C 230 22.84 1.04 -34.89
CA ALA C 230 22.71 1.43 -33.49
C ALA C 230 21.34 2.07 -33.31
N PRO C 231 20.78 2.00 -32.08
CA PRO C 231 19.51 2.66 -31.81
C PRO C 231 19.60 4.15 -32.10
N VAL C 232 18.51 4.72 -32.64
CA VAL C 232 18.45 6.17 -32.85
C VAL C 232 17.78 6.82 -31.66
N THR C 233 18.41 7.86 -31.13
CA THR C 233 17.94 8.56 -29.94
C THR C 233 17.87 10.04 -30.27
N ALA C 234 16.71 10.63 -30.04
CA ALA C 234 16.49 12.05 -30.34
C ALA C 234 15.66 12.71 -29.26
N LEU C 235 15.94 13.99 -29.01
CA LEU C 235 15.12 14.78 -28.10
C LEU C 235 14.06 15.54 -28.89
N ARG C 236 12.79 15.28 -28.56
CA ARG C 236 11.67 16.00 -29.16
C ARG C 236 10.79 16.68 -28.12
N THR C 237 10.32 17.89 -28.44
CA THR C 237 9.48 18.66 -27.54
C THR C 237 8.09 18.05 -27.40
N VAL C 238 7.45 18.31 -26.27
CA VAL C 238 6.05 17.95 -26.10
C VAL C 238 5.20 19.21 -25.98
N ASP C 239 3.91 19.05 -26.19
CA ASP C 239 2.94 20.11 -25.97
C ASP C 239 2.62 20.19 -24.47
N GLU C 240 2.66 21.40 -23.92
CA GLU C 240 2.41 21.66 -22.51
C GLU C 240 3.41 20.96 -21.57
N PRO C 241 4.59 21.59 -21.37
CA PRO C 241 5.62 21.03 -20.51
C PRO C 241 5.10 20.64 -19.12
N ALA C 242 4.33 21.51 -18.47
CA ALA C 242 3.84 21.28 -17.12
C ALA C 242 2.93 20.06 -17.01
N ALA C 243 2.15 19.80 -18.06
CA ALA C 243 1.29 18.62 -18.09
C ALA C 243 2.11 17.32 -18.12
N LEU C 244 3.26 17.34 -18.80
CA LEU C 244 4.18 16.21 -18.76
C LEU C 244 4.81 16.08 -17.37
N ALA C 245 5.15 17.21 -16.75
CA ALA C 245 5.62 17.21 -15.37
C ALA C 245 4.56 16.56 -14.47
N GLY C 246 3.30 16.91 -14.71
CA GLY C 246 2.18 16.31 -14.00
C GLY C 246 2.11 14.82 -14.23
N HIS C 247 2.25 14.41 -15.48
CA HIS C 247 2.24 13.00 -15.85
C HIS C 247 3.35 12.22 -15.15
N LEU C 248 4.56 12.77 -15.16
CA LEU C 248 5.72 12.15 -14.52
C LEU C 248 5.61 12.09 -13.00
N PHE C 249 4.99 13.12 -12.43
CA PHE C 249 4.80 13.15 -10.98
C PHE C 249 3.80 12.12 -10.50
N GLU C 250 2.75 11.87 -11.28
CA GLU C 250 1.78 10.85 -10.94
C GLU C 250 2.47 9.49 -10.85
N GLU C 251 3.26 9.17 -11.87
CA GLU C 251 4.01 7.92 -11.93
C GLU C 251 4.94 7.78 -10.74
N ALA C 252 5.56 8.89 -10.35
CA ALA C 252 6.47 8.90 -9.20
C ALA C 252 5.72 8.67 -7.89
N LEU C 253 4.48 9.13 -7.81
CA LEU C 253 3.66 8.93 -6.62
C LEU C 253 3.24 7.47 -6.51
N GLU C 254 2.73 6.90 -7.60
CA GLU C 254 2.31 5.50 -7.62
C GLU C 254 3.50 4.56 -7.44
N SER C 255 4.69 5.08 -7.74
CA SER C 255 5.93 4.39 -7.51
C SER C 255 6.34 4.47 -6.03
N ASN C 256 5.84 5.49 -5.33
CA ASN C 256 6.14 5.68 -3.92
C ASN C 256 4.98 5.36 -2.97
N GLY C 257 4.06 4.52 -3.43
CA GLY C 257 2.97 4.03 -2.59
C GLY C 257 1.68 4.84 -2.57
N VAL C 258 1.74 6.08 -3.06
CA VAL C 258 0.57 6.95 -3.12
C VAL C 258 -0.25 6.62 -4.37
N THR C 259 -1.57 6.54 -4.21
CA THR C 259 -2.46 6.27 -5.33
C THR C 259 -3.26 7.54 -5.67
N VAL C 260 -3.37 7.84 -6.97
CA VAL C 260 -4.11 9.01 -7.42
C VAL C 260 -5.37 8.56 -8.15
N LYS C 261 -6.50 8.62 -7.45
CA LYS C 261 -7.77 8.11 -7.98
C LYS C 261 -8.34 8.94 -9.13
N GLY C 262 -8.00 10.22 -9.16
CA GLY C 262 -8.55 11.16 -10.15
C GLY C 262 -7.69 11.37 -11.39
N ASP C 263 -8.03 12.43 -12.12
CA ASP C 263 -7.36 12.79 -13.37
C ASP C 263 -6.12 13.65 -13.13
N VAL C 264 -5.31 13.81 -14.18
CA VAL C 264 -4.17 14.72 -14.14
C VAL C 264 -4.44 15.86 -15.12
N GLY C 265 -4.15 17.09 -14.70
CA GLY C 265 -4.36 18.24 -15.55
C GLY C 265 -3.67 19.48 -15.07
N LEU C 266 -3.91 20.59 -15.76
CA LEU C 266 -3.36 21.88 -15.38
C LEU C 266 -4.31 22.57 -14.41
N GLY C 267 -3.82 23.58 -13.70
CA GLY C 267 -4.65 24.34 -12.78
C GLY C 267 -3.84 25.10 -11.75
N GLY C 268 -4.29 26.33 -11.46
CA GLY C 268 -3.68 27.15 -10.41
C GLY C 268 -4.25 26.77 -9.06
N VAL C 269 -3.44 26.96 -8.02
CA VAL C 269 -3.86 26.71 -6.63
C VAL C 269 -4.98 27.68 -6.24
N PRO C 270 -6.11 27.15 -5.72
CA PRO C 270 -7.26 27.98 -5.34
C PRO C 270 -6.87 29.03 -4.31
N ALA C 271 -7.33 30.26 -4.53
CA ALA C 271 -7.01 31.37 -3.63
C ALA C 271 -7.77 31.28 -2.30
N ASP C 272 -8.90 30.56 -2.31
CA ASP C 272 -9.72 30.40 -1.11
C ASP C 272 -9.18 29.35 -0.11
N TRP C 273 -8.08 28.70 -0.47
CA TRP C 273 -7.33 27.86 0.46
C TRP C 273 -6.75 28.75 1.55
N GLN C 274 -7.27 28.59 2.76
CA GLN C 274 -6.97 29.51 3.86
C GLN C 274 -5.57 29.33 4.41
N ASP C 275 -5.14 28.07 4.56
CA ASP C 275 -3.77 27.75 4.95
C ASP C 275 -3.37 26.40 4.36
N ALA C 276 -2.71 26.46 3.20
CA ALA C 276 -2.30 25.28 2.45
C ALA C 276 -1.15 24.55 3.12
N GLU C 277 -1.14 23.23 2.96
CA GLU C 277 -0.10 22.39 3.54
C GLU C 277 0.95 22.06 2.47
N VAL C 278 2.18 22.53 2.69
CA VAL C 278 3.30 22.20 1.82
C VAL C 278 3.86 20.84 2.24
N LEU C 279 3.56 19.82 1.43
CA LEU C 279 3.94 18.45 1.74
C LEU C 279 5.34 18.08 1.26
N ALA C 280 5.80 18.76 0.21
CA ALA C 280 7.12 18.53 -0.38
C ALA C 280 7.60 19.76 -1.14
N ASP C 281 8.92 19.96 -1.13
CA ASP C 281 9.52 21.02 -1.94
C ASP C 281 10.92 20.68 -2.46
N HIS C 282 11.42 21.51 -3.37
CA HIS C 282 12.75 21.36 -3.94
C HIS C 282 13.33 22.73 -4.28
N THR C 283 14.60 22.91 -3.96
CA THR C 283 15.32 24.12 -4.31
C THR C 283 16.42 23.74 -5.29
N SER C 284 16.46 24.47 -6.41
CA SER C 284 17.46 24.24 -7.44
C SER C 284 18.85 24.63 -6.98
N ALA C 285 19.85 24.32 -7.81
CA ALA C 285 21.17 24.90 -7.68
C ALA C 285 21.05 26.42 -7.85
N GLU C 286 22.06 27.14 -7.37
CA GLU C 286 22.07 28.61 -7.48
C GLU C 286 22.28 29.05 -8.92
N LEU C 287 21.95 30.30 -9.22
CA LEU C 287 22.00 30.82 -10.59
C LEU C 287 23.41 30.82 -11.19
N SER C 288 24.41 31.09 -10.35
CA SER C 288 25.80 31.14 -10.82
C SER C 288 26.29 29.78 -11.31
N GLU C 289 25.62 28.72 -10.87
CA GLU C 289 25.96 27.35 -11.24
C GLU C 289 25.08 26.84 -12.37
N ILE C 290 23.93 27.50 -12.55
CA ILE C 290 23.01 27.21 -13.63
C ILE C 290 23.52 27.82 -14.93
N LEU C 291 24.30 28.89 -14.81
CA LEU C 291 24.88 29.57 -15.98
C LEU C 291 25.71 28.67 -16.89
N VAL C 292 26.45 27.73 -16.30
CA VAL C 292 27.33 26.86 -17.06
C VAL C 292 26.58 26.05 -18.14
N PRO C 293 25.66 25.13 -17.74
CA PRO C 293 24.92 24.42 -18.81
C PRO C 293 24.16 25.36 -19.74
N PHE C 294 23.83 26.55 -19.25
CA PHE C 294 23.07 27.54 -20.01
C PHE C 294 23.88 28.16 -21.13
N MET C 295 25.04 28.73 -20.78
CA MET C 295 25.86 29.45 -21.74
C MET C 295 26.77 28.55 -22.58
N LYS C 296 27.33 27.51 -21.96
CA LYS C 296 28.25 26.59 -22.65
C LYS C 296 27.61 25.91 -23.84
N PHE C 297 26.36 25.46 -23.66
CA PHE C 297 25.63 24.76 -24.72
C PHE C 297 24.51 25.59 -25.35
N SER C 298 24.34 26.81 -24.86
CA SER C 298 23.37 27.79 -25.41
C SER C 298 21.92 27.32 -25.32
N ASN C 299 21.42 27.16 -24.09
CA ASN C 299 20.09 26.62 -23.85
C ASN C 299 19.01 27.67 -24.02
N ASN C 300 18.20 27.52 -25.07
CA ASN C 300 17.13 28.47 -25.38
C ASN C 300 16.08 28.55 -24.29
N GLY C 301 15.66 27.37 -23.82
CA GLY C 301 14.68 27.28 -22.75
C GLY C 301 15.10 28.06 -21.53
N HIS C 302 16.36 27.94 -21.14
CA HIS C 302 16.85 28.62 -19.95
C HIS C 302 16.69 30.12 -20.04
N ALA C 303 17.07 30.70 -21.18
CA ALA C 303 17.03 32.15 -21.38
C ALA C 303 15.62 32.76 -21.27
N GLU C 304 14.66 32.16 -21.97
CA GLU C 304 13.26 32.61 -21.94
C GLU C 304 12.67 32.48 -20.54
N MET C 305 13.00 31.37 -19.87
CA MET C 305 12.59 31.13 -18.49
C MET C 305 13.16 32.18 -17.56
N LEU C 306 14.40 32.60 -17.81
CA LEU C 306 15.03 33.66 -17.02
C LEU C 306 14.39 35.01 -17.27
N VAL C 307 14.08 35.31 -18.53
CA VAL C 307 13.40 36.55 -18.91
C VAL C 307 12.09 36.71 -18.13
N LYS C 308 11.25 35.68 -18.13
CA LYS C 308 9.99 35.72 -17.41
C LYS C 308 10.20 35.79 -15.88
N SER C 309 11.25 35.14 -15.39
CA SER C 309 11.67 35.26 -14.00
C SER C 309 12.05 36.70 -13.65
N ILE C 310 12.75 37.35 -14.58
CA ILE C 310 13.07 38.78 -14.47
C ILE C 310 11.78 39.60 -14.41
N GLY C 311 10.79 39.22 -15.21
CA GLY C 311 9.47 39.85 -15.19
C GLY C 311 8.79 39.77 -13.84
N GLN C 312 8.81 38.60 -13.23
CA GLN C 312 8.22 38.39 -11.91
C GLN C 312 8.94 39.20 -10.83
N GLU C 313 10.27 39.16 -10.83
CA GLU C 313 11.07 39.85 -9.83
C GLU C 313 10.94 41.36 -9.96
N THR C 314 10.79 41.84 -11.18
CA THR C 314 10.86 43.26 -11.49
C THR C 314 9.49 43.95 -11.54
N ALA C 315 8.45 43.20 -11.91
CA ALA C 315 7.12 43.78 -12.12
C ALA C 315 5.97 42.94 -11.55
N GLY C 316 6.26 41.68 -11.22
CA GLY C 316 5.23 40.76 -10.75
C GLY C 316 4.44 40.13 -11.89
N ALA C 317 5.07 40.00 -13.04
CA ALA C 317 4.44 39.41 -14.22
C ALA C 317 5.38 38.45 -14.95
N GLY C 318 5.03 37.16 -14.95
CA GLY C 318 5.84 36.16 -15.65
C GLY C 318 5.55 36.18 -17.14
N THR C 319 5.94 37.27 -17.81
CA THR C 319 5.64 37.49 -19.22
C THR C 319 6.87 37.98 -19.96
N TRP C 320 6.86 37.85 -21.29
CA TRP C 320 7.94 38.36 -22.13
C TRP C 320 8.06 39.89 -22.12
N ASP C 321 6.91 40.57 -22.18
CA ASP C 321 6.87 42.04 -22.15
C ASP C 321 7.49 42.67 -20.91
N ALA C 322 7.11 42.16 -19.73
CA ALA C 322 7.66 42.68 -18.48
C ALA C 322 9.15 42.33 -18.35
N GLY C 323 9.48 41.09 -18.72
CA GLY C 323 10.86 40.59 -18.67
C GLY C 323 11.83 41.33 -19.58
N LEU C 324 11.42 41.58 -20.82
CA LEU C 324 12.30 42.23 -21.79
C LEU C 324 12.52 43.70 -21.43
N VAL C 325 11.48 44.35 -20.92
CA VAL C 325 11.61 45.69 -20.39
C VAL C 325 12.60 45.65 -19.22
N GLY C 326 12.41 44.68 -18.34
CA GLY C 326 13.33 44.42 -17.23
C GLY C 326 14.78 44.26 -17.67
N VAL C 327 15.00 43.45 -18.70
CA VAL C 327 16.34 43.24 -19.28
C VAL C 327 16.99 44.58 -19.67
N GLU C 328 16.27 45.38 -20.45
CA GLU C 328 16.76 46.69 -20.93
C GLU C 328 17.09 47.62 -19.77
N GLU C 329 16.20 47.66 -18.78
CA GLU C 329 16.41 48.48 -17.59
C GLU C 329 17.66 48.04 -16.81
N ALA C 330 17.82 46.73 -16.65
CA ALA C 330 18.99 46.17 -16.00
C ALA C 330 20.28 46.49 -16.75
N LEU C 331 20.19 46.49 -18.09
CA LEU C 331 21.32 46.80 -18.95
C LEU C 331 21.79 48.25 -18.82
N SER C 332 20.84 49.18 -18.71
CA SER C 332 21.15 50.60 -18.45
C SER C 332 21.81 50.75 -17.07
N GLY C 333 21.27 50.04 -16.08
CA GLY C 333 21.80 50.05 -14.73
C GLY C 333 23.21 49.50 -14.64
N LEU C 334 23.59 48.72 -15.65
CA LEU C 334 24.94 48.19 -15.77
C LEU C 334 25.87 49.21 -16.44
N GLY C 335 25.28 50.24 -17.06
CA GLY C 335 26.04 51.31 -17.73
C GLY C 335 26.08 51.17 -19.24
N VAL C 336 25.37 50.17 -19.75
CA VAL C 336 25.33 49.88 -21.19
C VAL C 336 24.29 50.75 -21.90
N ASP C 337 24.69 51.37 -23.02
CA ASP C 337 23.77 52.14 -23.85
C ASP C 337 22.95 51.17 -24.71
N THR C 338 21.63 51.23 -24.53
CA THR C 338 20.72 50.29 -25.20
C THR C 338 20.05 50.88 -26.46
N ALA C 339 20.73 51.83 -27.09
CA ALA C 339 20.17 52.54 -28.26
C ALA C 339 19.91 51.64 -29.47
N GLY C 340 20.88 50.81 -29.83
CA GLY C 340 20.76 49.92 -30.99
C GLY C 340 20.04 48.60 -30.73
N LEU C 341 19.65 48.38 -29.48
CA LEU C 341 19.05 47.11 -29.07
C LEU C 341 17.54 47.00 -29.32
N VAL C 342 17.16 45.97 -30.07
CA VAL C 342 15.76 45.60 -30.20
C VAL C 342 15.60 44.20 -29.59
N LEU C 343 14.86 44.13 -28.48
CA LEU C 343 14.69 42.88 -27.73
C LEU C 343 13.33 42.22 -27.95
N ASN C 344 13.35 41.05 -28.59
CA ASN C 344 12.12 40.30 -28.84
C ASN C 344 12.05 38.97 -28.11
N ASP C 345 13.22 38.42 -27.75
CA ASP C 345 13.28 37.28 -26.84
C ASP C 345 14.59 37.21 -26.04
N GLY C 346 14.70 36.19 -25.19
CA GLY C 346 15.88 36.01 -24.36
C GLY C 346 16.95 35.13 -25.00
N SER C 347 16.53 34.19 -25.83
CA SER C 347 17.45 33.19 -26.38
C SER C 347 18.20 33.62 -27.62
N GLY C 348 17.61 34.54 -28.37
CA GLY C 348 18.15 34.94 -29.68
C GLY C 348 17.57 34.15 -30.84
N LEU C 349 16.67 33.23 -30.52
CA LEU C 349 15.99 32.43 -31.55
C LEU C 349 15.06 33.28 -32.45
N SER C 350 14.44 34.29 -31.86
CA SER C 350 13.57 35.18 -32.61
C SER C 350 14.35 36.06 -33.57
N ARG C 351 13.90 36.10 -34.81
CA ARG C 351 14.52 36.93 -35.83
C ARG C 351 14.09 38.39 -35.72
N GLY C 352 13.38 38.73 -34.64
CA GLY C 352 13.04 40.11 -34.34
C GLY C 352 14.05 40.76 -33.41
N ASN C 353 15.12 40.04 -33.10
CA ASN C 353 16.21 40.57 -32.29
C ASN C 353 17.17 41.37 -33.14
N LEU C 354 17.68 42.46 -32.57
CA LEU C 354 18.70 43.26 -33.24
C LEU C 354 19.70 43.79 -32.23
N VAL C 355 20.98 43.69 -32.58
CA VAL C 355 22.07 44.26 -31.79
C VAL C 355 23.05 44.95 -32.73
N THR C 356 24.02 45.66 -32.17
CA THR C 356 25.16 46.16 -32.93
C THR C 356 26.41 45.60 -32.26
N ALA C 357 27.47 45.41 -33.04
CA ALA C 357 28.75 44.95 -32.49
C ALA C 357 29.28 45.88 -31.39
N ASP C 358 29.10 47.19 -31.58
CA ASP C 358 29.46 48.17 -30.54
C ASP C 358 28.74 47.90 -29.23
N THR C 359 27.42 47.68 -29.30
CA THR C 359 26.62 47.36 -28.11
C THR C 359 27.10 46.12 -27.38
N VAL C 360 27.48 45.09 -28.14
CA VAL C 360 27.94 43.83 -27.57
C VAL C 360 29.24 44.01 -26.78
N VAL C 361 30.21 44.68 -27.41
CA VAL C 361 31.50 44.95 -26.76
C VAL C 361 31.31 45.81 -25.51
N ASP C 362 30.46 46.83 -25.62
CA ASP C 362 30.07 47.65 -24.47
C ASP C 362 29.68 46.79 -23.28
N LEU C 363 28.76 45.85 -23.52
CA LEU C 363 28.31 44.90 -22.49
C LEU C 363 29.45 44.06 -21.91
N LEU C 364 30.32 43.54 -22.79
CA LEU C 364 31.46 42.75 -22.38
C LEU C 364 32.45 43.56 -21.53
N GLY C 365 32.52 44.87 -21.80
CA GLY C 365 33.36 45.78 -21.03
C GLY C 365 32.82 46.05 -19.64
N GLN C 366 31.51 46.29 -19.56
CA GLN C 366 30.85 46.57 -18.29
C GLN C 366 30.78 45.33 -17.42
N ALA C 367 30.50 44.18 -18.05
CA ALA C 367 30.33 42.92 -17.33
C ALA C 367 31.63 42.38 -16.78
N GLY C 368 32.73 42.63 -17.49
CA GLY C 368 34.06 42.21 -17.05
C GLY C 368 34.53 42.87 -15.76
N SER C 369 33.93 44.00 -15.43
CA SER C 369 34.25 44.73 -14.20
C SER C 369 33.00 44.91 -13.32
N ALA C 370 32.14 43.90 -13.34
CA ALA C 370 30.96 43.85 -12.46
C ALA C 370 31.29 43.01 -11.23
N PRO C 371 30.50 43.14 -10.16
CA PRO C 371 30.74 42.27 -8.99
C PRO C 371 30.75 40.78 -9.34
N TRP C 372 29.90 40.38 -10.29
CA TRP C 372 29.76 38.98 -10.68
C TRP C 372 30.55 38.58 -11.92
N ALA C 373 31.58 39.36 -12.25
CA ALA C 373 32.42 39.12 -13.44
C ALA C 373 32.99 37.70 -13.56
N GLN C 374 33.38 37.12 -12.42
CA GLN C 374 34.09 35.84 -12.40
C GLN C 374 33.19 34.64 -12.76
N THR C 375 31.99 34.60 -12.18
CA THR C 375 31.03 33.53 -12.51
C THR C 375 30.45 33.69 -13.93
N TRP C 376 30.54 34.91 -14.47
CA TRP C 376 30.10 35.21 -15.81
C TRP C 376 31.10 34.70 -16.85
N SER C 377 32.39 34.86 -16.57
CA SER C 377 33.45 34.44 -17.48
C SER C 377 33.61 32.93 -17.48
N ALA C 378 33.32 32.31 -16.34
CA ALA C 378 33.40 30.87 -16.18
C ALA C 378 32.30 30.12 -16.95
N SER C 379 31.23 30.81 -17.28
CA SER C 379 30.12 30.21 -18.03
C SER C 379 30.36 30.23 -19.54
N LEU C 380 31.21 31.15 -20.00
CA LEU C 380 31.50 31.26 -21.42
C LEU C 380 32.26 30.04 -21.94
N PRO C 381 31.89 29.54 -23.12
CA PRO C 381 32.65 28.50 -23.81
C PRO C 381 34.11 28.91 -24.01
N VAL C 382 35.02 27.99 -23.72
CA VAL C 382 36.45 28.23 -23.86
C VAL C 382 36.98 27.52 -25.11
N ALA C 383 37.69 28.27 -25.96
CA ALA C 383 38.15 27.78 -27.26
C ALA C 383 38.97 26.49 -27.23
N GLY C 384 38.54 25.51 -28.01
CA GLY C 384 39.32 24.30 -28.26
C GLY C 384 39.41 23.28 -27.14
N GLU C 385 38.64 23.46 -26.07
CA GLU C 385 38.69 22.54 -24.95
C GLU C 385 37.76 21.36 -25.18
N SER C 386 38.34 20.16 -25.24
CA SER C 386 37.61 18.95 -25.65
C SER C 386 36.49 18.57 -24.67
N ASP C 387 36.68 18.89 -23.39
CA ASP C 387 35.67 18.66 -22.36
C ASP C 387 34.42 19.50 -22.65
N PRO C 388 33.27 18.85 -22.90
CA PRO C 388 32.08 19.58 -23.35
C PRO C 388 31.69 20.68 -22.39
N PHE C 389 31.83 20.43 -21.09
CA PHE C 389 31.45 21.40 -20.06
C PHE C 389 32.43 22.55 -19.88
N VAL C 390 33.54 22.50 -20.62
CA VAL C 390 34.52 23.60 -20.64
C VAL C 390 34.53 24.29 -22.01
N GLY C 391 34.66 23.50 -23.09
CA GLY C 391 34.63 24.04 -24.45
C GLY C 391 33.26 24.39 -24.98
N GLY C 392 32.23 23.69 -24.51
CA GLY C 392 30.86 23.95 -24.93
C GLY C 392 30.70 23.94 -26.43
N THR C 393 30.33 25.07 -27.02
CA THR C 393 30.12 25.16 -28.46
C THR C 393 31.40 25.44 -29.24
N LEU C 394 32.46 25.84 -28.51
CA LEU C 394 33.77 26.06 -29.12
C LEU C 394 34.68 24.84 -28.96
N ALA C 395 34.12 23.75 -28.43
CA ALA C 395 34.88 22.55 -28.11
C ALA C 395 35.71 22.06 -29.28
N ASN C 396 35.13 22.06 -30.48
CA ASN C 396 35.79 21.53 -31.67
C ASN C 396 36.54 22.59 -32.48
N ARG C 397 36.61 23.80 -31.98
CA ARG C 397 37.16 24.90 -32.75
C ARG C 397 38.44 25.46 -32.16
N MET C 398 39.39 25.83 -33.03
CA MET C 398 40.61 26.55 -32.65
C MET C 398 41.61 25.71 -31.82
N ARG C 399 41.48 24.39 -31.91
CA ARG C 399 42.45 23.48 -31.30
C ARG C 399 43.80 23.65 -31.99
N GLY C 400 44.86 23.63 -31.18
CA GLY C 400 46.24 23.80 -31.68
C GLY C 400 46.54 25.19 -32.24
N THR C 401 45.82 26.20 -31.76
CA THR C 401 46.04 27.59 -32.14
C THR C 401 46.35 28.40 -30.89
N ALA C 402 46.86 29.62 -31.07
CA ALA C 402 47.11 30.53 -29.95
C ALA C 402 45.83 30.75 -29.12
N ALA C 403 44.68 30.59 -29.76
CA ALA C 403 43.37 30.76 -29.12
C ALA C 403 42.95 29.64 -28.16
N GLU C 404 43.56 28.47 -28.27
CA GLU C 404 43.17 27.31 -27.46
C GLU C 404 43.34 27.56 -25.96
N GLY C 405 42.27 27.30 -25.21
CA GLY C 405 42.28 27.43 -23.74
C GLY C 405 42.42 28.85 -23.26
N VAL C 406 42.29 29.80 -24.20
CA VAL C 406 42.51 31.22 -23.92
C VAL C 406 41.23 32.00 -24.21
N VAL C 407 40.75 31.90 -25.44
CA VAL C 407 39.57 32.63 -25.87
C VAL C 407 38.30 32.13 -25.16
N GLU C 408 37.59 33.06 -24.52
CA GLU C 408 36.30 32.79 -23.91
C GLU C 408 35.25 33.56 -24.69
N ALA C 409 34.36 32.85 -25.38
CA ALA C 409 33.43 33.49 -26.31
C ALA C 409 32.06 32.78 -26.42
N LYS C 410 31.03 33.57 -26.68
CA LYS C 410 29.69 33.04 -26.91
C LYS C 410 29.41 32.97 -28.42
N THR C 411 28.79 31.87 -28.85
CA THR C 411 28.47 31.65 -30.25
C THR C 411 27.02 32.01 -30.56
N GLY C 412 26.65 31.89 -31.83
CA GLY C 412 25.29 32.14 -32.29
C GLY C 412 25.15 31.56 -33.68
N THR C 413 24.08 30.79 -33.90
CA THR C 413 23.87 30.14 -35.19
C THR C 413 22.41 29.91 -35.54
N MET C 414 21.96 30.60 -36.57
CA MET C 414 20.74 30.28 -37.31
C MET C 414 21.15 30.37 -38.77
N SER C 415 20.27 29.94 -39.68
CA SER C 415 20.57 30.03 -41.10
C SER C 415 20.72 31.50 -41.48
N GLY C 416 21.86 31.83 -42.09
CA GLY C 416 22.15 33.19 -42.53
C GLY C 416 22.57 34.14 -41.43
N VAL C 417 22.85 33.60 -40.25
CA VAL C 417 23.21 34.39 -39.06
C VAL C 417 24.25 33.63 -38.23
N SER C 418 25.38 34.28 -37.96
CA SER C 418 26.45 33.65 -37.22
C SER C 418 27.21 34.67 -36.39
N ALA C 419 27.51 34.32 -35.14
CA ALA C 419 28.13 35.26 -34.23
C ALA C 419 29.19 34.64 -33.32
N LEU C 420 30.24 35.42 -33.03
CA LEU C 420 31.23 35.05 -32.03
C LEU C 420 31.69 36.29 -31.25
N SER C 421 31.40 36.30 -29.95
CA SER C 421 31.74 37.43 -29.11
C SER C 421 32.24 36.99 -27.74
N GLY C 422 33.26 37.68 -27.23
CA GLY C 422 33.83 37.36 -25.93
C GLY C 422 35.17 38.03 -25.61
N TYR C 423 35.98 37.31 -24.84
CA TYR C 423 37.20 37.86 -24.27
C TYR C 423 38.47 37.14 -24.72
N VAL C 424 39.55 37.90 -24.86
CA VAL C 424 40.89 37.35 -25.05
C VAL C 424 41.75 37.82 -23.87
N PRO C 425 41.71 37.09 -22.74
CA PRO C 425 42.56 37.43 -21.59
C PRO C 425 44.04 37.21 -21.88
N GLY C 426 44.89 38.07 -21.32
CA GLY C 426 46.33 37.95 -21.45
C GLY C 426 47.06 38.89 -20.51
N PRO C 427 48.39 38.76 -20.43
CA PRO C 427 49.21 39.61 -19.56
C PRO C 427 49.16 41.10 -19.96
N GLU C 428 48.92 41.37 -21.25
CA GLU C 428 48.93 42.74 -21.78
C GLU C 428 47.62 43.51 -21.53
N GLY C 429 46.66 42.85 -20.90
CA GLY C 429 45.34 43.44 -20.64
C GLY C 429 44.28 42.84 -21.54
N GLU C 430 43.26 42.27 -20.90
CA GLU C 430 42.12 41.62 -21.55
C GLU C 430 41.59 42.35 -22.79
N LEU C 431 41.21 41.58 -23.80
CA LEU C 431 40.53 42.14 -24.97
C LEU C 431 39.08 41.67 -25.01
N ALA C 432 38.21 42.52 -25.51
CA ALA C 432 36.82 42.12 -25.75
C ALA C 432 36.52 42.31 -27.24
N PHE C 433 35.94 41.28 -27.84
CA PHE C 433 35.61 41.32 -29.26
C PHE C 433 34.16 40.91 -29.53
N SER C 434 33.64 41.36 -30.67
CA SER C 434 32.34 40.94 -31.15
C SER C 434 32.36 40.78 -32.66
N ILE C 435 31.98 39.59 -33.14
CA ILE C 435 31.87 39.33 -34.56
C ILE C 435 30.45 38.89 -34.87
N VAL C 436 29.73 39.69 -35.67
CA VAL C 436 28.36 39.32 -36.05
C VAL C 436 28.19 39.32 -37.57
N ASN C 437 27.91 38.15 -38.13
CA ASN C 437 27.72 37.99 -39.57
C ASN C 437 26.26 37.75 -39.93
N ASN C 438 25.73 38.55 -40.84
CA ASN C 438 24.37 38.36 -41.38
C ASN C 438 24.40 38.32 -42.91
N GLY C 439 23.49 37.54 -43.49
CA GLY C 439 23.29 37.55 -44.94
C GLY C 439 24.27 36.75 -45.76
N HIS C 440 25.15 36.00 -45.09
CA HIS C 440 26.00 35.04 -45.80
C HIS C 440 25.11 33.96 -46.39
N SER C 441 25.52 33.41 -47.51
CA SER C 441 24.64 32.56 -48.29
C SER C 441 24.91 31.09 -48.11
N GLY C 442 25.99 30.77 -47.42
CA GLY C 442 26.36 29.38 -47.20
C GLY C 442 26.28 29.04 -45.75
N PRO C 443 27.11 28.08 -45.33
CA PRO C 443 27.18 27.68 -43.94
C PRO C 443 27.89 28.75 -43.16
N ALA C 444 27.65 28.79 -41.86
CA ALA C 444 28.31 29.73 -40.99
C ALA C 444 29.80 29.87 -41.30
N PRO C 445 30.28 31.10 -41.36
CA PRO C 445 31.70 31.37 -41.58
C PRO C 445 32.49 31.20 -40.29
N LEU C 446 32.54 29.98 -39.76
CA LEU C 446 33.23 29.71 -38.50
C LEU C 446 34.72 29.92 -38.61
N ALA C 447 35.28 29.51 -39.75
CA ALA C 447 36.71 29.61 -39.99
C ALA C 447 37.23 31.06 -39.99
N VAL C 448 36.37 31.97 -40.44
CA VAL C 448 36.66 33.40 -40.41
C VAL C 448 36.70 33.88 -38.97
N GLN C 449 35.66 33.55 -38.20
CA GLN C 449 35.58 33.95 -36.80
C GLN C 449 36.76 33.38 -36.03
N ASP C 450 37.07 32.10 -36.28
CA ASP C 450 38.21 31.46 -35.65
C ASP C 450 39.49 32.22 -35.99
N ALA C 451 39.66 32.59 -37.25
CA ALA C 451 40.87 33.27 -37.73
C ALA C 451 41.09 34.60 -37.00
N ILE C 452 40.03 35.40 -36.90
CA ILE C 452 40.09 36.66 -36.16
C ILE C 452 40.44 36.41 -34.69
N ALA C 453 39.80 35.40 -34.09
CA ALA C 453 40.02 35.08 -32.69
C ALA C 453 41.45 34.63 -32.42
N VAL C 454 42.00 33.85 -33.35
CA VAL C 454 43.39 33.40 -33.28
C VAL C 454 44.30 34.61 -33.40
N ARG C 455 43.97 35.50 -34.33
CA ARG C 455 44.75 36.72 -34.56
C ARG C 455 44.86 37.60 -33.31
N LEU C 456 43.74 37.80 -32.62
CA LEU C 456 43.71 38.60 -31.39
C LEU C 456 44.46 37.91 -30.27
N ALA C 457 44.44 36.58 -30.27
CA ALA C 457 45.21 35.79 -29.32
C ALA C 457 46.70 35.99 -29.54
N GLU C 458 47.11 36.05 -30.81
CA GLU C 458 48.51 36.37 -31.17
C GLU C 458 48.90 37.75 -30.65
N TYR C 459 48.02 38.73 -30.87
CA TYR C 459 48.23 40.10 -30.42
C TYR C 459 48.40 40.18 -28.90
N ALA C 460 47.61 39.38 -28.18
CA ALA C 460 47.66 39.33 -26.72
C ALA C 460 48.89 38.59 -26.17
N GLY C 461 49.77 38.15 -27.08
CA GLY C 461 51.03 37.51 -26.69
C GLY C 461 51.01 35.99 -26.56
N HIS C 462 49.84 35.39 -26.81
CA HIS C 462 49.71 33.93 -26.74
C HIS C 462 50.29 33.25 -27.97
N GLN C 463 50.61 31.96 -27.81
CA GLN C 463 51.07 31.12 -28.91
C GLN C 463 50.52 29.70 -28.76
N ALA C 464 50.46 28.96 -29.88
CA ALA C 464 49.96 27.59 -29.90
C ALA C 464 50.70 26.68 -28.92
N PRO C 465 49.95 26.02 -28.01
CA PRO C 465 50.51 25.08 -27.03
C PRO C 465 51.10 23.83 -27.71
N GLU C 466 52.11 23.23 -27.08
N ARG D 1 22.05 -24.89 -6.06
CA ARG D 1 23.36 -24.22 -6.30
C ARG D 1 23.85 -23.47 -5.06
N LEU D 2 22.93 -22.85 -4.32
CA LEU D 2 23.25 -22.01 -3.17
C LEU D 2 23.83 -22.76 -1.97
N THR D 3 23.30 -23.96 -1.71
CA THR D 3 23.77 -24.79 -0.60
C THR D 3 25.16 -25.33 -0.88
N GLU D 4 25.46 -25.51 -2.16
CA GLU D 4 26.77 -25.94 -2.64
C GLU D 4 27.77 -24.79 -2.56
N LEU D 5 27.28 -23.56 -2.77
CA LEU D 5 28.10 -22.35 -2.69
C LEU D 5 28.64 -22.15 -1.27
N ARG D 6 27.88 -22.59 -0.27
CA ARG D 6 28.33 -22.59 1.11
C ARG D 6 29.53 -23.50 1.30
N GLU D 7 29.45 -24.71 0.74
CA GLU D 7 30.51 -25.70 0.83
C GLU D 7 31.85 -25.16 0.29
N ASP D 8 31.79 -24.52 -0.87
CA ASP D 8 32.97 -23.94 -1.51
C ASP D 8 33.68 -22.93 -0.61
N ILE D 9 32.89 -22.06 0.04
CA ILE D 9 33.43 -21.04 0.93
C ILE D 9 33.94 -21.62 2.25
N ASP D 10 33.16 -22.52 2.86
CA ASP D 10 33.60 -23.24 4.05
C ASP D 10 34.98 -23.86 3.85
N ALA D 11 35.17 -24.46 2.67
CA ALA D 11 36.42 -25.12 2.30
C ALA D 11 37.59 -24.15 2.18
N ILE D 12 37.39 -23.07 1.43
CA ILE D 12 38.42 -22.04 1.24
C ILE D 12 38.91 -21.49 2.59
N LEU D 13 37.96 -21.15 3.46
CA LEU D 13 38.27 -20.55 4.76
C LEU D 13 39.04 -21.45 5.73
N GLU D 14 39.31 -22.69 5.31
CA GLU D 14 40.06 -23.63 6.14
C GLU D 14 41.56 -23.62 5.80
N ASP D 15 41.93 -22.80 4.82
CA ASP D 15 43.30 -22.61 4.35
C ASP D 15 44.33 -22.43 5.49
N PRO D 16 45.54 -22.99 5.32
CA PRO D 16 46.64 -22.82 6.28
C PRO D 16 47.04 -21.35 6.50
N ALA D 17 46.90 -20.52 5.47
CA ALA D 17 47.26 -19.10 5.56
C ALA D 17 46.47 -18.34 6.62
N LEU D 18 45.23 -18.78 6.86
CA LEU D 18 44.34 -18.15 7.84
C LEU D 18 44.48 -18.75 9.24
N GLU D 19 45.60 -19.43 9.48
CA GLU D 19 45.88 -20.01 10.80
C GLU D 19 46.01 -18.92 11.85
N GLY D 20 45.32 -19.09 12.97
CA GLY D 20 45.36 -18.13 14.08
C GLY D 20 44.70 -16.80 13.74
N ALA D 21 43.91 -16.78 12.66
CA ALA D 21 43.31 -15.56 12.16
C ALA D 21 41.79 -15.53 12.30
N VAL D 22 41.27 -14.37 12.70
CA VAL D 22 39.84 -14.12 12.77
C VAL D 22 39.40 -13.56 11.41
N SER D 23 38.21 -13.95 10.97
CA SER D 23 37.70 -13.48 9.69
C SER D 23 36.19 -13.26 9.70
N GLY D 24 35.76 -12.20 9.02
CA GLY D 24 34.34 -11.91 8.86
C GLY D 24 33.98 -11.94 7.39
N VAL D 25 33.11 -12.88 7.01
CA VAL D 25 32.69 -13.00 5.62
C VAL D 25 31.17 -12.98 5.52
N VAL D 26 30.65 -12.01 4.78
CA VAL D 26 29.21 -11.83 4.63
C VAL D 26 28.86 -11.56 3.15
N VAL D 27 27.89 -12.31 2.63
CA VAL D 27 27.37 -12.06 1.28
C VAL D 27 25.85 -11.88 1.33
N VAL D 28 25.35 -10.89 0.60
CA VAL D 28 23.94 -10.54 0.61
C VAL D 28 23.44 -10.16 -0.78
N ASP D 29 22.20 -10.53 -1.09
CA ASP D 29 21.59 -10.19 -2.37
C ASP D 29 20.95 -8.81 -2.34
N THR D 30 21.35 -7.95 -3.27
CA THR D 30 20.73 -6.63 -3.43
C THR D 30 19.33 -6.74 -4.02
N ALA D 31 19.15 -7.70 -4.94
CA ALA D 31 17.86 -7.95 -5.58
C ALA D 31 16.83 -8.48 -4.57
N THR D 32 17.24 -9.45 -3.76
CA THR D 32 16.32 -10.06 -2.78
C THR D 32 16.45 -9.46 -1.38
N GLY D 33 17.66 -9.54 -0.81
CA GLY D 33 17.91 -9.09 0.55
C GLY D 33 18.38 -10.24 1.43
N GLU D 34 18.66 -11.36 0.79
CA GLU D 34 18.98 -12.62 1.49
C GLU D 34 20.44 -12.69 1.94
N GLU D 35 20.63 -13.14 3.18
CA GLU D 35 21.95 -13.43 3.70
C GLU D 35 22.42 -14.79 3.17
N LEU D 36 23.12 -14.75 2.04
CA LEU D 36 23.61 -15.96 1.36
C LEU D 36 24.67 -16.68 2.19
N TYR D 37 25.69 -15.94 2.63
CA TYR D 37 26.72 -16.49 3.51
C TYR D 37 27.05 -15.53 4.64
N SER D 38 27.34 -16.08 5.82
CA SER D 38 27.75 -15.28 6.98
C SER D 38 28.56 -16.09 7.99
N ARG D 39 29.65 -15.50 8.44
CA ARG D 39 30.51 -16.08 9.47
C ARG D 39 31.25 -14.96 10.22
N ASP D 40 31.05 -14.92 11.53
CA ASP D 40 31.61 -13.87 12.40
C ASP D 40 31.40 -12.46 11.82
N GLY D 41 30.21 -12.25 11.28
CA GLY D 41 29.84 -10.98 10.65
C GLY D 41 29.62 -9.86 11.64
N GLY D 42 29.56 -10.21 12.92
CA GLY D 42 29.39 -9.23 14.00
C GLY D 42 30.61 -9.12 14.90
N GLU D 43 31.74 -9.66 14.46
CA GLU D 43 33.00 -9.53 15.17
C GLU D 43 33.66 -8.23 14.76
N GLN D 44 34.08 -7.46 15.77
CA GLN D 44 34.72 -6.16 15.53
C GLN D 44 36.15 -6.32 15.04
N LEU D 45 36.41 -5.82 13.84
CA LEU D 45 37.69 -6.05 13.18
C LEU D 45 38.28 -4.78 12.55
N LEU D 46 39.59 -4.80 12.34
CA LEU D 46 40.33 -3.73 11.67
C LEU D 46 40.00 -3.70 10.17
N PRO D 47 39.57 -2.56 9.65
CA PRO D 47 39.17 -2.46 8.23
C PRO D 47 40.28 -2.13 7.23
N ALA D 48 41.41 -1.61 7.71
CA ALA D 48 42.42 -0.97 6.84
C ALA D 48 41.70 -0.03 5.87
N SER D 49 42.05 -0.08 4.59
CA SER D 49 41.49 0.85 3.61
C SER D 49 40.00 0.70 3.29
N ASN D 50 39.37 -0.36 3.80
CA ASN D 50 37.92 -0.52 3.70
C ASN D 50 37.15 0.60 4.43
N MET D 51 37.82 1.22 5.39
CA MET D 51 37.32 2.41 6.08
C MET D 51 36.93 3.53 5.10
N LYS D 52 37.67 3.60 3.99
CA LYS D 52 37.43 4.60 2.95
C LYS D 52 36.03 4.50 2.32
N LEU D 53 35.43 3.33 2.39
CA LEU D 53 34.06 3.11 1.91
C LEU D 53 33.07 3.98 2.68
N PHE D 54 33.25 4.03 4.00
CA PHE D 54 32.39 4.83 4.86
C PHE D 54 32.62 6.31 4.64
N THR D 55 33.88 6.66 4.47
CA THR D 55 34.30 8.04 4.21
C THR D 55 33.69 8.56 2.90
N ALA D 56 33.81 7.75 1.84
CA ALA D 56 33.28 8.10 0.51
C ALA D 56 31.77 8.30 0.52
N ALA D 57 31.05 7.36 1.12
CA ALA D 57 29.60 7.46 1.24
C ALA D 57 29.21 8.75 1.97
N ALA D 58 29.82 8.98 3.13
CA ALA D 58 29.55 10.19 3.91
C ALA D 58 29.84 11.44 3.08
N ALA D 59 30.96 11.44 2.35
CA ALA D 59 31.35 12.56 1.52
C ALA D 59 30.28 12.84 0.47
N LEU D 60 29.76 11.77 -0.13
CA LEU D 60 28.71 11.90 -1.12
C LEU D 60 27.42 12.42 -0.51
N GLU D 61 27.11 11.97 0.71
CA GLU D 61 25.92 12.44 1.44
C GLU D 61 26.03 13.90 1.87
N VAL D 62 27.18 14.27 2.42
CA VAL D 62 27.38 15.59 3.03
C VAL D 62 27.78 16.67 2.02
N LEU D 63 28.61 16.30 1.04
CA LEU D 63 29.12 17.27 0.08
C LEU D 63 28.39 17.20 -1.27
N GLY D 64 27.99 16.00 -1.67
CA GLY D 64 27.33 15.79 -2.95
C GLY D 64 28.32 15.55 -4.07
N ALA D 65 27.88 14.80 -5.08
CA ALA D 65 28.69 14.48 -6.25
C ALA D 65 29.17 15.75 -6.96
N ASP D 66 28.37 16.80 -6.86
CA ASP D 66 28.60 18.06 -7.57
C ASP D 66 29.61 18.97 -6.87
N HIS D 67 30.05 18.58 -5.68
CA HIS D 67 30.89 19.45 -4.84
C HIS D 67 32.27 19.66 -5.44
N SER D 68 32.75 20.90 -5.38
CA SER D 68 34.07 21.28 -5.89
C SER D 68 34.85 22.04 -4.83
N PHE D 69 36.17 21.99 -4.91
CA PHE D 69 37.02 22.67 -3.95
C PHE D 69 37.73 23.85 -4.58
N GLY D 70 37.75 24.97 -3.87
CA GLY D 70 38.35 26.18 -4.37
C GLY D 70 39.72 26.47 -3.78
N THR D 71 40.58 27.08 -4.59
CA THR D 71 41.85 27.64 -4.16
C THR D 71 41.89 29.09 -4.65
N GLU D 72 42.46 29.98 -3.85
CA GLU D 72 42.43 31.41 -4.16
C GLU D 72 43.76 32.09 -3.88
N VAL D 73 43.91 33.27 -4.50
CA VAL D 73 44.99 34.19 -4.18
C VAL D 73 44.32 35.53 -3.88
N ALA D 74 44.74 36.18 -2.81
CA ALA D 74 44.12 37.43 -2.37
C ALA D 74 45.13 38.52 -2.02
N ALA D 75 44.67 39.77 -2.11
CA ALA D 75 45.44 40.94 -1.69
C ALA D 75 44.56 41.89 -0.88
N GLU D 76 45.19 42.80 -0.14
CA GLU D 76 44.48 43.76 0.72
C GLU D 76 43.61 44.72 -0.12
N SER D 77 44.13 45.09 -1.28
CA SER D 77 43.42 45.93 -2.25
C SER D 77 43.88 45.58 -3.66
N ALA D 78 43.11 46.03 -4.65
CA ALA D 78 43.47 45.85 -6.06
C ALA D 78 44.84 46.47 -6.37
N PRO D 79 45.55 45.95 -7.39
CA PRO D 79 46.86 46.51 -7.72
C PRO D 79 46.79 47.92 -8.33
N GLY D 80 47.65 48.81 -7.87
CA GLY D 80 47.70 50.19 -8.35
C GLY D 80 48.24 50.33 -9.75
N ARG D 81 48.44 51.57 -10.20
CA ARG D 81 49.01 51.85 -11.52
C ARG D 81 50.42 51.30 -11.62
N ARG D 82 51.22 51.59 -10.60
CA ARG D 82 52.57 51.05 -10.45
C ARG D 82 52.51 49.54 -10.15
N GLY D 83 51.43 49.12 -9.50
CA GLY D 83 51.13 47.70 -9.32
C GLY D 83 51.73 47.01 -8.11
N GLU D 84 52.08 47.79 -7.09
CA GLU D 84 52.70 47.25 -5.88
C GLU D 84 51.68 46.87 -4.80
N VAL D 85 51.61 45.57 -4.51
CA VAL D 85 50.84 45.04 -3.37
C VAL D 85 51.82 44.64 -2.26
N GLN D 86 51.38 44.78 -1.02
CA GLN D 86 52.25 44.49 0.12
C GLN D 86 52.37 42.98 0.33
N ASP D 87 51.40 42.40 1.04
CA ASP D 87 51.39 40.97 1.29
C ASP D 87 50.47 40.24 0.33
N LEU D 88 50.79 38.97 0.06
CA LEU D 88 49.96 38.14 -0.80
C LEU D 88 49.67 36.80 -0.14
N TYR D 89 48.45 36.31 -0.33
CA TYR D 89 48.00 35.08 0.32
C TYR D 89 47.54 34.03 -0.68
N LEU D 90 48.18 32.87 -0.59
CA LEU D 90 47.69 31.69 -1.31
C LEU D 90 46.78 30.94 -0.36
N VAL D 91 45.49 30.92 -0.68
CA VAL D 91 44.48 30.39 0.23
C VAL D 91 43.90 29.06 -0.28
N GLY D 92 44.14 28.00 0.48
CA GLY D 92 43.67 26.67 0.15
C GLY D 92 42.45 26.30 0.96
N ARG D 93 41.55 25.53 0.35
CA ARG D 93 40.29 25.15 0.99
C ARG D 93 39.90 23.70 0.75
N GLY D 94 40.89 22.80 0.84
CA GLY D 94 40.63 21.36 0.86
C GLY D 94 40.69 20.65 -0.48
N ASP D 95 41.25 21.31 -1.48
CA ASP D 95 41.45 20.68 -2.79
C ASP D 95 42.52 19.60 -2.72
N PRO D 96 42.14 18.34 -2.96
CA PRO D 96 43.10 17.26 -2.95
C PRO D 96 43.71 16.97 -4.33
N THR D 97 43.41 17.81 -5.31
CA THR D 97 43.88 17.61 -6.68
C THR D 97 44.59 18.86 -7.23
N LEU D 98 45.10 19.69 -6.34
CA LEU D 98 45.77 20.92 -6.73
C LEU D 98 47.19 20.66 -7.23
N SER D 99 47.39 20.82 -8.53
CA SER D 99 48.65 20.50 -9.18
C SER D 99 49.57 21.70 -9.32
N ALA D 100 50.82 21.45 -9.69
CA ALA D 100 51.80 22.50 -9.99
C ALA D 100 51.38 23.34 -11.19
N GLU D 101 50.75 22.72 -12.18
CA GLU D 101 50.20 23.44 -13.33
C GLU D 101 49.04 24.33 -12.93
N ASP D 102 48.16 23.80 -12.07
CA ASP D 102 47.06 24.59 -11.50
C ASP D 102 47.58 25.87 -10.85
N LEU D 103 48.73 25.76 -10.16
CA LEU D 103 49.35 26.89 -9.48
C LEU D 103 49.90 27.91 -10.46
N ASP D 104 50.44 27.41 -11.59
CA ASP D 104 50.94 28.25 -12.66
C ASP D 104 49.79 28.98 -13.37
N ALA D 105 48.71 28.23 -13.66
CA ALA D 105 47.50 28.80 -14.24
C ALA D 105 46.92 29.92 -13.37
N MET D 106 47.15 29.82 -12.06
CA MET D 106 46.81 30.86 -11.10
C MET D 106 47.87 31.95 -11.02
N ALA D 107 49.13 31.58 -11.21
CA ALA D 107 50.23 32.55 -11.17
C ALA D 107 50.13 33.52 -12.34
N ALA D 108 49.70 33.02 -13.50
CA ALA D 108 49.47 33.83 -14.69
C ALA D 108 48.42 34.91 -14.41
N GLU D 109 47.31 34.50 -13.79
CA GLU D 109 46.17 35.39 -13.51
C GLU D 109 46.49 36.52 -12.54
N VAL D 110 47.50 36.32 -11.70
CA VAL D 110 47.94 37.35 -10.75
C VAL D 110 48.60 38.53 -11.48
N ALA D 111 49.54 38.21 -12.37
CA ALA D 111 50.16 39.22 -13.22
C ALA D 111 49.16 39.77 -14.23
N ALA D 112 48.36 38.87 -14.81
CA ALA D 112 47.36 39.21 -15.82
C ALA D 112 46.34 40.25 -15.34
N SER D 113 46.00 40.21 -14.06
CA SER D 113 45.08 41.20 -13.47
C SER D 113 45.83 42.41 -12.89
N GLY D 114 47.11 42.53 -13.23
CA GLY D 114 47.85 43.79 -13.05
C GLY D 114 48.93 43.87 -11.99
N VAL D 115 49.37 42.73 -11.47
CA VAL D 115 50.41 42.72 -10.42
C VAL D 115 51.82 42.65 -11.01
N ARG D 116 52.67 43.57 -10.56
CA ARG D 116 54.08 43.59 -10.94
C ARG D 116 54.97 43.01 -9.86
N THR D 117 54.81 43.50 -8.63
CA THR D 117 55.74 43.21 -7.54
C THR D 117 55.01 43.03 -6.20
N VAL D 118 55.32 41.93 -5.51
CA VAL D 118 54.87 41.74 -4.14
C VAL D 118 55.96 42.33 -3.24
N ARG D 119 55.64 43.43 -2.58
CA ARG D 119 56.61 44.19 -1.78
C ARG D 119 56.95 43.52 -0.44
N GLY D 120 55.92 43.10 0.28
CA GLY D 120 56.10 42.39 1.54
C GLY D 120 56.17 40.89 1.32
N ASP D 121 55.74 40.14 2.32
CA ASP D 121 55.88 38.67 2.33
C ASP D 121 54.77 37.95 1.56
N LEU D 122 55.01 36.67 1.27
CA LEU D 122 54.00 35.80 0.67
C LEU D 122 53.62 34.72 1.67
N TYR D 123 52.32 34.52 1.85
CA TYR D 123 51.82 33.58 2.83
C TYR D 123 50.97 32.45 2.24
N ALA D 124 51.21 31.24 2.71
CA ALA D 124 50.38 30.09 2.38
C ALA D 124 49.41 29.86 3.53
N ASP D 125 48.12 29.97 3.23
CA ASP D 125 47.07 29.92 4.24
C ASP D 125 46.25 28.63 4.12
N ASP D 126 46.38 27.78 5.12
CA ASP D 126 45.66 26.51 5.18
C ASP D 126 44.77 26.41 6.42
N THR D 127 44.34 27.57 6.93
CA THR D 127 43.53 27.64 8.15
C THR D 127 42.11 27.10 8.00
N TRP D 128 41.73 26.79 6.76
CA TRP D 128 40.45 26.15 6.46
C TRP D 128 40.33 24.81 7.20
N PHE D 129 41.44 24.10 7.33
CA PHE D 129 41.54 22.97 8.27
C PHE D 129 42.39 23.38 9.47
N ASP D 130 42.28 22.62 10.56
CA ASP D 130 43.16 22.81 11.69
C ASP D 130 44.59 22.40 11.32
N SER D 131 45.53 22.60 12.24
CA SER D 131 46.93 22.36 11.95
C SER D 131 47.40 21.00 12.47
N GLU D 132 46.47 20.12 12.82
CA GLU D 132 46.84 18.76 13.21
C GLU D 132 47.12 17.92 11.96
N ARG D 133 48.39 17.57 11.78
CA ARG D 133 48.86 16.98 10.53
C ARG D 133 48.67 15.47 10.45
N LEU D 134 48.62 14.81 11.60
CA LEU D 134 48.61 13.35 11.68
C LEU D 134 47.65 12.91 12.77
N VAL D 135 47.08 11.71 12.61
CA VAL D 135 46.26 11.11 13.65
C VAL D 135 47.20 10.58 14.74
N ASP D 136 46.82 10.78 16.00
CA ASP D 136 47.68 10.46 17.14
C ASP D 136 48.22 9.03 17.12
N ASP D 137 47.38 8.05 16.83
CA ASP D 137 47.80 6.65 16.90
C ASP D 137 48.45 6.11 15.62
N TRP D 138 48.61 6.96 14.61
CA TRP D 138 49.46 6.63 13.46
C TRP D 138 50.92 6.47 13.91
N TRP D 139 51.61 5.53 13.29
CA TRP D 139 52.99 5.21 13.63
C TRP D 139 53.98 6.17 12.98
N PRO D 140 54.87 6.78 13.78
CA PRO D 140 55.88 7.72 13.26
C PRO D 140 56.85 7.10 12.25
N GLU D 141 57.01 5.78 12.29
CA GLU D 141 57.87 5.09 11.32
C GLU D 141 57.34 5.19 9.90
N ASP D 142 56.04 5.40 9.73
CA ASP D 142 55.41 5.45 8.41
C ASP D 142 55.47 6.82 7.75
N GLU D 143 55.85 7.82 8.54
CA GLU D 143 55.78 9.22 8.14
C GLU D 143 56.51 9.63 6.86
N PRO D 144 57.62 8.94 6.51
CA PRO D 144 58.25 9.36 5.25
C PRO D 144 57.47 8.95 3.99
N TYR D 145 56.56 8.00 4.10
CA TYR D 145 55.90 7.46 2.91
C TYR D 145 54.59 8.13 2.55
N ALA D 146 54.29 8.10 1.25
CA ALA D 146 53.19 8.87 0.66
C ALA D 146 51.85 8.67 1.35
N TYR D 147 51.58 7.44 1.81
CA TYR D 147 50.32 7.12 2.44
C TYR D 147 50.14 7.75 3.83
N SER D 148 51.24 8.23 4.40
CA SER D 148 51.23 8.86 5.73
C SER D 148 51.49 10.37 5.67
N ALA D 149 51.31 10.94 4.48
CA ALA D 149 51.50 12.38 4.25
C ALA D 149 50.70 13.25 5.22
N GLN D 150 51.26 14.40 5.59
CA GLN D 150 50.66 15.31 6.54
C GLN D 150 49.43 15.96 5.92
N ILE D 151 48.39 16.13 6.72
CA ILE D 151 47.11 16.65 6.24
C ILE D 151 47.05 18.17 6.33
N SER D 152 46.77 18.83 5.20
CA SER D 152 46.63 20.28 5.17
C SER D 152 45.56 20.69 4.16
N ALA D 153 44.87 21.80 4.45
CA ALA D 153 43.88 22.35 3.51
C ALA D 153 44.55 22.89 2.24
N LEU D 154 45.81 23.33 2.36
CA LEU D 154 46.57 23.73 1.20
C LEU D 154 47.70 22.75 0.95
N THR D 155 47.54 21.94 -0.09
CA THR D 155 48.51 20.90 -0.41
C THR D 155 48.63 20.70 -1.93
N VAL D 156 49.84 20.42 -2.39
CA VAL D 156 50.08 20.17 -3.81
C VAL D 156 50.03 18.67 -4.08
N ALA D 157 49.15 18.30 -5.01
CA ALA D 157 49.02 16.91 -5.42
C ALA D 157 49.99 16.63 -6.55
N HIS D 158 50.51 15.40 -6.60
CA HIS D 158 51.50 15.02 -7.60
C HIS D 158 50.95 14.02 -8.61
N GLY D 159 51.22 14.29 -9.89
CA GLY D 159 50.86 13.41 -10.98
C GLY D 159 49.36 13.31 -11.19
N GLU D 160 48.95 12.30 -11.94
CA GLU D 160 47.55 12.10 -12.28
C GLU D 160 46.79 11.28 -11.22
N ARG D 161 47.55 10.61 -10.35
CA ARG D 161 46.95 9.92 -9.19
C ARG D 161 46.70 10.86 -8.03
N PHE D 162 47.32 12.05 -8.11
CA PHE D 162 47.09 13.16 -7.18
C PHE D 162 47.52 12.86 -5.74
N ASP D 163 48.71 12.24 -5.61
CA ASP D 163 49.31 12.01 -4.30
C ASP D 163 49.71 13.35 -3.70
N THR D 164 49.12 13.67 -2.54
CA THR D 164 49.31 14.98 -1.90
C THR D 164 50.43 15.01 -0.87
N GLY D 165 51.02 16.18 -0.67
CA GLY D 165 51.97 16.42 0.40
C GLY D 165 53.28 15.67 0.25
N VAL D 166 53.57 15.21 -0.97
CA VAL D 166 54.80 14.51 -1.26
C VAL D 166 55.64 15.23 -2.30
N THR D 167 56.90 14.81 -2.40
CA THR D 167 57.77 15.20 -3.48
C THR D 167 58.25 13.91 -4.14
N GLU D 168 58.56 13.96 -5.42
CA GLU D 168 59.13 12.80 -6.09
C GLU D 168 60.66 12.89 -6.06
N VAL D 169 61.28 11.95 -5.36
CA VAL D 169 62.72 11.88 -5.25
C VAL D 169 63.22 10.96 -6.34
N SER D 170 64.12 11.49 -7.17
CA SER D 170 64.78 10.70 -8.20
C SER D 170 66.27 10.51 -7.89
N VAL D 171 66.71 9.26 -7.94
CA VAL D 171 68.10 8.91 -7.68
C VAL D 171 68.70 8.31 -8.95
N THR D 172 69.75 8.92 -9.43
CA THR D 172 70.43 8.51 -10.64
C THR D 172 71.83 8.09 -10.29
N PRO D 173 72.29 6.97 -10.83
CA PRO D 173 73.66 6.58 -10.57
C PRO D 173 74.64 7.30 -11.49
N ALA D 174 75.80 7.58 -10.94
CA ALA D 174 76.92 8.01 -11.74
C ALA D 174 77.67 6.70 -11.93
N ALA D 175 78.98 6.76 -11.91
CA ALA D 175 79.75 5.54 -12.10
C ALA D 175 80.33 4.92 -10.87
N GLU D 176 80.70 3.66 -11.02
CA GLU D 176 81.23 2.88 -9.92
C GLU D 176 82.15 3.72 -9.07
N GLY D 177 81.94 3.64 -7.76
CA GLY D 177 82.74 4.38 -6.78
C GLY D 177 82.23 5.78 -6.49
N GLU D 178 81.67 6.43 -7.51
CA GLU D 178 81.24 7.82 -7.41
C GLU D 178 79.92 7.95 -6.64
N PRO D 179 79.71 9.09 -5.96
CA PRO D 179 78.42 9.39 -5.34
C PRO D 179 77.29 9.50 -6.37
N ALA D 180 76.09 9.09 -5.99
CA ALA D 180 74.92 9.14 -6.88
C ALA D 180 74.27 10.52 -6.89
N ASP D 181 73.60 10.85 -7.98
CA ASP D 181 72.87 12.11 -8.08
C ASP D 181 71.45 11.96 -7.54
N VAL D 182 71.03 12.96 -6.77
CA VAL D 182 69.70 12.94 -6.17
C VAL D 182 68.99 14.28 -6.39
N ASP D 183 67.88 14.22 -7.12
CA ASP D 183 66.98 15.36 -7.27
C ASP D 183 65.76 15.16 -6.38
N LEU D 184 65.36 16.23 -5.70
CA LEU D 184 64.24 16.18 -4.75
C LEU D 184 62.90 16.57 -5.37
N GLY D 185 62.89 16.77 -6.69
CA GLY D 185 61.66 17.12 -7.40
C GLY D 185 61.17 18.51 -7.04
N ALA D 186 59.88 18.62 -6.78
CA ALA D 186 59.26 19.91 -6.43
C ALA D 186 59.78 20.50 -5.11
N ALA D 187 60.26 19.65 -4.21
CA ALA D 187 60.75 20.10 -2.91
C ALA D 187 62.19 20.63 -2.95
N GLU D 188 62.81 20.59 -4.13
CA GLU D 188 64.15 21.17 -4.33
C GLU D 188 64.10 22.64 -3.96
N GLY D 189 64.95 23.04 -3.02
CA GLY D 189 64.96 24.41 -2.53
C GLY D 189 63.98 24.68 -1.39
N TYR D 190 63.29 23.64 -0.94
CA TYR D 190 62.42 23.71 0.23
C TYR D 190 62.85 22.70 1.30
N ALA D 191 62.99 21.44 0.89
CA ALA D 191 63.51 20.39 1.74
C ALA D 191 65.02 20.28 1.59
N GLU D 192 65.68 19.92 2.69
CA GLU D 192 67.13 19.73 2.71
C GLU D 192 67.50 18.31 2.26
N LEU D 193 68.68 18.16 1.69
CA LEU D 193 69.12 16.88 1.17
C LEU D 193 70.37 16.37 1.88
N ASP D 194 70.33 15.12 2.32
CA ASP D 194 71.49 14.48 2.91
C ASP D 194 71.85 13.27 2.07
N ASN D 195 72.63 13.51 1.02
CA ASN D 195 72.95 12.47 0.04
C ASN D 195 74.25 11.76 0.35
N ARG D 196 74.13 10.54 0.86
CA ARG D 196 75.28 9.72 1.22
C ARG D 196 75.34 8.46 0.34
N ALA D 197 74.56 8.48 -0.73
CA ALA D 197 74.45 7.33 -1.61
C ALA D 197 75.62 7.27 -2.58
N VAL D 198 76.06 6.04 -2.85
CA VAL D 198 77.13 5.79 -3.81
C VAL D 198 76.58 5.02 -5.01
N THR D 199 77.29 5.08 -6.13
CA THR D 199 77.07 4.15 -7.22
C THR D 199 77.92 2.92 -6.96
N GLY D 200 77.32 1.75 -7.13
CA GLY D 200 78.05 0.50 -7.00
C GLY D 200 78.47 -0.01 -8.36
N ALA D 201 79.30 -1.04 -8.37
CA ALA D 201 79.75 -1.68 -9.60
C ALA D 201 78.55 -2.20 -10.38
N ALA D 202 78.64 -2.18 -11.71
CA ALA D 202 77.55 -2.67 -12.54
C ALA D 202 77.16 -4.08 -12.10
N GLY D 203 75.88 -4.27 -11.84
CA GLY D 203 75.37 -5.57 -11.43
C GLY D 203 75.60 -5.92 -9.96
N SER D 204 76.06 -4.95 -9.18
CA SER D 204 76.16 -5.13 -7.72
C SER D 204 74.76 -5.09 -7.09
N ALA D 205 74.68 -5.46 -5.81
CA ALA D 205 73.40 -5.50 -5.08
C ALA D 205 72.90 -4.10 -4.74
N ASN D 206 71.64 -3.83 -5.08
CA ASN D 206 70.96 -2.58 -4.76
C ASN D 206 70.62 -2.55 -3.28
N THR D 207 71.13 -1.53 -2.58
CA THR D 207 70.92 -1.35 -1.14
C THR D 207 70.48 0.08 -0.84
N LEU D 208 69.85 0.71 -1.82
CA LEU D 208 69.42 2.09 -1.70
C LEU D 208 68.25 2.26 -0.75
N VAL D 209 68.31 3.30 0.07
CA VAL D 209 67.27 3.62 1.04
C VAL D 209 67.03 5.13 1.02
N ILE D 210 65.76 5.51 0.86
CA ILE D 210 65.36 6.91 0.89
C ILE D 210 64.46 7.17 2.11
N ASP D 211 64.93 8.01 3.02
CA ASP D 211 64.27 8.22 4.30
C ASP D 211 64.04 9.71 4.55
N ARG D 212 63.12 10.03 5.44
CA ARG D 212 63.00 11.35 6.06
C ARG D 212 62.89 11.12 7.56
N PRO D 213 63.98 11.39 8.31
CA PRO D 213 63.98 11.17 9.76
C PRO D 213 62.88 11.97 10.47
N VAL D 214 62.20 11.36 11.43
CA VAL D 214 61.10 12.01 12.16
C VAL D 214 61.34 13.46 12.56
N GLY D 215 60.31 14.29 12.37
CA GLY D 215 60.35 15.69 12.76
C GLY D 215 61.39 16.54 12.04
N THR D 216 61.92 16.04 10.93
CA THR D 216 62.84 16.82 10.10
C THR D 216 62.24 17.02 8.71
N ASN D 217 62.69 18.05 8.03
CA ASN D 217 62.35 18.27 6.62
C ASN D 217 63.60 18.03 5.76
N THR D 218 64.25 16.90 6.02
CA THR D 218 65.46 16.48 5.31
C THR D 218 65.24 15.10 4.67
N ILE D 219 65.53 15.01 3.37
CA ILE D 219 65.54 13.72 2.67
C ILE D 219 66.95 13.12 2.77
N ALA D 220 67.05 11.98 3.47
CA ALA D 220 68.35 11.33 3.68
C ALA D 220 68.45 10.04 2.88
N VAL D 221 69.42 10.01 1.96
CA VAL D 221 69.67 8.87 1.11
C VAL D 221 70.97 8.15 1.53
N THR D 222 70.88 6.83 1.68
CA THR D 222 72.04 6.00 2.02
C THR D 222 72.09 4.77 1.11
N GLY D 223 73.16 4.00 1.20
CA GLY D 223 73.25 2.74 0.48
C GLY D 223 73.80 2.85 -0.93
N SER D 224 73.72 1.76 -1.68
CA SER D 224 74.38 1.66 -2.98
C SER D 224 73.40 1.34 -4.11
N LEU D 225 73.61 2.00 -5.24
CA LEU D 225 72.82 1.77 -6.44
C LEU D 225 73.77 1.30 -7.54
N PRO D 226 73.39 0.24 -8.28
CA PRO D 226 74.25 -0.27 -9.34
C PRO D 226 74.40 0.71 -10.50
N ALA D 227 75.59 0.72 -11.11
CA ALA D 227 75.90 1.61 -12.22
C ALA D 227 74.98 1.40 -13.42
N ASP D 228 74.54 0.16 -13.61
CA ASP D 228 73.69 -0.20 -14.75
C ASP D 228 72.19 -0.04 -14.48
N ALA D 229 71.83 0.27 -13.25
CA ALA D 229 70.43 0.36 -12.85
C ALA D 229 69.74 1.59 -13.41
N ALA D 230 68.48 1.42 -13.84
CA ALA D 230 67.63 2.52 -14.27
C ALA D 230 67.30 3.40 -13.05
N PRO D 231 67.17 4.72 -13.26
CA PRO D 231 66.90 5.66 -12.17
C PRO D 231 65.79 5.21 -11.24
N VAL D 232 66.00 5.38 -9.93
CA VAL D 232 65.02 5.00 -8.91
C VAL D 232 64.20 6.21 -8.45
N THR D 233 62.93 6.26 -8.87
CA THR D 233 62.00 7.29 -8.41
C THR D 233 61.19 6.78 -7.21
N ALA D 234 60.91 7.69 -6.27
CA ALA D 234 60.17 7.35 -5.07
C ALA D 234 59.49 8.58 -4.50
N LEU D 235 58.27 8.40 -4.01
CA LEU D 235 57.54 9.49 -3.38
C LEU D 235 57.82 9.55 -1.89
N ARG D 236 58.21 10.72 -1.42
CA ARG D 236 58.46 10.96 0.00
C ARG D 236 57.74 12.20 0.48
N THR D 237 57.22 12.13 1.70
CA THR D 237 56.52 13.24 2.32
C THR D 237 57.49 14.36 2.65
N VAL D 238 56.97 15.58 2.72
CA VAL D 238 57.71 16.71 3.25
C VAL D 238 56.98 17.22 4.49
N ASP D 239 57.69 17.98 5.33
CA ASP D 239 57.08 18.67 6.45
C ASP D 239 56.31 19.88 5.91
N GLU D 240 55.08 20.08 6.41
CA GLU D 240 54.20 21.20 6.05
C GLU D 240 53.90 21.33 4.55
N PRO D 241 52.93 20.55 4.04
CA PRO D 241 52.55 20.62 2.63
C PRO D 241 52.21 22.05 2.17
N ALA D 242 51.67 22.87 3.06
CA ALA D 242 51.31 24.24 2.73
C ALA D 242 52.52 25.14 2.47
N ALA D 243 53.56 25.00 3.28
CA ALA D 243 54.78 25.80 3.11
C ALA D 243 55.47 25.44 1.80
N LEU D 244 55.45 24.16 1.45
CA LEU D 244 55.90 23.72 0.14
C LEU D 244 55.05 24.37 -0.95
N ALA D 245 53.73 24.26 -0.82
CA ALA D 245 52.80 24.86 -1.78
C ALA D 245 53.08 26.35 -2.00
N GLY D 246 53.46 27.03 -0.92
CA GLY D 246 53.88 28.42 -1.00
C GLY D 246 55.17 28.57 -1.78
N HIS D 247 56.13 27.69 -1.50
CA HIS D 247 57.42 27.69 -2.18
C HIS D 247 57.27 27.46 -3.68
N LEU D 248 56.36 26.57 -4.08
CA LEU D 248 56.09 26.30 -5.49
C LEU D 248 55.37 27.45 -6.18
N PHE D 249 54.58 28.20 -5.41
CA PHE D 249 53.81 29.31 -5.95
C PHE D 249 54.66 30.56 -6.17
N GLU D 250 55.67 30.76 -5.32
CA GLU D 250 56.61 31.86 -5.48
C GLU D 250 57.39 31.67 -6.76
N GLU D 251 57.86 30.44 -6.96
CA GLU D 251 58.58 30.07 -8.18
C GLU D 251 57.72 30.30 -9.41
N ALA D 252 56.46 29.88 -9.34
CA ALA D 252 55.51 30.03 -10.45
C ALA D 252 55.18 31.50 -10.73
N LEU D 253 55.11 32.31 -9.67
CA LEU D 253 54.93 33.75 -9.79
C LEU D 253 56.15 34.41 -10.45
N GLU D 254 57.34 34.04 -9.98
CA GLU D 254 58.59 34.51 -10.56
C GLU D 254 58.68 34.10 -12.03
N SER D 255 58.21 32.89 -12.31
CA SER D 255 58.16 32.36 -13.67
C SER D 255 57.16 33.10 -14.56
N ASN D 256 56.28 33.89 -13.94
CA ASN D 256 55.34 34.75 -14.66
C ASN D 256 55.65 36.25 -14.48
N GLY D 257 56.91 36.56 -14.17
CA GLY D 257 57.37 37.94 -14.08
C GLY D 257 57.15 38.64 -12.74
N VAL D 258 56.32 38.04 -11.89
CA VAL D 258 55.99 38.62 -10.60
C VAL D 258 57.11 38.40 -9.59
N THR D 259 57.80 39.48 -9.20
CA THR D 259 58.89 39.41 -8.24
C THR D 259 58.34 39.36 -6.82
N VAL D 260 59.05 38.66 -5.93
CA VAL D 260 58.68 38.59 -4.52
C VAL D 260 59.84 39.07 -3.64
N LYS D 261 59.66 40.24 -3.01
CA LYS D 261 60.74 40.85 -2.22
C LYS D 261 60.86 40.22 -0.83
N GLY D 262 59.72 39.89 -0.23
CA GLY D 262 59.68 39.33 1.12
C GLY D 262 59.83 37.82 1.17
N ASP D 263 59.62 37.26 2.35
CA ASP D 263 59.75 35.82 2.59
C ASP D 263 58.51 35.04 2.15
N VAL D 264 58.65 33.72 2.13
CA VAL D 264 57.50 32.81 2.03
C VAL D 264 57.32 32.10 3.37
N GLY D 265 56.11 32.17 3.91
CA GLY D 265 55.82 31.54 5.19
C GLY D 265 54.36 31.13 5.34
N LEU D 266 54.04 30.63 6.52
CA LEU D 266 52.67 30.24 6.84
C LEU D 266 51.97 31.39 7.56
N GLY D 267 50.71 31.62 7.21
CA GLY D 267 49.92 32.65 7.86
C GLY D 267 48.51 32.74 7.31
N GLY D 268 47.56 33.01 8.20
CA GLY D 268 46.17 33.18 7.82
C GLY D 268 45.90 34.60 7.38
N VAL D 269 44.97 34.75 6.43
CA VAL D 269 44.49 36.06 6.02
C VAL D 269 44.03 36.82 7.26
N PRO D 270 44.61 38.02 7.52
CA PRO D 270 44.33 38.76 8.74
C PRO D 270 42.86 39.13 8.86
N ALA D 271 42.33 39.07 10.07
CA ALA D 271 40.92 39.35 10.34
C ALA D 271 40.54 40.78 9.96
N ASP D 272 41.50 41.69 10.07
CA ASP D 272 41.26 43.12 9.83
C ASP D 272 41.35 43.57 8.35
N TRP D 273 40.92 42.70 7.44
CA TRP D 273 40.85 43.04 6.01
C TRP D 273 39.40 43.21 5.58
N GLN D 274 38.89 44.43 5.78
CA GLN D 274 37.48 44.78 5.53
C GLN D 274 37.06 44.49 4.09
N ASP D 275 37.80 45.05 3.14
CA ASP D 275 37.53 44.84 1.71
C ASP D 275 38.52 43.83 1.13
N ALA D 276 38.00 42.67 0.73
CA ALA D 276 38.83 41.58 0.22
C ALA D 276 38.90 41.62 -1.31
N GLU D 277 40.13 41.66 -1.83
CA GLU D 277 40.35 41.67 -3.28
C GLU D 277 41.01 40.39 -3.76
N VAL D 278 40.20 39.51 -4.37
CA VAL D 278 40.67 38.24 -4.90
C VAL D 278 41.31 38.48 -6.27
N LEU D 279 42.57 38.09 -6.41
CA LEU D 279 43.31 38.31 -7.65
C LEU D 279 43.24 37.12 -8.60
N ALA D 280 43.32 35.91 -8.05
CA ALA D 280 43.28 34.69 -8.86
C ALA D 280 42.54 33.60 -8.12
N ASP D 281 42.04 32.62 -8.88
CA ASP D 281 41.33 31.49 -8.30
C ASP D 281 41.49 30.21 -9.12
N HIS D 282 41.12 29.09 -8.49
CA HIS D 282 41.02 27.80 -9.14
C HIS D 282 39.90 27.02 -8.50
N THR D 283 39.15 26.31 -9.33
CA THR D 283 38.10 25.42 -8.88
C THR D 283 38.45 24.02 -9.36
N SER D 284 38.65 23.11 -8.42
CA SER D 284 38.94 21.71 -8.74
C SER D 284 37.82 21.05 -9.52
N ALA D 285 38.06 19.82 -9.97
CA ALA D 285 37.03 19.01 -10.58
C ALA D 285 36.03 18.57 -9.50
N GLU D 286 34.83 18.22 -9.91
CA GLU D 286 33.78 17.81 -8.97
C GLU D 286 34.11 16.50 -8.25
N LEU D 287 33.49 16.30 -7.09
CA LEU D 287 33.78 15.16 -6.20
C LEU D 287 33.59 13.80 -6.85
N SER D 288 32.61 13.70 -7.75
CA SER D 288 32.32 12.45 -8.45
C SER D 288 33.53 12.03 -9.28
N GLU D 289 34.21 13.03 -9.85
CA GLU D 289 35.42 12.82 -10.61
C GLU D 289 36.59 12.51 -9.68
N ILE D 290 36.71 13.27 -8.60
CA ILE D 290 37.80 13.10 -7.63
C ILE D 290 37.76 11.72 -6.95
N LEU D 291 36.56 11.19 -6.74
CA LEU D 291 36.38 9.88 -6.13
C LEU D 291 37.17 8.76 -6.80
N VAL D 292 37.34 8.85 -8.12
CA VAL D 292 38.03 7.82 -8.90
C VAL D 292 39.50 7.60 -8.47
N PRO D 293 40.39 8.61 -8.66
CA PRO D 293 41.78 8.38 -8.23
C PRO D 293 41.90 8.10 -6.73
N PHE D 294 40.94 8.61 -5.95
CA PHE D 294 40.83 8.36 -4.51
C PHE D 294 40.59 6.88 -4.19
N MET D 295 39.48 6.31 -4.66
CA MET D 295 39.10 4.94 -4.29
C MET D 295 39.85 3.86 -5.07
N LYS D 296 40.17 4.15 -6.34
CA LYS D 296 40.90 3.21 -7.18
C LYS D 296 42.24 2.81 -6.58
N PHE D 297 43.00 3.82 -6.13
CA PHE D 297 44.35 3.60 -5.63
C PHE D 297 44.47 3.72 -4.11
N SER D 298 43.33 3.93 -3.44
CA SER D 298 43.26 3.98 -1.97
C SER D 298 44.10 5.13 -1.37
N ASN D 299 43.79 6.35 -1.78
CA ASN D 299 44.55 7.53 -1.39
C ASN D 299 44.24 8.01 0.05
N ASN D 300 45.14 7.71 0.98
CA ASN D 300 44.96 8.05 2.40
C ASN D 300 44.76 9.54 2.68
N GLY D 301 45.60 10.39 2.08
CA GLY D 301 45.47 11.83 2.20
C GLY D 301 44.11 12.32 1.75
N HIS D 302 43.65 11.81 0.60
CA HIS D 302 42.31 12.12 0.08
C HIS D 302 41.23 11.85 1.11
N ALA D 303 41.27 10.65 1.71
CA ALA D 303 40.25 10.26 2.69
C ALA D 303 40.17 11.23 3.85
N GLU D 304 41.33 11.62 4.39
CA GLU D 304 41.39 12.50 5.56
C GLU D 304 40.96 13.93 5.25
N MET D 305 41.35 14.45 4.10
CA MET D 305 40.94 15.79 3.67
C MET D 305 39.43 15.85 3.53
N LEU D 306 38.83 14.79 3.02
CA LEU D 306 37.37 14.70 2.93
C LEU D 306 36.71 14.74 4.30
N VAL D 307 37.30 14.05 5.27
CA VAL D 307 36.80 14.05 6.65
C VAL D 307 36.79 15.48 7.18
N LYS D 308 37.93 16.16 7.11
CA LYS D 308 38.01 17.54 7.58
C LYS D 308 37.08 18.48 6.81
N SER D 309 36.82 18.15 5.55
CA SER D 309 35.85 18.89 4.73
C SER D 309 34.44 18.68 5.24
N ILE D 310 34.06 17.43 5.48
CA ILE D 310 32.79 17.10 6.11
C ILE D 310 32.62 17.87 7.43
N GLY D 311 33.70 17.93 8.22
CA GLY D 311 33.74 18.73 9.43
C GLY D 311 33.42 20.19 9.20
N GLN D 312 34.05 20.79 8.19
CA GLN D 312 33.77 22.19 7.84
C GLN D 312 32.30 22.37 7.44
N GLU D 313 31.80 21.45 6.63
CA GLU D 313 30.44 21.55 6.11
C GLU D 313 29.37 21.43 7.20
N THR D 314 29.55 20.51 8.14
CA THR D 314 28.50 20.21 9.12
C THR D 314 28.66 20.94 10.44
N ALA D 315 29.88 21.40 10.72
CA ALA D 315 30.20 21.96 12.02
C ALA D 315 31.16 23.15 11.94
N GLY D 316 31.56 23.52 10.72
CA GLY D 316 32.38 24.71 10.50
C GLY D 316 33.77 24.62 11.09
N ALA D 317 34.34 23.42 11.09
CA ALA D 317 35.69 23.20 11.60
C ALA D 317 36.36 22.06 10.84
N GLY D 318 37.48 22.36 10.19
CA GLY D 318 38.27 21.34 9.51
C GLY D 318 39.06 20.52 10.51
N THR D 319 38.39 19.61 11.22
CA THR D 319 39.03 18.77 12.23
C THR D 319 38.57 17.32 12.10
N TRP D 320 39.31 16.41 12.73
CA TRP D 320 38.93 14.99 12.76
C TRP D 320 37.76 14.70 13.69
N ASP D 321 37.68 15.42 14.82
CA ASP D 321 36.56 15.29 15.74
C ASP D 321 35.24 15.68 15.09
N ALA D 322 35.21 16.83 14.44
CA ALA D 322 34.01 17.25 13.71
C ALA D 322 33.70 16.30 12.55
N GLY D 323 34.71 16.05 11.72
CA GLY D 323 34.56 15.21 10.54
C GLY D 323 34.01 13.82 10.83
N LEU D 324 34.59 13.15 11.80
CA LEU D 324 34.21 11.77 12.12
C LEU D 324 32.81 11.66 12.70
N VAL D 325 32.40 12.67 13.48
CA VAL D 325 31.02 12.76 13.95
C VAL D 325 30.04 12.91 12.76
N GLY D 326 30.37 13.82 11.84
CA GLY D 326 29.60 14.00 10.61
C GLY D 326 29.51 12.76 9.75
N VAL D 327 30.58 11.98 9.73
CA VAL D 327 30.60 10.71 8.98
C VAL D 327 29.59 9.74 9.59
N GLU D 328 29.67 9.54 10.90
CA GLU D 328 28.74 8.67 11.62
C GLU D 328 27.29 9.12 11.41
N GLU D 329 27.06 10.43 11.44
CA GLU D 329 25.72 10.96 11.24
C GLU D 329 25.23 10.78 9.81
N ALA D 330 26.11 11.04 8.83
CA ALA D 330 25.76 10.85 7.42
C ALA D 330 25.36 9.40 7.16
N LEU D 331 26.07 8.48 7.82
CA LEU D 331 25.87 7.04 7.66
C LEU D 331 24.56 6.56 8.26
N SER D 332 24.24 7.05 9.45
CA SER D 332 22.97 6.76 10.11
C SER D 332 21.80 7.29 9.30
N GLY D 333 21.98 8.47 8.70
CA GLY D 333 20.97 9.08 7.85
C GLY D 333 20.73 8.30 6.57
N LEU D 334 21.76 7.57 6.14
CA LEU D 334 21.69 6.73 4.95
C LEU D 334 21.07 5.36 5.28
N GLY D 335 20.80 5.13 6.55
CA GLY D 335 20.13 3.91 6.99
C GLY D 335 21.05 2.83 7.52
N VAL D 336 22.35 3.14 7.62
CA VAL D 336 23.31 2.18 8.13
C VAL D 336 23.32 2.15 9.65
N ASP D 337 23.25 0.95 10.21
CA ASP D 337 23.42 0.70 11.64
C ASP D 337 24.91 0.81 12.00
N THR D 338 25.23 1.74 12.88
CA THR D 338 26.63 2.10 13.15
C THR D 338 27.10 1.65 14.52
N ALA D 339 26.35 0.73 15.14
CA ALA D 339 26.67 0.20 16.47
C ALA D 339 28.03 -0.47 16.57
N GLY D 340 28.46 -1.11 15.49
CA GLY D 340 29.74 -1.83 15.47
C GLY D 340 30.95 -0.97 15.12
N LEU D 341 30.70 0.18 14.50
CA LEU D 341 31.74 1.08 14.02
C LEU D 341 32.51 1.78 15.13
N VAL D 342 33.83 1.84 14.94
CA VAL D 342 34.66 2.77 15.71
C VAL D 342 35.51 3.59 14.72
N LEU D 343 35.23 4.88 14.64
CA LEU D 343 35.90 5.76 13.68
C LEU D 343 37.06 6.54 14.28
N ASN D 344 38.26 6.32 13.76
CA ASN D 344 39.42 7.06 14.24
C ASN D 344 40.04 7.95 13.19
N ASP D 345 39.98 7.51 11.93
CA ASP D 345 40.32 8.37 10.81
C ASP D 345 39.42 8.00 9.63
N GLY D 346 39.66 8.61 8.47
CA GLY D 346 38.89 8.30 7.27
C GLY D 346 39.55 7.30 6.34
N SER D 347 40.88 7.23 6.40
CA SER D 347 41.65 6.40 5.48
C SER D 347 41.67 4.94 5.86
N GLY D 348 41.59 4.66 7.16
CA GLY D 348 41.73 3.30 7.66
C GLY D 348 43.17 2.96 8.03
N LEU D 349 44.06 3.93 7.91
CA LEU D 349 45.44 3.76 8.35
C LEU D 349 45.51 3.51 9.87
N SER D 350 44.63 4.13 10.64
CA SER D 350 44.66 4.02 12.09
C SER D 350 44.18 2.67 12.59
N ARG D 351 44.97 2.11 13.52
CA ARG D 351 44.66 0.85 14.16
C ARG D 351 43.58 0.97 15.24
N GLY D 352 43.08 2.18 15.45
CA GLY D 352 41.94 2.41 16.31
C GLY D 352 40.59 2.34 15.59
N ASN D 353 40.61 2.00 14.30
CA ASN D 353 39.36 1.82 13.55
C ASN D 353 38.80 0.42 13.81
N LEU D 354 37.47 0.31 13.85
CA LEU D 354 36.76 -0.98 13.91
C LEU D 354 35.52 -1.00 13.04
N VAL D 355 35.35 -2.10 12.29
CA VAL D 355 34.12 -2.36 11.55
C VAL D 355 33.65 -3.79 11.81
N THR D 356 32.53 -4.17 11.21
CA THR D 356 32.11 -5.57 11.14
C THR D 356 31.78 -5.86 9.69
N ALA D 357 31.79 -7.13 9.31
CA ALA D 357 31.46 -7.51 7.95
C ALA D 357 29.98 -7.25 7.62
N ASP D 358 29.12 -7.35 8.65
CA ASP D 358 27.70 -6.97 8.52
C ASP D 358 27.56 -5.49 8.16
N THR D 359 28.34 -4.65 8.86
CA THR D 359 28.28 -3.19 8.68
C THR D 359 28.71 -2.76 7.28
N VAL D 360 29.76 -3.39 6.74
CA VAL D 360 30.24 -3.08 5.40
C VAL D 360 29.18 -3.44 4.35
N VAL D 361 28.63 -4.65 4.48
CA VAL D 361 27.56 -5.12 3.60
C VAL D 361 26.31 -4.23 3.71
N ASP D 362 25.94 -3.88 4.95
CA ASP D 362 24.88 -2.91 5.19
C ASP D 362 25.11 -1.63 4.38
N LEU D 363 26.33 -1.08 4.47
CA LEU D 363 26.70 0.11 3.72
C LEU D 363 26.55 -0.13 2.22
N LEU D 364 27.07 -1.26 1.75
CA LEU D 364 27.02 -1.60 0.32
C LEU D 364 25.60 -1.62 -0.20
N GLY D 365 24.71 -2.29 0.54
CA GLY D 365 23.29 -2.36 0.22
C GLY D 365 22.66 -0.97 0.14
N GLN D 366 22.80 -0.21 1.22
CA GLN D 366 22.26 1.15 1.27
C GLN D 366 22.84 2.09 0.22
N ALA D 367 24.15 1.99 -0.03
CA ALA D 367 24.83 2.81 -1.03
C ALA D 367 24.36 2.49 -2.45
N GLY D 368 23.98 1.23 -2.68
CA GLY D 368 23.47 0.78 -3.98
C GLY D 368 22.17 1.43 -4.41
N SER D 369 21.38 1.89 -3.45
CA SER D 369 20.09 2.52 -3.73
C SER D 369 20.11 4.05 -3.63
N ALA D 370 21.30 4.61 -3.46
CA ALA D 370 21.48 6.06 -3.32
C ALA D 370 21.31 6.80 -4.66
N PRO D 371 21.00 8.11 -4.61
CA PRO D 371 20.96 8.94 -5.81
C PRO D 371 22.33 9.05 -6.49
N TRP D 372 23.38 8.82 -5.71
CA TRP D 372 24.75 8.86 -6.20
C TRP D 372 25.37 7.47 -6.43
N ALA D 373 24.52 6.43 -6.37
CA ALA D 373 24.97 5.03 -6.49
C ALA D 373 25.86 4.76 -7.72
N GLN D 374 25.70 5.58 -8.75
CA GLN D 374 26.44 5.41 -10.01
C GLN D 374 27.88 5.88 -9.92
N THR D 375 28.05 7.09 -9.40
CA THR D 375 29.38 7.68 -9.21
C THR D 375 30.16 6.94 -8.12
N TRP D 376 29.43 6.31 -7.21
CA TRP D 376 29.97 5.41 -6.20
C TRP D 376 30.54 4.15 -6.86
N SER D 377 29.83 3.63 -7.85
CA SER D 377 30.27 2.47 -8.63
C SER D 377 31.51 2.80 -9.48
N ALA D 378 31.48 3.99 -10.10
CA ALA D 378 32.53 4.45 -11.03
C ALA D 378 33.90 4.67 -10.39
N SER D 379 33.96 4.55 -9.06
CA SER D 379 35.18 4.80 -8.30
C SER D 379 35.86 3.53 -7.77
N LEU D 380 35.07 2.46 -7.59
CA LEU D 380 35.57 1.19 -7.09
C LEU D 380 36.46 0.46 -8.10
N PRO D 381 37.58 -0.12 -7.62
CA PRO D 381 38.50 -0.90 -8.45
C PRO D 381 37.80 -2.08 -9.13
N VAL D 382 38.09 -2.26 -10.42
CA VAL D 382 37.51 -3.36 -11.20
C VAL D 382 38.57 -4.44 -11.42
N ALA D 383 38.27 -5.64 -10.93
CA ALA D 383 39.19 -6.77 -10.95
C ALA D 383 39.84 -7.05 -12.31
N GLY D 384 41.13 -7.35 -12.30
CA GLY D 384 41.85 -7.83 -13.48
C GLY D 384 42.12 -6.87 -14.62
N GLU D 385 41.49 -5.69 -14.57
CA GLU D 385 41.67 -4.70 -15.62
C GLU D 385 43.07 -4.08 -15.57
N SER D 386 43.72 -4.02 -16.71
CA SER D 386 45.11 -3.57 -16.80
C SER D 386 45.27 -2.05 -16.64
N ASP D 387 44.33 -1.28 -17.18
CA ASP D 387 44.36 0.19 -17.08
C ASP D 387 44.34 0.61 -15.61
N PRO D 388 45.41 1.30 -15.15
CA PRO D 388 45.52 1.73 -13.75
C PRO D 388 44.23 2.34 -13.21
N PHE D 389 43.68 3.32 -13.93
CA PHE D 389 42.48 4.04 -13.52
C PHE D 389 41.18 3.25 -13.64
N VAL D 390 41.28 1.97 -14.01
CA VAL D 390 40.13 1.07 -14.07
C VAL D 390 40.33 -0.10 -13.10
N GLY D 391 41.50 -0.72 -13.17
CA GLY D 391 41.83 -1.83 -12.28
C GLY D 391 42.18 -1.40 -10.87
N GLY D 392 42.91 -0.29 -10.75
CA GLY D 392 43.32 0.24 -9.45
C GLY D 392 44.17 -0.73 -8.66
N THR D 393 43.79 -0.97 -7.40
CA THR D 393 44.48 -1.93 -6.55
C THR D 393 44.12 -3.37 -6.92
N LEU D 394 43.14 -3.52 -7.82
CA LEU D 394 42.75 -4.81 -8.33
C LEU D 394 43.23 -5.01 -9.77
N ALA D 395 44.18 -4.19 -10.20
CA ALA D 395 44.70 -4.26 -11.55
C ALA D 395 45.33 -5.62 -11.86
N ASN D 396 46.19 -6.09 -10.96
CA ASN D 396 46.93 -7.34 -11.17
C ASN D 396 46.39 -8.49 -10.36
N ARG D 397 45.08 -8.54 -10.19
CA ARG D 397 44.43 -9.61 -9.44
C ARG D 397 43.22 -10.20 -10.16
N MET D 398 43.10 -11.52 -10.09
CA MET D 398 41.99 -12.27 -10.71
C MET D 398 41.92 -12.16 -12.23
N ARG D 399 43.07 -11.99 -12.88
CA ARG D 399 43.16 -11.97 -14.34
C ARG D 399 42.93 -13.37 -14.91
N GLY D 400 42.17 -13.44 -15.99
CA GLY D 400 41.88 -14.71 -16.66
C GLY D 400 40.91 -15.60 -15.92
N THR D 401 40.10 -15.02 -15.03
CA THR D 401 39.05 -15.76 -14.33
C THR D 401 37.67 -15.12 -14.56
N ALA D 402 36.64 -15.72 -13.97
CA ALA D 402 35.27 -15.23 -14.09
C ALA D 402 35.10 -13.79 -13.62
N ALA D 403 35.91 -13.40 -12.63
CA ALA D 403 35.82 -12.09 -11.99
C ALA D 403 36.33 -10.93 -12.85
N GLU D 404 37.25 -11.22 -13.78
CA GLU D 404 37.94 -10.18 -14.55
C GLU D 404 36.99 -9.22 -15.29
N GLY D 405 37.03 -7.95 -14.89
CA GLY D 405 36.19 -6.92 -15.50
C GLY D 405 34.76 -6.88 -15.00
N VAL D 406 34.45 -7.75 -14.05
CA VAL D 406 33.09 -7.91 -13.51
C VAL D 406 33.02 -7.41 -12.06
N VAL D 407 33.81 -8.03 -11.18
CA VAL D 407 33.88 -7.66 -9.77
C VAL D 407 34.44 -6.26 -9.56
N GLU D 408 33.69 -5.43 -8.84
CA GLU D 408 34.18 -4.14 -8.38
C GLU D 408 34.20 -4.16 -6.86
N ALA D 409 35.38 -3.91 -6.28
CA ALA D 409 35.60 -4.12 -4.86
C ALA D 409 36.71 -3.25 -4.28
N LYS D 410 36.65 -3.00 -2.97
CA LYS D 410 37.65 -2.20 -2.29
C LYS D 410 38.62 -3.05 -1.49
N THR D 411 39.90 -2.79 -1.69
CA THR D 411 40.97 -3.51 -1.00
C THR D 411 41.25 -2.84 0.34
N GLY D 412 42.06 -3.50 1.15
CA GLY D 412 42.54 -2.91 2.38
C GLY D 412 43.54 -3.84 3.05
N THR D 413 44.81 -3.47 3.03
CA THR D 413 45.82 -4.27 3.73
C THR D 413 46.88 -3.43 4.44
N MET D 414 47.31 -3.95 5.58
CA MET D 414 48.51 -3.53 6.26
C MET D 414 48.94 -4.71 7.13
N SER D 415 50.00 -4.53 7.93
CA SER D 415 50.56 -5.61 8.73
C SER D 415 49.50 -6.36 9.55
N GLY D 416 49.21 -7.59 9.15
CA GLY D 416 48.27 -8.44 9.87
C GLY D 416 46.81 -8.02 9.70
N VAL D 417 46.52 -7.31 8.60
CA VAL D 417 45.17 -6.87 8.28
C VAL D 417 44.99 -6.88 6.77
N SER D 418 43.95 -7.55 6.30
CA SER D 418 43.60 -7.54 4.88
C SER D 418 42.09 -7.59 4.71
N ALA D 419 41.60 -6.99 3.62
CA ALA D 419 40.16 -6.85 3.42
C ALA D 419 39.76 -6.72 1.95
N LEU D 420 38.59 -7.27 1.62
CA LEU D 420 38.01 -7.16 0.28
C LEU D 420 36.49 -7.13 0.37
N SER D 421 35.90 -6.06 -0.15
CA SER D 421 34.47 -5.85 -0.08
C SER D 421 33.99 -5.14 -1.34
N GLY D 422 32.88 -5.60 -1.91
CA GLY D 422 32.32 -4.96 -3.10
C GLY D 422 31.08 -5.62 -3.69
N TYR D 423 30.90 -5.38 -4.99
CA TYR D 423 29.74 -5.86 -5.72
C TYR D 423 30.12 -6.89 -6.77
N VAL D 424 29.20 -7.82 -7.02
CA VAL D 424 29.33 -8.80 -8.11
C VAL D 424 28.12 -8.67 -9.01
N PRO D 425 28.23 -7.87 -10.09
CA PRO D 425 27.07 -7.61 -10.94
C PRO D 425 26.76 -8.77 -11.89
N GLY D 426 25.49 -9.17 -11.94
CA GLY D 426 25.05 -10.23 -12.84
C GLY D 426 23.65 -10.01 -13.37
N PRO D 427 23.17 -10.93 -14.23
CA PRO D 427 21.78 -10.89 -14.70
C PRO D 427 20.76 -11.28 -13.62
N GLU D 428 21.16 -12.15 -12.69
CA GLU D 428 20.25 -12.60 -11.62
C GLU D 428 20.32 -11.73 -10.34
N GLY D 429 20.81 -10.50 -10.49
CA GLY D 429 20.92 -9.53 -9.40
C GLY D 429 22.29 -8.89 -9.29
N GLU D 430 22.47 -8.11 -8.22
CA GLU D 430 23.80 -7.63 -7.84
C GLU D 430 24.12 -8.20 -6.47
N LEU D 431 25.29 -8.82 -6.35
CA LEU D 431 25.74 -9.39 -5.08
C LEU D 431 26.61 -8.40 -4.34
N ALA D 432 26.57 -8.45 -3.01
CA ALA D 432 27.39 -7.58 -2.17
C ALA D 432 28.06 -8.38 -1.05
N PHE D 433 29.39 -8.36 -1.05
CA PHE D 433 30.16 -9.18 -0.12
C PHE D 433 31.14 -8.34 0.71
N SER D 434 31.56 -8.89 1.85
CA SER D 434 32.62 -8.30 2.65
C SER D 434 33.48 -9.37 3.31
N ILE D 435 34.77 -9.37 2.98
CA ILE D 435 35.74 -10.27 3.58
C ILE D 435 36.75 -9.44 4.37
N VAL D 436 36.89 -9.74 5.66
CA VAL D 436 37.83 -9.03 6.53
C VAL D 436 38.66 -10.02 7.33
N ASN D 437 39.97 -9.95 7.18
CA ASN D 437 40.91 -10.81 7.90
C ASN D 437 41.84 -10.05 8.83
N ASN D 438 41.90 -10.49 10.08
CA ASN D 438 42.77 -9.89 11.09
C ASN D 438 43.67 -10.96 11.70
N GLY D 439 44.83 -10.55 12.19
CA GLY D 439 45.69 -11.40 13.03
C GLY D 439 46.51 -12.48 12.35
N HIS D 440 46.40 -12.62 11.04
CA HIS D 440 47.18 -13.60 10.28
C HIS D 440 48.66 -13.26 10.29
N SER D 441 49.48 -14.24 10.70
CA SER D 441 50.92 -14.05 10.87
C SER D 441 51.70 -14.46 9.63
N GLY D 442 51.01 -14.90 8.60
CA GLY D 442 51.68 -15.27 7.38
C GLY D 442 51.72 -14.13 6.39
N PRO D 443 51.79 -14.46 5.11
CA PRO D 443 51.65 -13.48 4.03
C PRO D 443 50.21 -13.06 3.92
N ALA D 444 49.92 -12.03 3.15
CA ALA D 444 48.53 -11.67 3.00
C ALA D 444 47.82 -12.72 2.19
N PRO D 445 46.59 -13.05 2.56
CA PRO D 445 45.78 -13.99 1.79
C PRO D 445 44.95 -13.43 0.67
N LEU D 446 45.56 -12.88 -0.35
CA LEU D 446 44.83 -12.28 -1.44
C LEU D 446 44.26 -13.36 -2.33
N ALA D 447 44.88 -14.53 -2.25
CA ALA D 447 44.42 -15.67 -3.01
C ALA D 447 43.11 -16.12 -2.40
N VAL D 448 43.09 -16.26 -1.08
CA VAL D 448 41.88 -16.66 -0.37
C VAL D 448 40.71 -15.76 -0.73
N GLN D 449 40.94 -14.44 -0.69
CA GLN D 449 39.95 -13.45 -1.09
C GLN D 449 39.61 -13.59 -2.58
N ASP D 450 40.62 -13.73 -3.43
CA ASP D 450 40.44 -13.91 -4.88
C ASP D 450 39.54 -15.10 -5.19
N ALA D 451 39.84 -16.24 -4.57
CA ALA D 451 39.08 -17.48 -4.77
C ALA D 451 37.59 -17.28 -4.50
N ILE D 452 37.29 -16.67 -3.35
CA ILE D 452 35.92 -16.37 -2.95
C ILE D 452 35.28 -15.38 -3.93
N ALA D 453 36.04 -14.39 -4.37
CA ALA D 453 35.56 -13.39 -5.30
C ALA D 453 35.17 -13.99 -6.66
N VAL D 454 36.00 -14.90 -7.18
CA VAL D 454 35.74 -15.56 -8.47
C VAL D 454 34.57 -16.54 -8.37
N ARG D 455 34.52 -17.29 -7.27
CA ARG D 455 33.43 -18.23 -7.02
C ARG D 455 32.07 -17.53 -7.11
N LEU D 456 32.00 -16.30 -6.60
CA LEU D 456 30.79 -15.48 -6.65
C LEU D 456 30.48 -14.98 -8.05
N ALA D 457 31.52 -14.67 -8.82
CA ALA D 457 31.36 -14.24 -10.22
C ALA D 457 30.77 -15.35 -11.11
N GLU D 458 31.17 -16.59 -10.82
CA GLU D 458 30.67 -17.77 -11.52
C GLU D 458 29.19 -18.00 -11.17
N TYR D 459 28.85 -17.75 -9.91
CA TYR D 459 27.48 -17.86 -9.39
C TYR D 459 26.54 -16.87 -10.08
N ALA D 460 27.09 -15.74 -10.51
CA ALA D 460 26.34 -14.73 -11.26
C ALA D 460 26.36 -15.00 -12.78
N GLY D 461 26.73 -16.22 -13.15
CA GLY D 461 26.66 -16.68 -14.53
C GLY D 461 27.87 -16.40 -15.41
N HIS D 462 28.87 -15.73 -14.86
CA HIS D 462 30.06 -15.37 -15.62
C HIS D 462 31.03 -16.55 -15.75
N GLN D 463 31.77 -16.56 -16.86
CA GLN D 463 32.74 -17.62 -17.13
C GLN D 463 34.18 -17.11 -17.20
N ALA D 464 35.12 -17.95 -16.78
CA ALA D 464 36.53 -17.65 -16.93
C ALA D 464 36.89 -17.69 -18.43
N PRO D 465 37.46 -16.59 -18.94
CA PRO D 465 37.81 -16.47 -20.37
C PRO D 465 38.92 -17.43 -20.81
N GLU D 466 39.11 -17.54 -22.12
CA GLU D 466 40.13 -18.42 -22.69
C GLU D 466 40.91 -17.69 -23.78
N GLY D 467 42.23 -17.62 -23.61
#